data_9DCA
#
_entry.id   9DCA
#
_cell.length_a   1.00
_cell.length_b   1.00
_cell.length_c   1.00
_cell.angle_alpha   90.00
_cell.angle_beta   90.00
_cell.angle_gamma   90.00
#
_symmetry.space_group_name_H-M   'P 1'
#
loop_
_entity.id
_entity.type
_entity.pdbx_description
1 polymer 'Anaerobic ribonucleoside-triphosphate reductase'
2 non-polymer "ADENOSINE-5'-TRIPHOSPHATE"
3 non-polymer 'MAGNESIUM ION'
4 non-polymer "THYMIDINE-5'-TRIPHOSPHATE"
5 non-polymer 'ZINC ION'
6 water water
#
_entity_poly.entity_id   1
_entity_poly.type   'polypeptide(L)'
_entity_poly.pdbx_seq_one_letter_code
;MIILEKERVTVNPDIKVIKRDGRMVTFDSSKIYEAILKASETITPITPLIETKLEGIANRVVAEINDRFSHNIKIYEIQS
IVEHELLEANEYAIAQEYINYRTKRDFERSQATDINFTINKLVNKDQAVVHENANKDSDLYNTQRDLTAGIVGKSVGLKM
LPPHVANAHQKGDIHFHDLDYSPYTPMTNCCLIDFKGMLANGFKIGNAEVESPKSIQTATAQISQIIANVASSQYGGCTA
DRIDEFLAPYAELNYKKHLADAKEWVTEEKQEDYARAKTRKDIYDAMQSLEYEINTLFTSNGQTPFTSLGFGLGTNWFER
EIQKAILQVRILGLGSEHRTAIFPKLIFTLKRGLNLEPNSPNYDIKQLALECATKRMYPDVLSYDKIIELTGSFKAPMGC
RSFLQGWKDENGVEVNSGRMNLGVVTLNLPRIALESKGDQDKFWEIFEERMGIAKDALVYRVERVKEATPANAPILYQYG
AFGQRLRKCDSVDQLFKHRRATVSLGYIGLYEVASVFYGSDWETNLEAKTFTLNIVKAMKNACESWSDEYDYHFSVYSTP
SESLTDRFCRLDTEKFGVVTDITDKEYYTNSFHYDVRKNPTPFEKLEFEKDYPEAGATGGFIHYCEYPVLQQNPKALEAV
WDFAYDRVGYLGTNTPIDKCYKCDFEGDFTPTERGFMCPNCGNTDPKTVDVVKRTCGYLGNPQARPMVKGRHKEISARVK
HMNGSTIKYGGKHL
;
_entity_poly.pdbx_strand_id   A,B
#
loop_
_chem_comp.id
_chem_comp.type
_chem_comp.name
_chem_comp.formula
ATP non-polymer ADENOSINE-5'-TRIPHOSPHATE 'C10 H16 N5 O13 P3'
MG non-polymer 'MAGNESIUM ION' 'Mg 2'
TTP non-polymer THYMIDINE-5'-TRIPHOSPHATE 'C10 H17 N2 O14 P3'
ZN non-polymer 'ZINC ION' 'Zn 2'
#
# COMPACT_ATOMS: atom_id res chain seq x y z
N ASP A 14 21.89 41.72 -28.66
CA ASP A 14 22.68 40.98 -27.68
C ASP A 14 22.53 41.48 -26.25
N ILE A 15 21.29 41.68 -25.82
CA ILE A 15 20.99 42.14 -24.46
C ILE A 15 20.42 40.97 -23.69
N LYS A 16 20.97 40.71 -22.51
CA LYS A 16 20.57 39.57 -21.70
C LYS A 16 19.68 40.03 -20.55
N VAL A 17 18.62 39.27 -20.30
CA VAL A 17 17.74 39.50 -19.17
C VAL A 17 17.60 38.21 -18.39
N ILE A 18 17.83 38.26 -17.09
CA ILE A 18 17.53 37.13 -16.24
C ILE A 18 16.04 37.10 -15.98
N LYS A 19 15.43 35.95 -16.24
CA LYS A 19 13.99 35.81 -16.06
C LYS A 19 13.68 35.79 -14.57
N ARG A 20 12.42 35.50 -14.23
CA ARG A 20 12.02 35.49 -12.83
C ARG A 20 12.88 34.55 -12.02
N ASP A 21 13.01 33.30 -12.48
CA ASP A 21 13.67 32.31 -11.63
C ASP A 21 15.14 32.11 -11.97
N GLY A 22 15.45 31.56 -13.14
CA GLY A 22 16.84 31.32 -13.49
C GLY A 22 17.17 31.40 -14.96
N ARG A 23 16.18 31.66 -15.81
CA ARG A 23 16.39 31.57 -17.24
C ARG A 23 17.01 32.86 -17.77
N MET A 24 18.04 32.72 -18.60
CA MET A 24 18.61 33.86 -19.31
C MET A 24 18.08 33.91 -20.74
N VAL A 25 16.78 34.15 -20.85
CA VAL A 25 16.13 34.20 -22.16
C VAL A 25 16.50 35.51 -22.86
N THR A 26 16.57 35.46 -24.18
CA THR A 26 16.87 36.65 -24.97
C THR A 26 15.74 37.67 -24.87
N PHE A 27 16.09 38.94 -25.09
CA PHE A 27 15.07 40.01 -24.91
C PHE A 27 14.35 40.29 -26.23
N ASP A 28 13.07 40.64 -26.16
CA ASP A 28 12.28 40.99 -27.38
C ASP A 28 11.34 42.15 -27.03
N SER A 29 10.82 42.84 -28.06
CA SER A 29 9.90 43.98 -27.82
C SER A 29 8.45 43.55 -28.13
N SER A 30 8.29 42.51 -28.96
CA SER A 30 6.93 42.03 -29.33
C SER A 30 6.19 41.57 -28.07
N LYS A 31 6.79 40.66 -27.30
CA LYS A 31 6.13 40.12 -26.08
C LYS A 31 5.72 41.29 -25.17
N ILE A 32 6.54 42.34 -25.11
CA ILE A 32 6.20 43.52 -24.27
C ILE A 32 4.89 44.13 -24.77
N TYR A 33 4.77 44.31 -26.09
CA TYR A 33 3.48 44.84 -26.63
C TYR A 33 2.40 43.84 -26.29
N GLU A 34 2.62 42.57 -26.65
CA GLU A 34 1.60 41.54 -26.38
C GLU A 34 1.21 41.65 -24.92
N ALA A 35 2.19 41.78 -24.02
CA ALA A 35 1.78 41.80 -22.62
C ALA A 35 0.90 43.01 -22.31
N ILE A 36 1.27 44.18 -22.84
CA ILE A 36 0.46 45.37 -22.62
C ILE A 36 -0.91 45.21 -23.26
N LEU A 37 -0.95 44.68 -24.49
CA LEU A 37 -2.24 44.48 -25.16
C LEU A 37 -3.13 43.56 -24.34
N LYS A 38 -2.57 42.45 -23.84
CA LYS A 38 -3.35 41.53 -23.04
C LYS A 38 -3.83 42.20 -21.76
N ALA A 39 -2.96 42.97 -21.11
CA ALA A 39 -3.37 43.67 -19.89
C ALA A 39 -4.47 44.67 -20.19
N SER A 40 -4.51 45.20 -21.41
CA SER A 40 -5.59 46.10 -21.79
C SER A 40 -6.88 45.36 -22.09
N GLU A 41 -6.78 44.12 -22.59
CA GLU A 41 -7.95 43.43 -23.08
C GLU A 41 -8.97 43.16 -21.98
N THR A 42 -8.51 42.93 -20.75
CA THR A 42 -9.39 42.37 -19.71
C THR A 42 -10.55 43.30 -19.40
N ILE A 43 -10.32 44.60 -19.31
CA ILE A 43 -11.38 45.58 -19.12
C ILE A 43 -11.63 46.39 -20.38
N THR A 44 -10.61 47.07 -20.88
CA THR A 44 -10.78 47.94 -22.03
C THR A 44 -11.05 47.09 -23.27
N PRO A 45 -12.17 47.31 -23.95
CA PRO A 45 -12.41 46.57 -25.20
C PRO A 45 -11.43 46.99 -26.29
N ILE A 46 -11.16 46.05 -27.19
CA ILE A 46 -10.22 46.30 -28.29
C ILE A 46 -10.81 47.32 -29.25
N THR A 47 -10.03 48.35 -29.56
CA THR A 47 -10.38 49.34 -30.56
C THR A 47 -9.10 49.88 -31.17
N PRO A 48 -9.10 50.21 -32.46
CA PRO A 48 -7.84 50.63 -33.10
C PRO A 48 -7.16 51.79 -32.40
N LEU A 49 -7.92 52.77 -31.91
CA LEU A 49 -7.32 53.89 -31.22
C LEU A 49 -6.59 53.44 -29.96
N ILE A 50 -7.23 52.59 -29.16
CA ILE A 50 -6.64 52.18 -27.89
C ILE A 50 -5.42 51.30 -28.11
N GLU A 51 -5.51 50.36 -29.06
CA GLU A 51 -4.36 49.51 -29.33
C GLU A 51 -3.20 50.32 -29.91
N THR A 52 -3.48 51.32 -30.73
CA THR A 52 -2.41 52.19 -31.22
C THR A 52 -1.78 52.98 -30.08
N LYS A 53 -2.61 53.44 -29.13
CA LYS A 53 -2.09 54.09 -27.94
C LYS A 53 -1.16 53.16 -27.17
N LEU A 54 -1.57 51.90 -27.00
CA LEU A 54 -0.75 50.93 -26.29
C LEU A 54 0.54 50.65 -27.04
N GLU A 55 0.48 50.61 -28.37
CA GLU A 55 1.69 50.43 -29.16
C GLU A 55 2.66 51.59 -28.97
N GLY A 56 2.13 52.82 -28.93
CA GLY A 56 2.99 53.97 -28.64
C GLY A 56 3.62 53.87 -27.27
N ILE A 57 2.84 53.43 -26.28
CA ILE A 57 3.37 53.26 -24.92
C ILE A 57 4.47 52.20 -24.91
N ALA A 58 4.26 51.09 -25.62
CA ALA A 58 5.26 50.02 -25.67
C ALA A 58 6.53 50.48 -26.38
N ASN A 59 6.38 51.28 -27.44
CA ASN A 59 7.54 51.85 -28.10
C ASN A 59 8.31 52.75 -27.14
N ARG A 60 7.59 53.56 -26.36
CA ARG A 60 8.23 54.37 -25.34
C ARG A 60 8.96 53.50 -24.32
N VAL A 61 8.36 52.36 -23.95
CA VAL A 61 8.93 51.48 -22.95
C VAL A 61 10.24 50.88 -23.45
N VAL A 62 10.24 50.36 -24.68
CA VAL A 62 11.47 49.79 -25.21
C VAL A 62 12.52 50.88 -25.42
N ALA A 63 12.10 52.09 -25.80
CA ALA A 63 13.03 53.20 -25.90
C ALA A 63 13.69 53.48 -24.56
N GLU A 64 12.89 53.50 -23.49
CA GLU A 64 13.47 53.68 -22.16
C GLU A 64 14.39 52.53 -21.79
N ILE A 65 14.05 51.31 -22.23
CA ILE A 65 14.89 50.15 -21.93
C ILE A 65 16.26 50.31 -22.57
N ASN A 66 16.30 50.74 -23.82
CA ASN A 66 17.60 50.94 -24.46
C ASN A 66 18.29 52.20 -23.96
N ASP A 67 17.53 53.16 -23.41
CA ASP A 67 18.16 54.30 -22.75
C ASP A 67 18.67 53.93 -21.37
N SER A 70 24.71 46.24 -17.11
CA SER A 70 24.58 47.17 -18.22
C SER A 70 23.76 46.57 -19.34
N HIS A 71 24.11 45.33 -19.71
CA HIS A 71 23.39 44.58 -20.72
C HIS A 71 22.76 43.32 -20.14
N ASN A 72 22.72 43.22 -18.81
CA ASN A 72 22.21 42.06 -18.08
C ASN A 72 21.21 42.61 -17.07
N ILE A 73 19.98 42.76 -17.48
CA ILE A 73 18.96 43.39 -16.66
C ILE A 73 18.19 42.32 -15.91
N LYS A 74 17.65 42.69 -14.76
CA LYS A 74 16.83 41.79 -13.97
C LYS A 74 15.41 41.77 -14.55
N ILE A 75 14.48 41.16 -13.84
CA ILE A 75 13.08 41.13 -14.24
C ILE A 75 12.25 42.11 -13.41
N TYR A 76 12.47 42.13 -12.10
CA TYR A 76 11.77 43.06 -11.22
C TYR A 76 11.96 44.49 -11.69
N GLU A 77 13.13 44.80 -12.27
CA GLU A 77 13.35 46.11 -12.87
C GLU A 77 12.39 46.34 -14.04
N ILE A 78 12.18 45.32 -14.87
CA ILE A 78 11.25 45.48 -16.00
C ILE A 78 9.83 45.70 -15.50
N GLN A 79 9.42 44.96 -14.48
CA GLN A 79 8.09 45.19 -13.92
C GLN A 79 7.95 46.60 -13.38
N SER A 80 8.96 47.08 -12.66
CA SER A 80 8.92 48.46 -12.17
C SER A 80 8.84 49.44 -13.34
N ILE A 81 9.60 49.18 -14.41
CA ILE A 81 9.60 50.07 -15.57
C ILE A 81 8.22 50.14 -16.18
N VAL A 82 7.58 49.00 -16.38
CA VAL A 82 6.27 49.01 -17.04
C VAL A 82 5.23 49.66 -16.14
N GLU A 83 5.32 49.46 -14.82
CA GLU A 83 4.38 50.14 -13.93
C GLU A 83 4.54 51.65 -14.03
N HIS A 84 5.79 52.15 -13.92
CA HIS A 84 6.00 53.59 -13.93
C HIS A 84 5.58 54.21 -15.26
N GLU A 85 5.91 53.54 -16.38
CA GLU A 85 5.54 54.11 -17.68
C GLU A 85 4.03 54.07 -17.89
N LEU A 86 3.36 53.00 -17.47
CA LEU A 86 1.92 52.94 -17.62
C LEU A 86 1.24 53.99 -16.76
N LEU A 87 1.79 54.28 -15.59
CA LEU A 87 1.28 55.39 -14.80
C LEU A 87 1.50 56.72 -15.51
N GLU A 88 2.68 56.91 -16.11
CA GLU A 88 2.94 58.13 -16.85
C GLU A 88 2.05 58.27 -18.07
N ALA A 89 1.48 57.16 -18.55
CA ALA A 89 0.54 57.20 -19.67
C ALA A 89 -0.81 57.76 -19.28
N ASN A 90 -0.98 58.19 -18.03
CA ASN A 90 -2.21 58.83 -17.56
C ASN A 90 -3.42 57.92 -17.74
N GLU A 91 -3.22 56.62 -17.52
CA GLU A 91 -4.34 55.67 -17.47
C GLU A 91 -4.13 54.76 -16.28
N TYR A 92 -5.15 54.64 -15.44
CA TYR A 92 -5.05 53.90 -14.18
C TYR A 92 -5.61 52.49 -14.26
N ALA A 93 -6.70 52.29 -15.01
CA ALA A 93 -7.38 51.00 -14.98
C ALA A 93 -6.45 49.87 -15.43
N ILE A 94 -5.81 50.03 -16.59
CA ILE A 94 -5.02 48.93 -17.13
C ILE A 94 -3.82 48.64 -16.25
N ALA A 95 -3.14 49.68 -15.78
CA ALA A 95 -1.94 49.47 -14.97
C ALA A 95 -2.27 48.73 -13.68
N GLN A 96 -3.27 49.21 -12.95
CA GLN A 96 -3.62 48.56 -11.69
C GLN A 96 -4.15 47.16 -11.94
N GLU A 97 -4.85 46.96 -13.05
CA GLU A 97 -5.33 45.62 -13.38
C GLU A 97 -4.16 44.68 -13.68
N TYR A 98 -3.15 45.19 -14.37
CA TYR A 98 -1.94 44.40 -14.63
C TYR A 98 -1.26 44.01 -13.33
N ILE A 99 -1.13 44.97 -12.41
CA ILE A 99 -0.52 44.66 -11.11
C ILE A 99 -1.34 43.61 -10.38
N ASN A 100 -2.67 43.77 -10.37
CA ASN A 100 -3.51 42.84 -9.64
C ASN A 100 -3.51 41.45 -10.28
N TYR A 101 -3.41 41.37 -11.60
CA TYR A 101 -3.22 40.09 -12.26
C TYR A 101 -1.93 39.43 -11.81
N ARG A 102 -0.87 40.23 -11.68
CA ARG A 102 0.40 39.70 -11.21
C ARG A 102 0.28 39.14 -9.79
N THR A 103 -0.35 39.89 -8.91
CA THR A 103 -0.54 39.39 -7.54
C THR A 103 -1.40 38.14 -7.53
N LYS A 104 -2.46 38.11 -8.34
CA LYS A 104 -3.33 36.94 -8.38
C LYS A 104 -2.56 35.70 -8.82
N ARG A 105 -1.76 35.83 -9.88
CA ARG A 105 -0.98 34.70 -10.35
C ARG A 105 0.03 34.25 -9.31
N ASP A 106 0.75 35.20 -8.70
CA ASP A 106 1.76 34.83 -7.72
C ASP A 106 1.13 34.13 -6.53
N PHE A 107 -0.02 34.65 -6.07
CA PHE A 107 -0.75 34.01 -4.95
C PHE A 107 -1.09 32.58 -5.35
N GLU A 108 -1.50 32.40 -6.61
CA GLU A 108 -1.85 31.04 -7.11
C GLU A 108 -0.56 30.21 -7.24
N ARG A 109 0.54 30.85 -7.61
CA ARG A 109 1.84 30.14 -7.74
C ARG A 109 2.26 29.63 -6.34
N SER A 110 1.91 30.37 -5.29
CA SER A 110 2.28 29.98 -3.91
C SER A 110 1.15 29.17 -3.27
N GLN A 111 -0.04 29.14 -3.87
CA GLN A 111 -1.16 28.48 -3.16
C GLN A 111 -0.89 26.97 -3.00
N ALA A 112 0.18 26.46 -3.63
CA ALA A 112 0.40 24.99 -3.58
C ALA A 112 1.07 24.60 -2.26
N THR A 113 0.27 24.29 -1.25
CA THR A 113 0.82 23.89 0.08
C THR A 113 0.02 22.73 0.61
N ASP A 114 0.61 21.96 1.52
CA ASP A 114 -0.07 20.74 2.04
C ASP A 114 -1.45 21.10 2.57
N ILE A 115 -1.67 22.36 2.92
CA ILE A 115 -2.97 22.77 3.54
C ILE A 115 -4.13 22.37 2.61
N ASN A 116 -3.83 22.01 1.36
CA ASN A 116 -4.90 21.53 0.44
C ASN A 116 -5.94 20.71 1.21
N PHE A 117 -7.20 21.16 1.23
CA PHE A 117 -8.27 20.46 1.99
C PHE A 117 -9.11 19.66 1.00
N THR A 118 -9.09 18.34 1.13
CA THR A 118 -9.96 17.50 0.28
C THR A 118 -11.20 17.18 1.09
N ILE A 119 -11.62 18.12 1.94
CA ILE A 119 -12.83 17.91 2.79
C ILE A 119 -13.84 19.05 2.50
N SER A 138 -17.03 3.23 -4.66
CA SER A 138 -16.79 4.67 -4.62
C SER A 138 -15.64 5.01 -3.68
N ASP A 139 -14.45 5.23 -4.24
CA ASP A 139 -13.28 5.69 -3.48
C ASP A 139 -12.95 4.69 -2.37
N LEU A 140 -12.51 3.51 -2.80
CA LEU A 140 -12.18 2.41 -1.91
C LEU A 140 -11.20 2.81 -0.82
N TYR A 141 -11.19 2.10 0.30
CA TYR A 141 -10.40 2.56 1.48
C TYR A 141 -8.95 2.92 1.16
N ASN A 142 -8.14 1.96 0.70
CA ASN A 142 -6.69 2.21 0.51
C ASN A 142 -6.43 3.46 -0.35
N THR A 143 -7.36 3.86 -1.20
CA THR A 143 -7.10 4.98 -2.12
C THR A 143 -6.99 6.30 -1.42
N GLN A 144 -8.03 6.73 -0.70
CA GLN A 144 -8.03 8.10 -0.17
C GLN A 144 -6.67 8.45 0.39
N ARG A 145 -6.04 7.54 1.14
CA ARG A 145 -4.73 7.84 1.69
C ARG A 145 -3.65 7.83 0.61
N ASP A 146 -3.80 6.98 -0.42
CA ASP A 146 -2.89 7.08 -1.54
C ASP A 146 -2.98 8.45 -2.20
N LEU A 147 -4.19 8.96 -2.37
CA LEU A 147 -4.38 10.27 -2.97
C LEU A 147 -3.77 11.37 -2.11
N THR A 148 -3.99 11.30 -0.79
CA THR A 148 -3.42 12.31 0.09
C THR A 148 -1.90 12.29 0.08
N ALA A 149 -1.31 11.09 0.15
CA ALA A 149 0.13 10.98 0.05
C ALA A 149 0.62 11.54 -1.27
N GLY A 150 -0.13 11.30 -2.35
CA GLY A 150 0.26 11.84 -3.64
C GLY A 150 0.28 13.35 -3.67
N ILE A 151 -0.75 13.98 -3.12
CA ILE A 151 -0.79 15.44 -3.14
C ILE A 151 0.31 16.02 -2.26
N VAL A 152 0.59 15.39 -1.12
CA VAL A 152 1.65 15.89 -0.24
C VAL A 152 3.00 15.79 -0.94
N GLY A 153 3.27 14.63 -1.53
CA GLY A 153 4.52 14.46 -2.26
C GLY A 153 4.65 15.42 -3.42
N LYS A 154 3.54 15.67 -4.12
CA LYS A 154 3.57 16.62 -5.24
C LYS A 154 3.93 18.01 -4.76
N SER A 155 3.32 18.45 -3.65
CA SER A 155 3.63 19.78 -3.13
C SER A 155 5.09 19.89 -2.73
N VAL A 156 5.59 18.89 -2.00
CA VAL A 156 6.99 18.93 -1.55
C VAL A 156 7.93 18.93 -2.75
N GLY A 157 7.67 18.06 -3.73
CA GLY A 157 8.53 17.98 -4.89
C GLY A 157 8.55 19.27 -5.68
N LEU A 158 7.38 19.88 -5.89
CA LEU A 158 7.32 21.14 -6.60
C LEU A 158 8.11 22.20 -5.87
N LYS A 159 8.01 22.25 -4.54
CA LYS A 159 8.83 23.19 -3.80
C LYS A 159 10.31 22.81 -3.77
N MET A 160 10.66 21.59 -4.20
CA MET A 160 12.03 21.11 -4.08
C MET A 160 12.83 21.22 -5.38
N LEU A 161 12.24 20.88 -6.52
CA LEU A 161 13.00 20.78 -7.75
C LEU A 161 13.39 22.16 -8.27
N PRO A 162 14.37 22.24 -9.19
CA PRO A 162 14.93 23.54 -9.56
C PRO A 162 13.86 24.45 -10.12
N PRO A 163 14.03 25.77 -9.96
CA PRO A 163 12.91 26.70 -10.17
C PRO A 163 12.42 26.83 -11.60
N HIS A 164 13.32 27.03 -12.56
CA HIS A 164 12.87 27.36 -13.91
C HIS A 164 12.06 26.24 -14.52
N VAL A 165 12.51 25.00 -14.35
CA VAL A 165 11.74 23.88 -14.88
C VAL A 165 10.45 23.70 -14.10
N ALA A 166 10.43 24.07 -12.82
CA ALA A 166 9.18 24.04 -12.07
C ALA A 166 8.16 25.01 -12.67
N ASN A 167 8.60 26.22 -12.98
CA ASN A 167 7.70 27.19 -13.61
C ASN A 167 7.26 26.68 -14.97
N ALA A 168 8.17 26.09 -15.73
CA ALA A 168 7.80 25.55 -17.04
C ALA A 168 6.74 24.47 -16.90
N HIS A 169 6.88 23.61 -15.88
CA HIS A 169 5.91 22.54 -15.68
C HIS A 169 4.55 23.09 -15.29
N GLN A 170 4.53 23.97 -14.27
CA GLN A 170 3.24 24.45 -13.79
C GLN A 170 2.53 25.31 -14.82
N LYS A 171 3.30 26.01 -15.67
CA LYS A 171 2.71 26.83 -16.72
C LYS A 171 2.20 25.99 -17.88
N GLY A 172 2.48 24.69 -17.90
CA GLY A 172 2.05 23.83 -18.98
C GLY A 172 2.98 23.76 -20.16
N ASP A 173 4.17 24.36 -20.07
CA ASP A 173 5.15 24.22 -21.13
C ASP A 173 5.50 22.76 -21.37
N ILE A 174 5.85 22.05 -20.30
CA ILE A 174 6.18 20.64 -20.35
C ILE A 174 5.34 19.94 -19.29
N HIS A 175 5.43 18.61 -19.27
CA HIS A 175 4.83 17.81 -18.21
C HIS A 175 5.90 16.95 -17.57
N PHE A 176 6.09 17.14 -16.27
CA PHE A 176 6.90 16.26 -15.45
C PHE A 176 6.04 15.07 -15.06
N HIS A 177 6.54 13.86 -15.26
CA HIS A 177 5.71 12.69 -15.05
C HIS A 177 5.67 12.29 -13.58
N ASP A 178 4.47 11.98 -13.10
CA ASP A 178 4.20 11.47 -11.76
C ASP A 178 4.98 12.24 -10.69
N LEU A 179 4.64 13.51 -10.56
CA LEU A 179 5.28 14.35 -9.56
C LEU A 179 4.99 13.90 -8.14
N ASP A 180 3.98 13.05 -7.95
CA ASP A 180 3.64 12.61 -6.59
C ASP A 180 4.73 11.73 -6.00
N TYR A 181 5.18 10.72 -6.74
CA TYR A 181 6.20 9.82 -6.23
C TYR A 181 7.61 10.39 -6.32
N SER A 182 7.87 11.26 -7.29
CA SER A 182 9.21 11.77 -7.52
C SER A 182 9.16 13.28 -7.70
N PRO A 183 10.22 13.99 -7.28
CA PRO A 183 11.44 13.52 -6.63
C PRO A 183 11.35 13.52 -5.12
N TYR A 184 10.15 13.32 -4.57
CA TYR A 184 10.02 13.17 -3.12
C TYR A 184 10.81 11.95 -2.63
N THR A 185 10.75 10.86 -3.38
CA THR A 185 11.57 9.69 -3.12
C THR A 185 12.31 9.31 -4.39
N PRO A 186 13.54 8.83 -4.27
CA PRO A 186 14.32 8.50 -5.47
C PRO A 186 13.80 7.25 -6.16
N MET A 187 12.75 7.38 -6.94
CA MET A 187 12.08 6.26 -7.57
C MET A 187 12.68 5.95 -8.94
N THR A 188 12.12 4.94 -9.59
CA THR A 188 12.52 4.54 -10.93
C THR A 188 11.27 4.16 -11.71
N ASN A 189 11.37 4.22 -13.04
CA ASN A 189 10.18 4.05 -13.88
C ASN A 189 9.86 2.58 -14.12
N CYS A 190 10.73 1.85 -14.80
CA CYS A 190 10.42 0.49 -15.20
C CYS A 190 11.72 -0.25 -15.51
N CYS A 191 11.62 -1.57 -15.62
CA CYS A 191 12.80 -2.39 -15.80
C CYS A 191 12.41 -3.75 -16.35
N LEU A 192 13.42 -4.48 -16.83
CA LEU A 192 13.30 -5.90 -17.16
C LEU A 192 13.96 -6.65 -16.02
N ILE A 193 13.17 -7.14 -15.07
CA ILE A 193 13.75 -7.84 -13.94
C ILE A 193 14.46 -9.09 -14.43
N ASP A 194 15.69 -9.29 -13.97
CA ASP A 194 16.48 -10.45 -14.37
C ASP A 194 15.92 -11.67 -13.65
N PHE A 195 14.78 -12.15 -14.13
CA PHE A 195 14.16 -13.33 -13.54
C PHE A 195 15.10 -14.52 -13.58
N LYS A 196 15.90 -14.64 -14.64
CA LYS A 196 16.86 -15.74 -14.73
C LYS A 196 17.82 -15.72 -13.55
N GLY A 197 18.37 -14.55 -13.23
CA GLY A 197 19.34 -14.48 -12.15
C GLY A 197 18.75 -14.84 -10.81
N MET A 198 17.57 -14.30 -10.49
CA MET A 198 16.94 -14.62 -9.21
C MET A 198 16.57 -16.09 -9.13
N LEU A 199 15.86 -16.60 -10.13
CA LEU A 199 15.44 -18.00 -10.08
C LEU A 199 16.61 -18.97 -10.19
N ALA A 200 17.79 -18.51 -10.59
CA ALA A 200 18.95 -19.39 -10.60
C ALA A 200 19.68 -19.36 -9.26
N ASN A 201 20.13 -18.18 -8.85
CA ASN A 201 20.99 -18.08 -7.67
C ASN A 201 20.24 -17.86 -6.37
N GLY A 202 18.93 -17.65 -6.42
CA GLY A 202 18.17 -17.39 -5.21
C GLY A 202 18.21 -15.94 -4.80
N PHE A 203 17.32 -15.59 -3.88
CA PHE A 203 17.15 -14.19 -3.50
C PHE A 203 16.45 -14.14 -2.14
N LYS A 204 16.47 -12.97 -1.53
CA LYS A 204 15.85 -12.74 -0.23
C LYS A 204 14.62 -11.87 -0.41
N ILE A 205 13.50 -12.31 0.17
CA ILE A 205 12.26 -11.55 0.15
C ILE A 205 11.70 -11.48 1.56
N GLY A 206 11.37 -10.28 2.00
CA GLY A 206 10.84 -10.11 3.34
C GLY A 206 11.79 -10.60 4.40
N ASN A 207 11.48 -11.75 4.99
CA ASN A 207 12.30 -12.34 6.03
C ASN A 207 13.03 -13.61 5.58
N ALA A 208 12.75 -14.12 4.39
CA ALA A 208 13.23 -15.43 3.99
C ALA A 208 14.18 -15.31 2.80
N GLU A 209 15.33 -15.97 2.91
CA GLU A 209 16.29 -16.07 1.82
C GLU A 209 16.10 -17.43 1.16
N VAL A 210 15.49 -17.43 -0.02
CA VAL A 210 15.02 -18.64 -0.67
C VAL A 210 15.90 -18.94 -1.88
N GLU A 211 16.25 -20.21 -2.06
CA GLU A 211 17.07 -20.65 -3.17
C GLU A 211 16.17 -21.06 -4.34
N SER A 212 16.77 -21.66 -5.37
CA SER A 212 16.05 -21.96 -6.59
C SER A 212 14.90 -22.92 -6.33
N PRO A 213 13.82 -22.82 -7.09
CA PRO A 213 12.67 -23.70 -6.86
C PRO A 213 12.91 -25.12 -7.34
N LYS A 214 11.93 -25.99 -7.11
CA LYS A 214 12.01 -27.38 -7.56
C LYS A 214 10.79 -27.79 -8.36
N SER A 215 9.89 -26.86 -8.67
CA SER A 215 8.72 -27.17 -9.48
C SER A 215 8.23 -25.88 -10.14
N ILE A 216 7.47 -26.05 -11.22
CA ILE A 216 7.01 -24.88 -11.95
C ILE A 216 5.96 -24.11 -11.16
N GLN A 217 5.17 -24.80 -10.33
CA GLN A 217 4.22 -24.09 -9.48
C GLN A 217 4.94 -23.16 -8.52
N THR A 218 5.96 -23.67 -7.84
CA THR A 218 6.76 -22.81 -6.97
C THR A 218 7.46 -21.72 -7.76
N ALA A 219 7.88 -22.03 -8.99
CA ALA A 219 8.55 -21.03 -9.80
C ALA A 219 7.63 -19.85 -10.11
N THR A 220 6.39 -20.14 -10.53
CA THR A 220 5.49 -19.04 -10.85
C THR A 220 4.99 -18.33 -9.60
N ALA A 221 4.87 -19.04 -8.48
CA ALA A 221 4.54 -18.36 -7.23
C ALA A 221 5.67 -17.41 -6.84
N GLN A 222 6.91 -17.84 -7.03
CA GLN A 222 8.06 -16.98 -6.75
C GLN A 222 8.04 -15.76 -7.67
N ILE A 223 7.71 -15.96 -8.94
CA ILE A 223 7.64 -14.84 -9.87
C ILE A 223 6.58 -13.83 -9.42
N SER A 224 5.41 -14.34 -9.02
CA SER A 224 4.33 -13.46 -8.60
C SER A 224 4.71 -12.67 -7.35
N GLN A 225 5.30 -13.35 -6.35
CA GLN A 225 5.73 -12.65 -5.16
C GLN A 225 6.81 -11.62 -5.48
N ILE A 226 7.71 -11.98 -6.39
CA ILE A 226 8.82 -11.11 -6.75
C ILE A 226 8.29 -9.82 -7.38
N ILE A 227 7.37 -9.95 -8.32
CA ILE A 227 6.84 -8.76 -8.98
C ILE A 227 5.98 -7.95 -8.01
N ALA A 228 5.23 -8.62 -7.15
CA ALA A 228 4.41 -7.91 -6.18
C ALA A 228 5.27 -7.07 -5.25
N ASN A 229 6.41 -7.61 -4.82
CA ASN A 229 7.28 -6.83 -3.95
C ASN A 229 8.13 -5.82 -4.71
N VAL A 230 8.35 -6.03 -6.01
CA VAL A 230 9.04 -5.02 -6.80
C VAL A 230 8.15 -3.80 -7.00
N ALA A 231 6.87 -4.01 -7.29
CA ALA A 231 5.97 -2.91 -7.60
C ALA A 231 5.80 -1.94 -6.45
N SER A 232 6.13 -2.35 -5.22
CA SER A 232 6.10 -1.45 -4.09
C SER A 232 7.36 -0.62 -3.98
N SER A 233 8.19 -0.55 -5.03
CA SER A 233 9.42 0.22 -4.97
C SER A 233 9.70 0.99 -6.26
N GLN A 234 8.70 1.15 -7.13
CA GLN A 234 8.86 1.94 -8.34
C GLN A 234 7.49 2.35 -8.84
N TYR A 235 7.38 3.59 -9.31
CA TYR A 235 6.07 4.12 -9.66
C TYR A 235 5.53 3.48 -10.94
N GLY A 236 6.38 3.34 -11.95
CA GLY A 236 5.92 2.90 -13.25
C GLY A 236 5.70 1.41 -13.31
N GLY A 237 5.55 0.92 -14.54
CA GLY A 237 5.17 -0.44 -14.77
C GLY A 237 6.26 -1.44 -14.49
N CYS A 238 5.93 -2.71 -14.71
CA CYS A 238 6.86 -3.81 -14.52
C CYS A 238 6.66 -4.82 -15.64
N THR A 239 7.68 -5.62 -15.90
CA THR A 239 7.54 -6.60 -16.97
C THR A 239 8.58 -7.70 -16.84
N ALA A 240 8.33 -8.78 -17.58
CA ALA A 240 9.24 -9.89 -17.71
C ALA A 240 9.22 -10.35 -19.16
N ASP A 241 10.41 -10.60 -19.71
CA ASP A 241 10.55 -10.98 -21.10
C ASP A 241 11.09 -12.39 -21.22
N ARG A 242 10.73 -13.06 -22.31
CA ARG A 242 11.16 -14.43 -22.59
C ARG A 242 10.87 -15.32 -21.39
N ILE A 243 9.61 -15.28 -20.92
CA ILE A 243 9.24 -16.01 -19.72
C ILE A 243 9.39 -17.51 -19.95
N ASP A 244 8.92 -17.99 -21.09
CA ASP A 244 9.06 -19.41 -21.41
C ASP A 244 10.51 -19.84 -21.50
N GLU A 245 11.36 -18.98 -22.06
CA GLU A 245 12.75 -19.37 -22.29
C GLU A 245 13.47 -19.65 -20.99
N PHE A 246 13.21 -18.87 -19.94
CA PHE A 246 13.83 -19.16 -18.65
C PHE A 246 12.99 -20.08 -17.78
N LEU A 247 11.72 -20.29 -18.10
CA LEU A 247 10.89 -21.21 -17.35
C LEU A 247 10.96 -22.64 -17.86
N ALA A 248 11.59 -22.86 -19.00
CA ALA A 248 11.72 -24.22 -19.52
C ALA A 248 12.45 -25.17 -18.56
N PRO A 249 13.60 -24.82 -17.98
CA PRO A 249 14.29 -25.79 -17.11
C PRO A 249 13.46 -26.25 -15.93
N TYR A 250 12.61 -25.39 -15.38
CA TYR A 250 11.80 -25.80 -14.24
C TYR A 250 10.65 -26.70 -14.68
N ALA A 251 10.09 -26.47 -15.86
CA ALA A 251 9.14 -27.43 -16.40
C ALA A 251 9.79 -28.79 -16.60
N GLU A 252 11.03 -28.79 -17.12
CA GLU A 252 11.75 -30.05 -17.27
C GLU A 252 11.97 -30.72 -15.93
N LEU A 253 12.29 -29.93 -14.89
CA LEU A 253 12.50 -30.50 -13.56
C LEU A 253 11.21 -31.13 -13.04
N ASN A 254 10.08 -30.47 -13.26
CA ASN A 254 8.80 -31.03 -12.84
C ASN A 254 8.53 -32.35 -13.56
N TYR A 255 8.78 -32.39 -14.87
CA TYR A 255 8.58 -33.61 -15.63
C TYR A 255 9.49 -34.73 -15.13
N LYS A 256 10.73 -34.38 -14.80
CA LYS A 256 11.67 -35.37 -14.28
C LYS A 256 11.18 -35.94 -12.96
N LYS A 257 10.68 -35.07 -12.08
CA LYS A 257 10.16 -35.55 -10.80
C LYS A 257 8.96 -36.45 -10.99
N HIS A 258 8.06 -36.08 -11.90
CA HIS A 258 6.91 -36.94 -12.16
C HIS A 258 7.34 -38.29 -12.71
N LEU A 259 8.31 -38.29 -13.62
CA LEU A 259 8.80 -39.55 -14.18
C LEU A 259 9.42 -40.43 -13.12
N ALA A 260 10.25 -39.84 -12.25
CA ALA A 260 10.88 -40.61 -11.19
C ALA A 260 9.85 -41.17 -10.23
N ASP A 261 8.83 -40.38 -9.89
CA ASP A 261 7.80 -40.87 -8.98
C ASP A 261 6.92 -41.91 -9.64
N ALA A 262 6.81 -41.90 -10.96
CA ALA A 262 6.08 -42.91 -11.69
C ALA A 262 6.95 -44.10 -12.08
N LYS A 263 8.23 -44.09 -11.68
CA LYS A 263 9.10 -45.20 -12.02
C LYS A 263 8.62 -46.49 -11.39
N GLU A 264 8.09 -46.44 -10.18
CA GLU A 264 7.65 -47.65 -9.50
C GLU A 264 6.15 -47.70 -9.25
N TRP A 265 5.40 -46.68 -9.67
CA TRP A 265 4.02 -46.62 -9.21
C TRP A 265 3.02 -46.94 -10.32
N VAL A 266 3.46 -47.22 -11.54
CA VAL A 266 2.57 -47.50 -12.66
C VAL A 266 3.21 -48.54 -13.57
N THR A 267 2.40 -49.06 -14.49
CA THR A 267 2.84 -50.11 -15.39
C THR A 267 3.99 -49.64 -16.27
N GLU A 268 4.83 -50.60 -16.68
CA GLU A 268 6.08 -50.28 -17.36
C GLU A 268 5.87 -49.70 -18.76
N GLU A 269 4.69 -49.87 -19.36
CA GLU A 269 4.53 -49.53 -20.77
C GLU A 269 4.11 -48.09 -20.98
N LYS A 270 3.15 -47.59 -20.21
CA LYS A 270 2.64 -46.24 -20.39
C LYS A 270 3.33 -45.21 -19.50
N GLN A 271 4.34 -45.62 -18.73
CA GLN A 271 4.99 -44.75 -17.77
C GLN A 271 5.26 -43.36 -18.33
N GLU A 272 6.13 -43.29 -19.34
CA GLU A 272 6.49 -42.01 -19.92
C GLU A 272 5.24 -41.24 -20.34
N ASP A 273 4.34 -41.91 -21.07
CA ASP A 273 3.13 -41.25 -21.52
C ASP A 273 2.43 -40.57 -20.35
N TYR A 274 2.23 -41.32 -19.26
CA TYR A 274 1.54 -40.77 -18.11
C TYR A 274 2.20 -39.46 -17.67
N ALA A 275 3.52 -39.49 -17.49
CA ALA A 275 4.22 -38.31 -17.02
C ALA A 275 3.85 -37.11 -17.88
N ARG A 276 3.94 -37.28 -19.20
CA ARG A 276 3.61 -36.19 -20.11
C ARG A 276 2.29 -35.56 -19.72
N ALA A 277 1.23 -36.37 -19.73
CA ALA A 277 -0.10 -35.84 -19.44
C ALA A 277 -0.09 -35.09 -18.12
N LYS A 278 0.41 -35.73 -17.07
CA LYS A 278 0.40 -35.08 -15.76
C LYS A 278 1.12 -33.76 -15.83
N THR A 279 2.33 -33.76 -16.38
CA THR A 279 3.11 -32.53 -16.43
C THR A 279 2.32 -31.45 -17.16
N ARG A 280 1.68 -31.81 -18.27
CA ARG A 280 0.92 -30.82 -19.02
C ARG A 280 -0.08 -30.14 -18.11
N LYS A 281 -0.89 -30.92 -17.40
CA LYS A 281 -1.89 -30.32 -16.52
C LYS A 281 -1.20 -29.44 -15.50
N ASP A 282 -0.11 -29.92 -14.91
CA ASP A 282 0.62 -29.14 -13.92
C ASP A 282 1.00 -27.79 -14.50
N ILE A 283 1.54 -27.79 -15.71
CA ILE A 283 1.95 -26.52 -16.32
C ILE A 283 0.76 -25.57 -16.35
N TYR A 284 -0.37 -26.06 -16.87
CA TYR A 284 -1.57 -25.24 -16.91
C TYR A 284 -1.87 -24.67 -15.54
N ASP A 285 -1.91 -25.55 -14.54
CA ASP A 285 -2.22 -25.11 -13.18
C ASP A 285 -1.30 -23.97 -12.78
N ALA A 286 0.00 -24.16 -12.96
CA ALA A 286 0.96 -23.14 -12.57
C ALA A 286 0.59 -21.82 -13.23
N MET A 287 0.44 -21.84 -14.55
CA MET A 287 0.13 -20.60 -15.25
C MET A 287 -1.18 -20.02 -14.76
N GLN A 288 -2.17 -20.88 -14.54
CA GLN A 288 -3.45 -20.41 -14.03
C GLN A 288 -3.22 -19.58 -12.78
N SER A 289 -2.47 -20.13 -11.82
CA SER A 289 -2.20 -19.41 -10.58
C SER A 289 -1.66 -18.03 -10.88
N LEU A 290 -0.63 -17.96 -11.73
CA LEU A 290 0.00 -16.68 -12.01
C LEU A 290 -1.03 -15.65 -12.43
N GLU A 291 -1.92 -16.04 -13.35
CA GLU A 291 -2.92 -15.10 -13.85
C GLU A 291 -3.68 -14.49 -12.70
N TYR A 292 -4.25 -15.33 -11.84
CA TYR A 292 -5.04 -14.78 -10.75
C TYR A 292 -4.17 -14.03 -9.77
N GLU A 293 -2.93 -14.48 -9.56
CA GLU A 293 -2.08 -13.77 -8.62
C GLU A 293 -1.67 -12.41 -9.13
N ILE A 294 -1.92 -12.11 -10.40
CA ILE A 294 -1.71 -10.75 -10.87
C ILE A 294 -2.96 -9.90 -10.62
N ASN A 295 -4.15 -10.49 -10.74
CA ASN A 295 -5.38 -9.74 -10.57
C ASN A 295 -5.55 -9.25 -9.14
N THR A 296 -4.99 -9.95 -8.17
CA THR A 296 -5.19 -9.62 -6.75
C THR A 296 -4.04 -8.81 -6.19
N LEU A 297 -3.47 -7.91 -6.98
CA LEU A 297 -2.35 -7.08 -6.53
C LEU A 297 -2.85 -5.67 -6.29
N PHE A 298 -2.63 -5.17 -5.07
CA PHE A 298 -3.05 -3.83 -4.68
C PHE A 298 -1.93 -3.26 -3.81
N THR A 299 -1.09 -2.44 -4.41
CA THR A 299 0.00 -1.80 -3.69
C THR A 299 -0.53 -0.58 -2.94
N SER A 300 0.38 0.26 -2.45
CA SER A 300 -0.05 1.48 -1.75
C SER A 300 -0.89 2.37 -2.65
N ASN A 301 -0.66 2.32 -3.96
CA ASN A 301 -1.46 3.13 -4.87
C ASN A 301 -2.89 2.63 -4.95
N GLY A 302 -3.12 1.34 -4.70
CA GLY A 302 -4.42 0.77 -4.85
C GLY A 302 -4.82 0.46 -6.28
N GLN A 303 -4.01 0.85 -7.26
CA GLN A 303 -4.24 0.48 -8.64
C GLN A 303 -3.23 -0.59 -9.04
N THR A 304 -3.71 -1.57 -9.79
CA THR A 304 -2.89 -2.72 -10.15
C THR A 304 -1.62 -2.26 -10.86
N PRO A 305 -0.44 -2.71 -10.44
CA PRO A 305 0.78 -2.27 -11.10
C PRO A 305 0.80 -2.69 -12.56
N PHE A 306 1.32 -1.81 -13.41
CA PHE A 306 1.39 -2.11 -14.83
C PHE A 306 2.41 -3.22 -15.07
N THR A 307 2.01 -4.23 -15.83
CA THR A 307 2.80 -5.46 -15.91
C THR A 307 2.66 -6.11 -17.28
N SER A 308 3.80 -6.49 -17.86
CA SER A 308 3.83 -7.09 -19.19
C SER A 308 4.57 -8.41 -19.15
N LEU A 309 4.09 -9.37 -19.94
CA LEU A 309 4.71 -10.67 -20.10
C LEU A 309 5.09 -10.86 -21.56
N GLY A 310 6.29 -11.35 -21.81
CA GLY A 310 6.78 -11.54 -23.16
C GLY A 310 7.27 -12.97 -23.38
N PHE A 311 6.86 -13.55 -24.51
CA PHE A 311 7.26 -14.90 -24.86
C PHE A 311 7.32 -15.00 -26.39
N GLY A 312 7.46 -16.22 -26.89
CA GLY A 312 7.38 -16.44 -28.32
C GLY A 312 8.58 -17.16 -28.91
N LEU A 313 9.62 -17.37 -28.11
CA LEU A 313 10.83 -18.03 -28.58
C LEU A 313 10.87 -19.50 -28.17
N GLY A 314 9.70 -20.16 -28.13
CA GLY A 314 9.66 -21.56 -27.78
C GLY A 314 10.30 -22.41 -28.86
N THR A 315 11.25 -23.26 -28.46
CA THR A 315 11.94 -24.15 -29.39
C THR A 315 11.60 -25.61 -29.11
N ASN A 316 11.88 -26.09 -27.91
CA ASN A 316 11.64 -27.48 -27.57
C ASN A 316 10.19 -27.66 -27.16
N TRP A 317 9.86 -28.80 -26.56
CA TRP A 317 8.47 -29.12 -26.26
C TRP A 317 7.96 -28.33 -25.07
N PHE A 318 8.80 -28.14 -24.04
CA PHE A 318 8.35 -27.51 -22.81
C PHE A 318 7.93 -26.06 -23.03
N GLU A 319 8.75 -25.30 -23.77
CA GLU A 319 8.40 -23.91 -24.04
C GLU A 319 7.12 -23.81 -24.86
N ARG A 320 6.94 -24.72 -25.82
CA ARG A 320 5.69 -24.75 -26.57
C ARG A 320 4.51 -24.99 -25.65
N GLU A 321 4.66 -25.93 -24.71
CA GLU A 321 3.57 -26.23 -23.79
C GLU A 321 3.27 -25.04 -22.89
N ILE A 322 4.30 -24.34 -22.44
CA ILE A 322 4.09 -23.17 -21.59
C ILE A 322 3.35 -22.08 -22.37
N GLN A 323 3.76 -21.84 -23.61
CA GLN A 323 3.07 -20.84 -24.43
C GLN A 323 1.61 -21.23 -24.65
N LYS A 324 1.35 -22.50 -24.95
CA LYS A 324 -0.01 -22.95 -25.14
C LYS A 324 -0.81 -22.76 -23.86
N ALA A 325 -0.21 -23.06 -22.71
CA ALA A 325 -0.91 -22.91 -21.45
C ALA A 325 -1.27 -21.45 -21.18
N ILE A 326 -0.32 -20.54 -21.41
CA ILE A 326 -0.60 -19.12 -21.15
C ILE A 326 -1.72 -18.63 -22.05
N LEU A 327 -1.65 -18.98 -23.33
CA LEU A 327 -2.69 -18.53 -24.25
C LEU A 327 -4.04 -19.11 -23.86
N GLN A 328 -4.08 -20.39 -23.45
CA GLN A 328 -5.33 -21.00 -23.06
C GLN A 328 -5.90 -20.35 -21.81
N VAL A 329 -5.06 -20.08 -20.82
CA VAL A 329 -5.54 -19.47 -19.60
C VAL A 329 -5.96 -18.02 -19.82
N ARG A 330 -5.49 -17.40 -20.90
CA ARG A 330 -6.00 -16.07 -21.22
C ARG A 330 -7.33 -16.12 -21.96
N ILE A 331 -7.47 -17.04 -22.92
CA ILE A 331 -8.72 -17.10 -23.67
C ILE A 331 -9.86 -17.59 -22.77
N LEU A 332 -9.58 -18.53 -21.87
CA LEU A 332 -10.61 -19.04 -20.99
C LEU A 332 -11.21 -17.97 -20.09
N GLY A 333 -10.49 -16.88 -19.85
CA GLY A 333 -11.02 -15.78 -19.08
C GLY A 333 -10.85 -15.98 -17.59
N LEU A 334 -11.38 -15.02 -16.83
CA LEU A 334 -11.29 -15.01 -15.37
C LEU A 334 -12.68 -15.06 -14.76
N GLY A 335 -12.79 -15.81 -13.67
CA GLY A 335 -14.05 -15.93 -12.96
C GLY A 335 -15.03 -16.83 -13.68
N SER A 336 -16.12 -17.14 -12.98
CA SER A 336 -17.19 -17.93 -13.58
C SER A 336 -17.84 -17.17 -14.74
N GLU A 337 -17.81 -15.84 -14.70
CA GLU A 337 -18.36 -15.02 -15.77
C GLU A 337 -17.43 -14.91 -16.98
N HIS A 338 -16.24 -15.51 -16.91
CA HIS A 338 -15.29 -15.48 -18.02
C HIS A 338 -14.99 -14.06 -18.47
N ARG A 339 -14.93 -13.15 -17.53
CA ARG A 339 -14.58 -11.76 -17.83
C ARG A 339 -13.09 -11.66 -18.14
N THR A 340 -12.76 -10.83 -19.12
CA THR A 340 -11.40 -10.73 -19.61
C THR A 340 -10.46 -10.17 -18.54
N ALA A 341 -9.18 -10.46 -18.71
CA ALA A 341 -8.14 -9.96 -17.82
C ALA A 341 -7.62 -8.64 -18.37
N ILE A 342 -7.82 -7.56 -17.61
CA ILE A 342 -7.23 -6.29 -17.99
C ILE A 342 -5.72 -6.31 -17.78
N PHE A 343 -5.22 -7.22 -16.97
CA PHE A 343 -3.79 -7.36 -16.69
C PHE A 343 -3.45 -8.83 -16.60
N PRO A 344 -2.18 -9.19 -16.83
CA PRO A 344 -1.05 -8.37 -17.24
C PRO A 344 -0.90 -8.30 -18.75
N LYS A 345 -0.02 -7.44 -19.25
CA LYS A 345 0.16 -7.30 -20.68
C LYS A 345 0.81 -8.55 -21.27
N LEU A 346 0.32 -8.98 -22.43
CA LEU A 346 0.86 -10.13 -23.12
C LEU A 346 1.47 -9.69 -24.44
N ILE A 347 2.73 -10.05 -24.66
CA ILE A 347 3.45 -9.68 -25.86
C ILE A 347 3.94 -10.96 -26.53
N PHE A 348 3.50 -11.18 -27.77
CA PHE A 348 3.86 -12.37 -28.53
C PHE A 348 4.75 -11.96 -29.70
N THR A 349 5.91 -12.59 -29.81
CA THR A 349 6.90 -12.23 -30.82
C THR A 349 6.76 -13.12 -32.03
N LEU A 350 6.69 -12.52 -33.21
CA LEU A 350 6.60 -13.25 -34.47
C LEU A 350 7.97 -13.28 -35.11
N LYS A 351 8.49 -14.48 -35.35
CA LYS A 351 9.80 -14.67 -35.95
C LYS A 351 9.65 -15.43 -37.25
N ARG A 352 10.23 -14.90 -38.33
CA ARG A 352 10.21 -15.61 -39.60
C ARG A 352 11.01 -16.89 -39.51
N GLY A 353 10.46 -17.96 -40.07
CA GLY A 353 11.10 -19.25 -39.99
C GLY A 353 10.83 -20.02 -38.72
N LEU A 354 10.09 -19.45 -37.78
CA LEU A 354 9.68 -20.15 -36.58
C LEU A 354 8.17 -20.21 -36.42
N ASN A 355 7.49 -19.08 -36.54
CA ASN A 355 6.04 -19.06 -36.33
C ASN A 355 5.34 -18.14 -37.32
N LEU A 356 5.82 -18.03 -38.55
CA LEU A 356 5.21 -17.17 -39.55
C LEU A 356 4.54 -17.98 -40.67
N GLU A 357 5.29 -18.82 -41.36
CA GLU A 357 4.75 -19.54 -42.49
C GLU A 357 3.82 -20.65 -42.02
N PRO A 358 2.87 -21.07 -42.86
CA PRO A 358 2.01 -22.21 -42.48
C PRO A 358 2.78 -23.48 -42.22
N ASN A 359 3.93 -23.68 -42.86
CA ASN A 359 4.73 -24.87 -42.67
C ASN A 359 5.67 -24.77 -41.47
N SER A 360 5.68 -23.64 -40.78
CA SER A 360 6.61 -23.45 -39.68
C SER A 360 6.28 -24.40 -38.52
N PRO A 361 7.26 -24.74 -37.70
CA PRO A 361 7.01 -25.70 -36.61
C PRO A 361 6.19 -25.14 -35.45
N ASN A 362 5.60 -23.95 -35.58
CA ASN A 362 4.86 -23.37 -34.47
C ASN A 362 3.59 -22.68 -34.94
N TYR A 363 3.01 -23.13 -36.05
CA TYR A 363 1.83 -22.46 -36.58
C TYR A 363 0.62 -22.63 -35.67
N ASP A 364 0.53 -23.75 -34.95
CA ASP A 364 -0.59 -23.94 -34.04
C ASP A 364 -0.55 -22.93 -32.90
N ILE A 365 0.65 -22.60 -32.43
CA ILE A 365 0.78 -21.58 -31.40
C ILE A 365 0.24 -20.26 -31.90
N LYS A 366 0.57 -19.89 -33.14
CA LYS A 366 0.03 -18.66 -33.70
C LYS A 366 -1.47 -18.74 -33.92
N GLN A 367 -2.00 -19.92 -34.23
CA GLN A 367 -3.45 -20.05 -34.35
C GLN A 367 -4.13 -19.78 -33.01
N LEU A 368 -3.60 -20.35 -31.94
CA LEU A 368 -4.12 -20.06 -30.61
C LEU A 368 -3.99 -18.58 -30.28
N ALA A 369 -2.85 -17.99 -30.63
CA ALA A 369 -2.64 -16.57 -30.37
C ALA A 369 -3.63 -15.70 -31.13
N LEU A 370 -3.90 -16.05 -32.39
CA LEU A 370 -4.88 -15.31 -33.18
C LEU A 370 -6.26 -15.42 -32.58
N GLU A 371 -6.66 -16.62 -32.16
CA GLU A 371 -7.97 -16.77 -31.53
C GLU A 371 -8.05 -15.94 -30.26
N CYS A 372 -6.99 -15.97 -29.46
CA CYS A 372 -6.97 -15.16 -28.24
C CYS A 372 -7.04 -13.67 -28.56
N ALA A 373 -6.39 -13.25 -29.65
CA ALA A 373 -6.37 -11.84 -30.01
C ALA A 373 -7.73 -11.37 -30.51
N THR A 374 -8.46 -12.22 -31.23
CA THR A 374 -9.78 -11.78 -31.66
C THR A 374 -10.83 -11.91 -30.58
N LYS A 375 -10.63 -12.80 -29.61
CA LYS A 375 -11.65 -12.95 -28.56
C LYS A 375 -11.42 -11.97 -27.42
N ARG A 376 -10.17 -11.65 -27.12
CA ARG A 376 -9.82 -10.63 -26.14
C ARG A 376 -8.73 -9.75 -26.72
N MET A 377 -8.60 -8.55 -26.16
CA MET A 377 -7.71 -7.53 -26.72
C MET A 377 -6.30 -8.09 -26.92
N TYR A 378 -5.74 -8.68 -25.89
CA TYR A 378 -4.37 -9.16 -25.92
C TYR A 378 -4.24 -10.44 -26.73
N PRO A 379 -3.03 -10.79 -27.18
CA PRO A 379 -1.74 -10.12 -26.99
C PRO A 379 -1.38 -9.17 -28.12
N ASP A 380 -0.24 -8.49 -28.00
CA ASP A 380 0.30 -7.66 -29.06
C ASP A 380 1.38 -8.45 -29.79
N VAL A 381 2.08 -7.80 -30.72
CA VAL A 381 3.05 -8.46 -31.57
C VAL A 381 4.37 -7.71 -31.55
N LEU A 382 5.42 -8.43 -31.95
CA LEU A 382 6.76 -7.83 -32.02
C LEU A 382 7.57 -8.65 -33.02
N SER A 383 7.82 -8.09 -34.20
CA SER A 383 8.60 -8.78 -35.21
C SER A 383 10.06 -8.87 -34.78
N TYR A 384 10.65 -10.04 -34.96
CA TYR A 384 12.04 -10.24 -34.58
C TYR A 384 12.97 -9.34 -35.39
N ASP A 385 12.87 -9.41 -36.72
CA ASP A 385 13.82 -8.71 -37.58
C ASP A 385 13.66 -7.20 -37.49
N LYS A 386 12.41 -6.73 -37.56
CA LYS A 386 12.19 -5.29 -37.52
C LYS A 386 12.65 -4.70 -36.21
N ILE A 387 12.35 -5.37 -35.09
CA ILE A 387 12.77 -4.86 -33.80
C ILE A 387 14.28 -4.89 -33.67
N ILE A 388 14.91 -5.99 -34.10
CA ILE A 388 16.37 -6.06 -33.92
C ILE A 388 17.07 -5.04 -34.80
N GLU A 389 16.47 -4.69 -35.94
CA GLU A 389 17.07 -3.63 -36.77
C GLU A 389 16.83 -2.26 -36.17
N LEU A 390 15.65 -2.03 -35.58
CA LEU A 390 15.32 -0.70 -35.07
C LEU A 390 16.16 -0.34 -33.86
N THR A 391 16.27 -1.24 -32.89
CA THR A 391 16.87 -0.94 -31.59
C THR A 391 18.00 -1.89 -31.26
N GLY A 392 18.84 -2.21 -32.23
CA GLY A 392 20.04 -2.97 -31.96
C GLY A 392 19.82 -4.45 -31.71
N SER A 393 19.23 -4.80 -30.56
CA SER A 393 19.02 -6.18 -30.20
C SER A 393 17.60 -6.37 -29.67
N PHE A 394 17.03 -7.53 -29.95
CA PHE A 394 15.63 -7.77 -29.60
C PHE A 394 15.44 -7.84 -28.10
N LYS A 395 14.37 -7.20 -27.63
CA LYS A 395 14.03 -7.18 -26.21
C LYS A 395 12.60 -6.67 -26.02
N ALA A 396 11.80 -7.39 -25.25
CA ALA A 396 10.42 -7.00 -25.05
C ALA A 396 10.35 -5.64 -24.35
N PRO A 397 9.40 -4.79 -24.71
CA PRO A 397 9.33 -3.46 -24.09
C PRO A 397 8.95 -3.55 -22.63
N MET A 398 9.46 -2.59 -21.86
CA MET A 398 9.08 -2.43 -20.46
C MET A 398 8.01 -1.35 -20.34
N GLY A 399 7.14 -1.52 -19.36
CA GLY A 399 6.12 -0.51 -19.17
C GLY A 399 5.07 -0.58 -20.27
N CYS A 400 4.39 0.54 -20.47
CA CYS A 400 3.36 0.64 -21.49
C CYS A 400 3.97 0.41 -22.86
N ARG A 401 4.87 1.30 -23.29
CA ARG A 401 5.54 1.13 -24.58
C ARG A 401 7.01 1.48 -24.54
N SER A 402 7.61 1.69 -23.37
CA SER A 402 8.98 2.17 -23.30
C SER A 402 9.95 1.07 -23.72
N PHE A 403 10.74 1.34 -24.75
CA PHE A 403 11.69 0.40 -25.32
C PHE A 403 13.09 0.72 -24.84
N LEU A 404 14.08 0.02 -25.40
CA LEU A 404 15.46 0.17 -24.99
C LEU A 404 16.34 0.21 -26.23
N GLN A 405 17.66 0.10 -26.02
CA GLN A 405 18.61 0.01 -27.11
C GLN A 405 19.64 -1.05 -26.75
N GLY A 406 20.23 -1.64 -27.78
CA GLY A 406 21.17 -2.73 -27.59
C GLY A 406 22.34 -2.34 -26.73
N TRP A 407 22.65 -3.16 -25.73
CA TRP A 407 23.75 -2.89 -24.82
C TRP A 407 24.58 -4.14 -24.61
N LYS A 408 25.87 -3.92 -24.40
CA LYS A 408 26.81 -4.98 -24.04
C LYS A 408 27.59 -4.53 -22.81
N ASP A 409 27.91 -5.48 -21.94
CA ASP A 409 28.61 -5.17 -20.70
C ASP A 409 30.11 -5.22 -20.93
N GLU A 410 30.89 -5.13 -19.85
CA GLU A 410 32.35 -5.15 -19.97
C GLU A 410 32.85 -6.48 -20.52
N ASN A 411 32.11 -7.56 -20.29
CA ASN A 411 32.54 -8.88 -20.73
C ASN A 411 32.09 -9.21 -22.13
N GLY A 412 31.57 -8.23 -22.87
CA GLY A 412 31.16 -8.49 -24.23
C GLY A 412 29.96 -9.38 -24.37
N VAL A 413 29.24 -9.64 -23.29
CA VAL A 413 28.04 -10.47 -23.32
C VAL A 413 26.83 -9.53 -23.42
N GLU A 414 26.02 -9.73 -24.45
CA GLU A 414 24.79 -8.98 -24.56
C GLU A 414 23.83 -9.35 -23.43
N VAL A 415 23.21 -8.36 -22.82
CA VAL A 415 22.18 -8.59 -21.81
C VAL A 415 21.05 -7.60 -22.04
N ASN A 416 19.82 -8.08 -21.90
CA ASN A 416 18.63 -7.24 -22.00
C ASN A 416 17.85 -7.20 -20.71
N SER A 417 17.53 -8.36 -20.14
CA SER A 417 16.90 -8.39 -18.83
C SER A 417 17.90 -7.92 -17.78
N GLY A 418 17.48 -6.99 -16.93
CA GLY A 418 18.34 -6.41 -15.93
C GLY A 418 18.63 -4.95 -16.11
N ARG A 419 18.07 -4.31 -17.13
CA ARG A 419 18.27 -2.89 -17.37
C ARG A 419 16.97 -2.15 -17.12
N MET A 420 17.09 -0.88 -16.75
CA MET A 420 15.97 -0.14 -16.20
C MET A 420 15.90 1.25 -16.80
N ASN A 421 14.71 1.83 -16.75
CA ASN A 421 14.49 3.22 -17.15
C ASN A 421 14.55 4.13 -15.94
N LEU A 422 14.46 5.44 -16.20
CA LEU A 422 14.49 6.41 -15.10
C LEU A 422 13.48 7.53 -15.33
N GLY A 423 12.40 7.25 -16.05
CA GLY A 423 11.29 8.16 -16.17
C GLY A 423 11.40 9.10 -17.35
N VAL A 424 10.28 9.75 -17.64
CA VAL A 424 10.13 10.60 -18.80
C VAL A 424 9.66 11.98 -18.37
N VAL A 425 9.92 12.98 -19.22
CA VAL A 425 9.25 14.26 -19.16
C VAL A 425 8.82 14.60 -20.58
N THR A 426 7.57 15.01 -20.74
CA THR A 426 7.01 15.22 -22.06
C THR A 426 7.04 16.69 -22.43
N LEU A 427 7.33 16.97 -23.70
CA LEU A 427 7.27 18.32 -24.23
C LEU A 427 5.83 18.63 -24.63
N ASN A 428 5.63 19.79 -25.26
CA ASN A 428 4.32 20.17 -25.77
C ASN A 428 4.51 20.83 -27.14
N LEU A 429 4.52 20.01 -28.18
CA LEU A 429 4.64 20.55 -29.54
C LEU A 429 3.47 21.44 -29.93
N PRO A 430 2.20 21.08 -29.69
CA PRO A 430 1.11 21.95 -30.13
C PRO A 430 1.17 23.35 -29.55
N ARG A 431 1.63 23.51 -28.32
CA ARG A 431 1.81 24.86 -27.77
C ARG A 431 2.83 25.64 -28.58
N ILE A 432 3.93 24.98 -28.97
CA ILE A 432 4.93 25.62 -29.80
C ILE A 432 4.32 26.02 -31.15
N ALA A 433 3.50 25.14 -31.73
CA ALA A 433 2.88 25.44 -33.01
C ALA A 433 1.95 26.65 -32.89
N LEU A 434 1.15 26.72 -31.83
CA LEU A 434 0.28 27.87 -31.64
C LEU A 434 1.09 29.15 -31.44
N GLU A 435 2.17 29.07 -30.65
CA GLU A 435 3.01 30.24 -30.45
C GLU A 435 3.74 30.68 -31.71
N SER A 436 3.92 29.77 -32.67
CA SER A 436 4.60 30.15 -33.89
C SER A 436 3.77 31.10 -34.75
N LYS A 437 2.45 31.06 -34.60
CA LYS A 437 1.54 31.91 -35.37
C LYS A 437 1.75 31.73 -36.87
N GLY A 438 1.91 30.48 -37.30
CA GLY A 438 2.11 30.21 -38.71
C GLY A 438 3.46 30.58 -39.25
N ASP A 439 4.47 30.70 -38.39
CA ASP A 439 5.82 31.08 -38.80
C ASP A 439 6.77 29.91 -38.55
N GLN A 440 7.42 29.46 -39.62
CA GLN A 440 8.33 28.33 -39.50
C GLN A 440 9.59 28.69 -38.72
N ASP A 441 10.15 29.88 -38.97
CA ASP A 441 11.51 30.15 -38.54
C ASP A 441 11.61 30.31 -37.03
N LYS A 442 10.67 31.00 -36.41
CA LYS A 442 10.70 31.16 -34.95
C LYS A 442 10.39 29.85 -34.23
N PHE A 443 9.70 28.94 -34.93
CA PHE A 443 9.33 27.67 -34.33
C PHE A 443 10.55 26.91 -33.84
N TRP A 444 11.58 26.83 -34.66
CA TRP A 444 12.76 26.07 -34.28
C TRP A 444 13.53 26.74 -33.14
N GLU A 445 13.52 28.07 -33.09
CA GLU A 445 14.18 28.76 -31.98
C GLU A 445 13.49 28.45 -30.65
N ILE A 446 12.17 28.60 -30.61
CA ILE A 446 11.49 28.30 -29.35
C ILE A 446 11.60 26.81 -29.04
N PHE A 447 11.61 25.96 -30.06
CA PHE A 447 11.76 24.53 -29.83
C PHE A 447 13.10 24.22 -29.20
N GLU A 448 14.17 24.88 -29.66
CA GLU A 448 15.47 24.67 -29.05
C GLU A 448 15.48 25.15 -27.60
N GLU A 449 14.78 26.25 -27.32
CA GLU A 449 14.70 26.72 -25.94
C GLU A 449 14.04 25.68 -25.04
N ARG A 450 12.88 25.17 -25.47
CA ARG A 450 12.21 24.14 -24.67
C ARG A 450 13.05 22.89 -24.58
N MET A 451 13.84 22.59 -25.62
CA MET A 451 14.70 21.43 -25.58
C MET A 451 15.75 21.57 -24.49
N GLY A 452 16.34 22.76 -24.37
CA GLY A 452 17.28 23.00 -23.29
C GLY A 452 16.65 22.90 -21.92
N ILE A 453 15.43 23.43 -21.78
CA ILE A 453 14.71 23.30 -20.51
C ILE A 453 14.55 21.82 -20.16
N ALA A 454 14.16 21.02 -21.16
CA ALA A 454 13.95 19.60 -20.93
C ALA A 454 15.26 18.92 -20.55
N LYS A 455 16.37 19.35 -21.15
CA LYS A 455 17.66 18.78 -20.77
C LYS A 455 17.96 19.06 -19.30
N ASP A 456 17.70 20.29 -18.86
CA ASP A 456 17.91 20.59 -17.45
C ASP A 456 17.05 19.68 -16.57
N ALA A 457 15.79 19.48 -16.96
CA ALA A 457 14.89 18.61 -16.19
C ALA A 457 15.43 17.19 -16.11
N LEU A 458 15.79 16.61 -17.26
CA LEU A 458 16.36 15.27 -17.30
C LEU A 458 17.58 15.16 -16.40
N VAL A 459 18.47 16.15 -16.48
CA VAL A 459 19.71 16.08 -15.74
C VAL A 459 19.42 16.11 -14.24
N TYR A 460 18.50 16.98 -13.82
CA TYR A 460 18.15 17.03 -12.40
C TYR A 460 17.54 15.72 -11.94
N ARG A 461 16.65 15.14 -12.75
CA ARG A 461 16.00 13.91 -12.34
C ARG A 461 16.99 12.77 -12.19
N VAL A 462 17.90 12.63 -13.14
CA VAL A 462 18.85 11.53 -13.04
C VAL A 462 19.83 11.76 -11.90
N GLU A 463 20.22 13.02 -11.66
CA GLU A 463 21.07 13.31 -10.52
C GLU A 463 20.37 12.97 -9.21
N ARG A 464 19.08 13.30 -9.11
CA ARG A 464 18.33 12.97 -7.90
C ARG A 464 18.24 11.47 -7.70
N VAL A 465 18.01 10.73 -8.78
CA VAL A 465 17.96 9.28 -8.68
C VAL A 465 19.30 8.73 -8.18
N LYS A 466 20.40 9.30 -8.68
CA LYS A 466 21.73 8.85 -8.27
C LYS A 466 21.98 9.06 -6.78
N GLU A 467 21.18 9.90 -6.12
CA GLU A 467 21.34 10.16 -4.70
C GLU A 467 20.80 9.04 -3.83
N ALA A 468 20.15 8.04 -4.41
CA ALA A 468 19.59 6.95 -3.64
C ALA A 468 20.69 6.02 -3.13
N THR A 469 20.32 5.13 -2.22
CA THR A 469 21.22 4.15 -1.65
C THR A 469 20.63 2.75 -1.80
N PRO A 470 21.46 1.75 -2.11
CA PRO A 470 20.91 0.41 -2.36
C PRO A 470 20.09 -0.16 -1.22
N ALA A 471 20.39 0.21 0.02
CA ALA A 471 19.64 -0.30 1.15
C ALA A 471 18.20 0.21 1.18
N ASN A 472 17.87 1.20 0.35
CA ASN A 472 16.51 1.74 0.35
C ASN A 472 15.50 0.67 -0.03
N ALA A 473 15.71 0.00 -1.15
CA ALA A 473 14.84 -1.07 -1.62
C ALA A 473 15.71 -2.28 -1.95
N PRO A 474 16.06 -3.07 -0.94
CA PRO A 474 17.06 -4.13 -1.16
C PRO A 474 16.67 -5.11 -2.25
N ILE A 475 15.38 -5.44 -2.37
CA ILE A 475 14.94 -6.34 -3.42
C ILE A 475 15.23 -5.74 -4.79
N LEU A 476 14.96 -4.45 -4.95
CA LEU A 476 15.10 -3.83 -6.26
C LEU A 476 16.55 -3.64 -6.66
N TYR A 477 17.45 -3.49 -5.69
CA TYR A 477 18.83 -3.11 -5.99
C TYR A 477 19.83 -4.20 -5.67
N GLN A 478 19.90 -4.66 -4.42
CA GLN A 478 20.99 -5.53 -3.98
C GLN A 478 20.60 -7.00 -4.00
N TYR A 479 19.58 -7.37 -4.78
CA TYR A 479 19.20 -8.78 -4.84
C TYR A 479 18.82 -9.20 -6.27
N GLY A 480 19.47 -8.62 -7.27
CA GLY A 480 19.39 -9.11 -8.62
C GLY A 480 18.34 -8.48 -9.50
N ALA A 481 17.43 -7.66 -8.95
CA ALA A 481 16.37 -7.10 -9.77
C ALA A 481 16.89 -6.24 -10.90
N PHE A 482 18.11 -5.73 -10.77
CA PHE A 482 18.72 -4.92 -11.82
C PHE A 482 19.96 -5.58 -12.40
N GLY A 483 20.09 -6.89 -12.26
CA GLY A 483 21.25 -7.58 -12.79
C GLY A 483 22.30 -7.82 -11.74
N GLN A 484 23.32 -6.95 -11.71
CA GLN A 484 24.41 -7.10 -10.76
C GLN A 484 23.89 -6.98 -9.33
N ARG A 485 24.50 -7.75 -8.43
CA ARG A 485 24.17 -7.71 -7.02
C ARG A 485 25.16 -6.79 -6.30
N LEU A 486 24.64 -5.87 -5.50
CA LEU A 486 25.44 -4.85 -4.86
C LEU A 486 25.56 -5.12 -3.36
N ARG A 487 26.33 -4.26 -2.70
CA ARG A 487 26.49 -4.30 -1.25
C ARG A 487 25.99 -3.00 -0.65
N LYS A 488 25.75 -3.02 0.66
CA LYS A 488 25.28 -1.81 1.33
C LYS A 488 26.31 -0.69 1.22
N CYS A 489 27.59 -1.01 1.45
CA CYS A 489 28.63 0.00 1.50
C CYS A 489 28.90 0.65 0.16
N ASP A 490 28.38 0.11 -0.94
CA ASP A 490 28.61 0.66 -2.26
C ASP A 490 27.36 1.42 -2.70
N SER A 491 27.55 2.36 -3.62
CA SER A 491 26.47 3.21 -4.09
C SER A 491 25.74 2.52 -5.25
N VAL A 492 24.87 3.26 -5.93
CA VAL A 492 24.10 2.73 -7.03
C VAL A 492 24.55 3.27 -8.38
N ASP A 493 25.39 4.31 -8.40
CA ASP A 493 25.82 4.89 -9.67
C ASP A 493 26.55 3.87 -10.52
N GLN A 494 27.25 2.93 -9.90
CA GLN A 494 27.99 1.93 -10.65
C GLN A 494 27.06 0.99 -11.42
N LEU A 495 25.78 1.00 -11.09
CA LEU A 495 24.81 0.19 -11.81
C LEU A 495 24.19 0.94 -12.97
N PHE A 496 24.43 2.25 -13.08
CA PHE A 496 23.77 3.06 -14.10
C PHE A 496 24.71 3.66 -15.13
N LYS A 497 25.99 3.82 -14.81
CA LYS A 497 26.89 4.50 -15.72
C LYS A 497 27.11 3.65 -16.98
N HIS A 498 27.84 4.23 -17.92
CA HIS A 498 28.18 3.56 -19.18
C HIS A 498 26.93 3.14 -19.94
N ARG A 499 25.91 4.00 -19.91
CA ARG A 499 24.69 3.82 -20.71
C ARG A 499 24.04 2.47 -20.45
N ARG A 500 23.98 2.06 -19.20
CA ARG A 500 23.23 0.86 -18.86
C ARG A 500 21.76 1.16 -18.64
N ALA A 501 21.46 2.12 -17.77
CA ALA A 501 20.10 2.59 -17.58
C ALA A 501 19.71 3.50 -18.74
N THR A 502 18.56 4.13 -18.65
CA THR A 502 18.16 5.08 -19.69
C THR A 502 17.21 6.11 -19.08
N VAL A 503 17.24 7.30 -19.64
CA VAL A 503 16.38 8.40 -19.21
C VAL A 503 15.69 8.87 -20.49
N SER A 504 14.44 8.48 -20.66
CA SER A 504 13.74 8.81 -21.90
C SER A 504 13.10 10.19 -21.79
N LEU A 505 12.99 10.86 -22.93
CA LEU A 505 12.38 12.18 -23.02
C LEU A 505 11.28 12.13 -24.06
N GLY A 506 10.10 12.62 -23.71
CA GLY A 506 8.90 12.35 -24.48
C GLY A 506 8.44 13.52 -25.35
N TYR A 507 7.50 13.20 -26.23
CA TYR A 507 6.89 14.16 -27.15
C TYR A 507 5.44 13.76 -27.34
N ILE A 508 4.64 14.71 -27.82
CA ILE A 508 3.23 14.45 -28.03
C ILE A 508 2.66 15.49 -28.98
N GLY A 509 1.80 15.03 -29.90
CA GLY A 509 1.03 15.94 -30.72
C GLY A 509 1.68 16.38 -32.01
N LEU A 510 2.31 15.44 -32.73
CA LEU A 510 2.84 15.76 -34.05
C LEU A 510 1.72 16.16 -35.01
N TYR A 511 0.59 15.45 -34.93
CA TYR A 511 -0.53 15.82 -35.78
C TYR A 511 -1.03 17.22 -35.47
N GLU A 512 -0.98 17.63 -34.21
CA GLU A 512 -1.46 18.96 -33.85
C GLU A 512 -0.64 20.04 -34.56
N VAL A 513 0.68 19.97 -34.45
CA VAL A 513 1.53 20.99 -35.06
C VAL A 513 1.41 20.93 -36.58
N ALA A 514 1.37 19.72 -37.14
CA ALA A 514 1.23 19.60 -38.58
C ALA A 514 -0.09 20.23 -39.05
N SER A 515 -1.17 20.02 -38.31
CA SER A 515 -2.46 20.57 -38.68
C SER A 515 -2.45 22.09 -38.58
N VAL A 516 -1.84 22.63 -37.52
CA VAL A 516 -1.76 24.09 -37.40
C VAL A 516 -0.97 24.67 -38.54
N PHE A 517 0.07 23.98 -39.01
CA PHE A 517 0.95 24.59 -40.00
C PHE A 517 0.44 24.43 -41.42
N TYR A 518 0.16 23.20 -41.84
CA TYR A 518 -0.12 22.90 -43.24
C TYR A 518 -1.57 22.50 -43.48
N GLY A 519 -2.49 23.00 -42.66
CA GLY A 519 -3.89 22.71 -42.83
C GLY A 519 -4.32 21.41 -42.19
N SER A 520 -5.63 21.17 -42.21
CA SER A 520 -6.18 20.00 -41.54
C SER A 520 -5.85 18.72 -42.29
N ASP A 521 -6.02 18.71 -43.61
CA ASP A 521 -5.80 17.50 -44.41
C ASP A 521 -4.43 17.58 -45.05
N TRP A 522 -3.42 17.17 -44.29
CA TRP A 522 -2.03 17.19 -44.74
C TRP A 522 -1.48 15.80 -45.01
N GLU A 523 -2.30 14.76 -44.91
CA GLU A 523 -1.77 13.40 -45.03
C GLU A 523 -1.23 13.14 -46.43
N THR A 524 -1.97 13.57 -47.46
CA THR A 524 -1.54 13.32 -48.83
C THR A 524 -0.33 14.18 -49.20
N ASN A 525 -0.20 15.35 -48.59
CA ASN A 525 0.94 16.23 -48.88
C ASN A 525 2.24 15.57 -48.43
N LEU A 526 3.32 15.92 -49.11
CA LEU A 526 4.64 15.38 -48.80
C LEU A 526 5.50 16.34 -47.99
N GLU A 527 5.37 17.65 -48.20
CA GLU A 527 6.22 18.60 -47.49
C GLU A 527 5.97 18.55 -45.99
N ALA A 528 4.71 18.46 -45.57
CA ALA A 528 4.40 18.40 -44.14
C ALA A 528 4.99 17.17 -43.49
N LYS A 529 4.95 16.04 -44.20
CA LYS A 529 5.59 14.84 -43.67
C LYS A 529 7.07 15.07 -43.47
N THR A 530 7.73 15.72 -44.43
CA THR A 530 9.14 16.03 -44.25
C THR A 530 9.34 16.92 -43.04
N PHE A 531 8.43 17.87 -42.81
CA PHE A 531 8.56 18.77 -41.68
C PHE A 531 8.48 18.01 -40.36
N THR A 532 7.48 17.14 -40.22
CA THR A 532 7.32 16.44 -38.95
C THR A 532 8.46 15.44 -38.72
N LEU A 533 8.87 14.73 -39.77
CA LEU A 533 10.06 13.89 -39.61
C LEU A 533 11.29 14.72 -39.29
N ASN A 534 11.34 15.97 -39.73
CA ASN A 534 12.44 16.84 -39.31
C ASN A 534 12.35 17.13 -37.82
N ILE A 535 11.15 17.33 -37.30
CA ILE A 535 11.00 17.47 -35.85
C ILE A 535 11.56 16.26 -35.13
N VAL A 536 11.16 15.07 -35.57
CA VAL A 536 11.62 13.85 -34.92
C VAL A 536 13.14 13.72 -35.06
N LYS A 537 13.69 14.11 -36.20
CA LYS A 537 15.13 14.00 -36.43
C LYS A 537 15.90 14.94 -35.52
N ALA A 538 15.42 16.17 -35.36
CA ALA A 538 16.07 17.08 -34.43
C ALA A 538 16.00 16.55 -33.01
N MET A 539 14.86 15.96 -32.65
CA MET A 539 14.73 15.36 -31.31
C MET A 539 15.75 14.24 -31.12
N LYS A 540 15.89 13.39 -32.13
CA LYS A 540 16.87 12.30 -32.06
C LYS A 540 18.28 12.83 -31.93
N ASN A 541 18.62 13.87 -32.70
CA ASN A 541 19.97 14.41 -32.64
C ASN A 541 20.27 15.03 -31.29
N ALA A 542 19.31 15.76 -30.73
CA ALA A 542 19.51 16.32 -29.40
C ALA A 542 19.69 15.22 -28.36
N CYS A 543 18.88 14.16 -28.45
CA CYS A 543 19.02 13.05 -27.52
C CYS A 543 20.37 12.38 -27.67
N GLU A 544 20.83 12.19 -28.91
CA GLU A 544 22.11 11.53 -29.13
C GLU A 544 23.25 12.35 -28.55
N SER A 545 23.23 13.67 -28.76
CA SER A 545 24.27 14.51 -28.19
C SER A 545 24.26 14.46 -26.67
N TRP A 546 23.05 14.51 -26.07
CA TRP A 546 22.97 14.47 -24.62
C TRP A 546 23.51 13.15 -24.08
N SER A 547 23.15 12.05 -24.72
CA SER A 547 23.64 10.75 -24.28
C SER A 547 25.16 10.68 -24.40
N ASP A 548 25.70 11.20 -25.51
CA ASP A 548 27.14 11.20 -25.66
C ASP A 548 27.82 12.05 -24.60
N GLU A 549 27.14 13.07 -24.08
CA GLU A 549 27.82 13.93 -23.11
C GLU A 549 27.71 13.37 -21.70
N TYR A 550 26.51 12.98 -21.27
CA TYR A 550 26.31 12.66 -19.85
C TYR A 550 26.56 11.20 -19.52
N ASP A 551 26.90 10.37 -20.50
CA ASP A 551 27.22 8.94 -20.36
C ASP A 551 26.02 8.08 -20.01
N TYR A 552 24.80 8.63 -20.01
CA TYR A 552 23.58 7.85 -19.83
C TYR A 552 22.76 7.89 -21.10
N HIS A 553 22.19 6.75 -21.49
CA HIS A 553 21.49 6.68 -22.77
C HIS A 553 20.18 7.44 -22.68
N PHE A 554 20.19 8.68 -23.14
CA PHE A 554 18.94 9.42 -23.32
C PHE A 554 18.30 9.00 -24.63
N SER A 555 16.97 9.08 -24.69
CA SER A 555 16.26 8.64 -25.87
C SER A 555 15.00 9.47 -26.07
N VAL A 556 14.55 9.52 -27.32
CA VAL A 556 13.24 10.08 -27.66
C VAL A 556 12.21 9.09 -27.13
N TYR A 557 10.95 9.49 -27.07
CA TYR A 557 9.93 8.66 -26.47
C TYR A 557 8.56 9.19 -26.82
N SER A 558 7.61 8.29 -27.03
CA SER A 558 6.22 8.66 -27.27
C SER A 558 5.44 8.40 -25.98
N THR A 559 4.93 9.47 -25.39
CA THR A 559 4.37 9.37 -24.05
C THR A 559 3.04 8.62 -24.07
N PRO A 560 2.82 7.69 -23.14
CA PRO A 560 1.47 7.12 -23.00
C PRO A 560 0.55 8.12 -22.36
N SER A 561 -0.66 8.23 -22.89
CA SER A 561 -1.61 9.23 -22.42
C SER A 561 -2.14 8.87 -21.04
N GLU A 562 -1.29 8.92 -20.02
CA GLU A 562 -1.74 8.66 -18.66
C GLU A 562 -2.81 9.66 -18.29
N SER A 563 -2.43 10.93 -18.18
CA SER A 563 -3.38 12.02 -18.01
C SER A 563 -2.96 13.26 -18.78
N LEU A 564 -1.91 13.16 -19.62
CA LEU A 564 -1.33 14.34 -20.25
C LEU A 564 -2.33 15.04 -21.15
N THR A 565 -3.18 14.29 -21.84
CA THR A 565 -4.14 14.92 -22.74
C THR A 565 -5.07 15.87 -21.98
N ASP A 566 -5.60 15.42 -20.85
CA ASP A 566 -6.54 16.25 -20.10
C ASP A 566 -5.87 17.57 -19.72
N ARG A 567 -4.74 17.50 -19.01
CA ARG A 567 -4.12 18.70 -18.48
C ARG A 567 -3.64 19.61 -19.61
N PHE A 568 -3.00 19.03 -20.62
CA PHE A 568 -2.48 19.84 -21.72
C PHE A 568 -3.61 20.53 -22.47
N CYS A 569 -4.66 19.79 -22.82
CA CYS A 569 -5.77 20.38 -23.55
C CYS A 569 -6.46 21.45 -22.72
N ARG A 570 -6.65 21.20 -21.42
CA ARG A 570 -7.32 22.19 -20.59
C ARG A 570 -6.51 23.48 -20.52
N LEU A 571 -5.20 23.36 -20.28
CA LEU A 571 -4.36 24.55 -20.19
C LEU A 571 -4.33 25.31 -21.52
N ASP A 572 -4.20 24.57 -22.63
CA ASP A 572 -4.15 25.24 -23.92
C ASP A 572 -5.48 25.91 -24.26
N THR A 573 -6.59 25.26 -23.94
CA THR A 573 -7.89 25.89 -24.20
C THR A 573 -8.07 27.13 -23.36
N GLU A 574 -7.63 27.09 -22.10
CA GLU A 574 -7.75 28.26 -21.25
C GLU A 574 -6.89 29.41 -21.75
N LYS A 575 -5.69 29.11 -22.24
CA LYS A 575 -4.78 30.19 -22.62
C LYS A 575 -5.06 30.69 -24.03
N PHE A 576 -4.94 29.82 -25.03
CA PHE A 576 -5.00 30.21 -26.43
C PHE A 576 -6.41 30.22 -27.01
N GLY A 577 -7.39 29.70 -26.28
CA GLY A 577 -8.75 29.71 -26.76
C GLY A 577 -9.02 28.63 -27.79
N VAL A 578 -10.28 28.58 -28.22
CA VAL A 578 -10.71 27.56 -29.19
C VAL A 578 -10.00 27.79 -30.51
N VAL A 579 -9.42 26.73 -31.06
CA VAL A 579 -8.80 26.75 -32.38
C VAL A 579 -9.28 25.54 -33.16
N THR A 580 -9.64 25.77 -34.43
CA THR A 580 -10.23 24.71 -35.23
C THR A 580 -9.26 23.55 -35.43
N ASP A 581 -9.75 22.34 -35.17
CA ASP A 581 -9.00 21.10 -35.40
C ASP A 581 -7.70 21.10 -34.61
N ILE A 582 -7.68 21.80 -33.47
CA ILE A 582 -6.52 21.78 -32.59
C ILE A 582 -6.99 21.48 -31.17
N THR A 583 -7.97 22.24 -30.70
CA THR A 583 -8.52 22.07 -29.36
C THR A 583 -10.03 21.90 -29.32
N ASP A 584 -10.73 22.11 -30.44
CA ASP A 584 -12.16 21.90 -30.45
C ASP A 584 -12.51 20.45 -30.14
N LYS A 585 -11.66 19.52 -30.54
CA LYS A 585 -11.82 18.11 -30.18
C LYS A 585 -11.52 17.86 -28.71
N GLU A 586 -11.16 18.90 -27.96
CA GLU A 586 -10.87 18.76 -26.52
C GLU A 586 -10.00 17.51 -26.29
N TYR A 587 -9.19 17.12 -27.27
CA TYR A 587 -8.26 15.97 -27.09
C TYR A 587 -7.01 16.22 -27.92
N TYR A 588 -5.89 15.59 -27.53
CA TYR A 588 -4.60 15.78 -28.26
C TYR A 588 -4.17 14.43 -28.85
N THR A 589 -3.86 14.41 -30.15
CA THR A 589 -3.43 13.16 -30.83
C THR A 589 -2.18 12.64 -30.15
N ASN A 590 -2.16 11.33 -29.84
CA ASN A 590 -1.02 10.75 -29.15
C ASN A 590 0.12 10.49 -30.14
N SER A 591 1.28 11.06 -29.85
CA SER A 591 2.51 10.81 -30.60
C SER A 591 2.33 11.06 -32.10
N PHE A 592 2.85 10.13 -32.91
CA PHE A 592 2.82 10.26 -34.36
C PHE A 592 1.58 9.65 -34.99
N HIS A 593 0.65 9.15 -34.18
CA HIS A 593 -0.44 8.34 -34.71
C HIS A 593 -1.25 9.10 -35.74
N TYR A 594 -1.78 8.36 -36.70
CA TYR A 594 -2.67 8.94 -37.69
C TYR A 594 -3.85 9.62 -37.00
N ASP A 595 -4.52 10.50 -37.74
CA ASP A 595 -5.68 11.18 -37.19
C ASP A 595 -6.73 10.16 -36.78
N VAL A 596 -7.28 10.33 -35.57
CA VAL A 596 -8.25 9.38 -35.05
C VAL A 596 -9.66 9.68 -35.54
N ARG A 597 -9.84 10.72 -36.34
CA ARG A 597 -11.16 11.11 -36.82
C ARG A 597 -11.42 10.70 -38.26
N LYS A 598 -10.49 10.01 -38.92
CA LYS A 598 -10.70 9.52 -40.27
C LYS A 598 -10.19 8.09 -40.38
N ASN A 599 -10.78 7.34 -41.30
CA ASN A 599 -10.55 5.89 -41.38
C ASN A 599 -9.88 5.48 -42.69
N PRO A 600 -8.57 5.30 -42.69
CA PRO A 600 -7.90 4.67 -43.82
C PRO A 600 -7.76 3.16 -43.63
N THR A 601 -7.41 2.48 -44.71
CA THR A 601 -7.17 1.05 -44.63
C THR A 601 -5.93 0.79 -43.79
N PRO A 602 -5.94 -0.27 -42.97
CA PRO A 602 -4.79 -0.51 -42.07
C PRO A 602 -3.46 -0.60 -42.79
N PHE A 603 -3.41 -1.20 -43.98
CA PHE A 603 -2.15 -1.32 -44.68
C PHE A 603 -1.54 0.05 -44.98
N GLU A 604 -2.37 0.99 -45.43
CA GLU A 604 -1.85 2.30 -45.74
C GLU A 604 -1.51 3.09 -44.48
N LYS A 605 -2.25 2.88 -43.39
CA LYS A 605 -1.85 3.46 -42.12
C LYS A 605 -0.44 3.01 -41.75
N LEU A 606 -0.18 1.71 -41.87
CA LEU A 606 1.12 1.20 -41.47
C LEU A 606 2.21 1.71 -42.41
N GLU A 607 1.93 1.77 -43.71
CA GLU A 607 2.94 2.28 -44.63
C GLU A 607 3.21 3.76 -44.39
N PHE A 608 2.23 4.51 -43.91
CA PHE A 608 2.45 5.90 -43.58
C PHE A 608 3.21 6.06 -42.27
N GLU A 609 2.93 5.20 -41.30
CA GLU A 609 3.50 5.34 -39.97
C GLU A 609 4.86 4.68 -39.82
N LYS A 610 5.26 3.82 -40.76
CA LYS A 610 6.54 3.13 -40.63
C LYS A 610 7.72 4.09 -40.62
N ASP A 611 7.56 5.30 -41.18
CA ASP A 611 8.69 6.21 -41.29
C ASP A 611 9.09 6.76 -39.93
N TYR A 612 8.12 7.03 -39.07
CA TYR A 612 8.40 7.74 -37.82
C TYR A 612 9.38 7.02 -36.91
N PRO A 613 9.18 5.76 -36.53
CA PRO A 613 10.11 5.15 -35.58
C PRO A 613 11.46 4.82 -36.18
N GLU A 614 11.50 4.49 -37.48
CA GLU A 614 12.78 4.22 -38.12
C GLU A 614 13.60 5.48 -38.27
N ALA A 615 12.95 6.63 -38.39
CA ALA A 615 13.67 7.89 -38.52
C ALA A 615 14.36 8.29 -37.23
N GLY A 616 14.03 7.66 -36.12
CA GLY A 616 14.65 8.01 -34.86
C GLY A 616 13.74 7.88 -33.65
N ALA A 617 12.43 7.80 -33.88
CA ALA A 617 11.47 7.64 -32.79
C ALA A 617 11.51 6.19 -32.32
N THR A 618 12.64 5.83 -31.72
CA THR A 618 12.89 4.44 -31.33
C THR A 618 12.60 4.15 -29.87
N GLY A 619 12.54 5.17 -29.01
CA GLY A 619 12.41 4.93 -27.58
C GLY A 619 11.11 4.27 -27.18
N GLY A 620 10.08 4.38 -28.00
CA GLY A 620 8.81 3.75 -27.68
C GLY A 620 7.76 4.03 -28.74
N PHE A 621 6.98 3.02 -29.09
CA PHE A 621 6.01 3.15 -30.17
C PHE A 621 5.02 2.02 -30.09
N ILE A 622 3.87 2.20 -30.74
CA ILE A 622 2.89 1.14 -30.90
C ILE A 622 1.91 1.60 -31.96
N HIS A 623 1.41 0.68 -32.77
CA HIS A 623 0.54 1.02 -33.89
C HIS A 623 -0.83 0.39 -33.65
N TYR A 624 -1.79 1.20 -33.22
CA TYR A 624 -3.14 0.71 -33.05
C TYR A 624 -3.78 0.39 -34.40
N CYS A 625 -4.63 -0.62 -34.43
CA CYS A 625 -5.28 -1.04 -35.66
C CYS A 625 -6.67 -1.57 -35.31
N GLU A 626 -7.66 -0.69 -35.38
CA GLU A 626 -9.01 -1.05 -34.97
C GLU A 626 -9.68 -1.91 -36.02
N TYR A 627 -10.42 -2.91 -35.57
CA TYR A 627 -11.16 -3.81 -36.44
C TYR A 627 -12.55 -4.01 -35.87
N PRO A 628 -13.50 -4.44 -36.69
CA PRO A 628 -14.80 -4.88 -36.16
C PRO A 628 -14.67 -6.22 -35.47
N VAL A 629 -15.79 -6.84 -35.11
CA VAL A 629 -15.74 -8.14 -34.45
C VAL A 629 -15.11 -9.15 -35.40
N LEU A 630 -13.91 -9.62 -35.06
CA LEU A 630 -13.16 -10.54 -35.89
C LEU A 630 -13.43 -11.99 -35.57
N GLN A 631 -14.57 -12.29 -34.94
CA GLN A 631 -14.91 -13.67 -34.67
C GLN A 631 -15.32 -14.38 -35.95
N GLN A 632 -15.11 -15.70 -35.97
CA GLN A 632 -15.44 -16.57 -37.10
C GLN A 632 -14.56 -16.29 -38.31
N ASN A 633 -13.70 -15.29 -38.22
CA ASN A 633 -12.75 -15.03 -39.30
C ASN A 633 -11.56 -14.21 -38.79
N PRO A 634 -10.50 -14.87 -38.30
CA PRO A 634 -9.26 -14.15 -38.00
C PRO A 634 -8.31 -14.02 -39.16
N LYS A 635 -8.73 -14.39 -40.38
CA LYS A 635 -7.84 -14.34 -41.53
C LYS A 635 -7.41 -12.91 -41.83
N ALA A 636 -8.31 -11.94 -41.65
CA ALA A 636 -7.92 -10.55 -41.82
C ALA A 636 -6.86 -10.15 -40.80
N LEU A 637 -7.03 -10.60 -39.55
CA LEU A 637 -6.03 -10.30 -38.52
C LEU A 637 -4.69 -10.93 -38.87
N GLU A 638 -4.71 -12.17 -39.35
CA GLU A 638 -3.46 -12.81 -39.76
C GLU A 638 -2.81 -12.05 -40.90
N ALA A 639 -3.62 -11.57 -41.85
CA ALA A 639 -3.09 -10.84 -42.98
C ALA A 639 -2.43 -9.55 -42.54
N VAL A 640 -3.08 -8.80 -41.65
CA VAL A 640 -2.48 -7.53 -41.23
C VAL A 640 -1.23 -7.79 -40.40
N TRP A 641 -1.23 -8.84 -39.58
CA TRP A 641 -0.02 -9.18 -38.83
C TRP A 641 1.14 -9.50 -39.78
N ASP A 642 0.90 -10.33 -40.78
CA ASP A 642 1.94 -10.66 -41.74
C ASP A 642 2.42 -9.42 -42.46
N PHE A 643 1.49 -8.57 -42.90
CA PHE A 643 1.85 -7.34 -43.59
C PHE A 643 2.65 -6.41 -42.69
N ALA A 644 2.41 -6.46 -41.38
CA ALA A 644 3.09 -5.60 -40.43
C ALA A 644 4.40 -6.16 -39.94
N TYR A 645 4.71 -7.43 -40.24
CA TYR A 645 6.02 -7.96 -39.88
C TYR A 645 7.14 -7.10 -40.44
N ASP A 646 7.22 -6.99 -41.78
CA ASP A 646 8.34 -6.30 -42.40
C ASP A 646 8.27 -4.79 -42.16
N ARG A 647 7.07 -4.23 -42.09
CA ARG A 647 6.94 -2.77 -42.05
C ARG A 647 7.34 -2.20 -40.69
N VAL A 648 6.63 -2.59 -39.64
CA VAL A 648 6.84 -2.01 -38.32
C VAL A 648 7.18 -3.09 -37.31
N GLY A 649 7.45 -2.70 -36.07
CA GLY A 649 7.81 -3.64 -35.03
C GLY A 649 6.68 -4.02 -34.10
N TYR A 650 5.94 -3.03 -33.61
CA TYR A 650 4.94 -3.22 -32.58
C TYR A 650 3.57 -2.86 -33.15
N LEU A 651 2.58 -3.72 -32.91
CA LEU A 651 1.23 -3.47 -33.41
C LEU A 651 0.22 -4.03 -32.43
N GLY A 652 -0.86 -3.30 -32.23
CA GLY A 652 -1.92 -3.73 -31.32
C GLY A 652 -3.27 -3.72 -31.99
N THR A 653 -4.15 -4.59 -31.50
CA THR A 653 -5.47 -4.80 -32.08
C THR A 653 -6.53 -4.28 -31.12
N ASN A 654 -7.58 -3.66 -31.68
CA ASN A 654 -8.62 -3.04 -30.88
C ASN A 654 -10.00 -3.53 -31.27
N THR A 655 -10.15 -4.84 -31.46
CA THR A 655 -11.46 -5.39 -31.76
C THR A 655 -12.40 -5.21 -30.57
N PRO A 656 -13.66 -4.85 -30.81
CA PRO A 656 -14.59 -4.65 -29.68
C PRO A 656 -14.93 -5.96 -29.01
N ILE A 657 -14.88 -5.98 -27.68
CA ILE A 657 -15.04 -7.20 -26.92
C ILE A 657 -16.00 -7.01 -25.74
N ASP A 658 -16.77 -5.94 -25.77
CA ASP A 658 -17.67 -5.63 -24.67
C ASP A 658 -18.77 -6.68 -24.57
N LYS A 659 -19.27 -6.87 -23.35
CA LYS A 659 -20.33 -7.82 -23.10
C LYS A 659 -21.24 -7.27 -21.99
N CYS A 660 -22.53 -7.56 -22.12
CA CYS A 660 -23.52 -7.16 -21.13
C CYS A 660 -24.30 -8.38 -20.69
N TYR A 661 -24.43 -8.57 -19.38
CA TYR A 661 -24.96 -9.80 -18.81
C TYR A 661 -26.46 -9.78 -18.57
N LYS A 662 -27.05 -8.59 -18.42
CA LYS A 662 -28.49 -8.53 -18.20
C LYS A 662 -29.27 -9.06 -19.41
N CYS A 663 -28.85 -8.68 -20.61
CA CYS A 663 -29.49 -9.14 -21.83
C CYS A 663 -28.60 -10.04 -22.68
N ASP A 664 -27.40 -10.36 -22.20
CA ASP A 664 -26.49 -11.28 -22.88
C ASP A 664 -26.16 -10.79 -24.30
N PHE A 665 -25.48 -9.65 -24.36
CA PHE A 665 -25.06 -9.08 -25.63
C PHE A 665 -23.54 -9.06 -25.70
N GLU A 666 -23.01 -9.29 -26.89
CA GLU A 666 -21.58 -9.18 -27.16
C GLU A 666 -21.37 -8.18 -28.28
N GLY A 667 -20.24 -7.48 -28.25
CA GLY A 667 -19.93 -6.53 -29.30
C GLY A 667 -19.30 -5.25 -28.82
N ASP A 668 -19.93 -4.12 -29.15
CA ASP A 668 -19.42 -2.81 -28.80
C ASP A 668 -20.51 -1.98 -28.13
N PHE A 669 -20.08 -0.99 -27.35
CA PHE A 669 -20.97 -0.14 -26.58
C PHE A 669 -20.88 1.29 -27.08
N THR A 670 -22.01 1.99 -27.06
CA THR A 670 -22.06 3.36 -27.54
C THR A 670 -21.52 4.31 -26.47
N PRO A 671 -20.52 5.12 -26.79
CA PRO A 671 -20.03 6.09 -25.81
C PRO A 671 -21.09 7.15 -25.51
N THR A 672 -21.02 7.68 -24.29
CA THR A 672 -21.96 8.71 -23.85
C THR A 672 -21.20 9.86 -23.22
N GLU A 673 -21.90 10.76 -22.52
CA GLU A 673 -21.25 11.98 -22.03
C GLU A 673 -20.06 11.65 -21.12
N ARG A 674 -20.17 10.62 -20.29
CA ARG A 674 -19.08 10.28 -19.38
C ARG A 674 -18.85 8.78 -19.21
N GLY A 675 -19.56 7.92 -19.94
CA GLY A 675 -19.38 6.49 -19.76
C GLY A 675 -19.78 5.66 -20.96
N PHE A 676 -20.39 4.51 -20.70
CA PHE A 676 -20.82 3.59 -21.75
C PHE A 676 -22.08 2.89 -21.29
N MET A 677 -22.79 2.31 -22.26
CA MET A 677 -23.95 1.49 -21.94
C MET A 677 -24.23 0.57 -23.11
N CYS A 678 -25.04 -0.46 -22.85
CA CYS A 678 -25.44 -1.38 -23.90
C CYS A 678 -26.47 -0.71 -24.79
N PRO A 679 -26.28 -0.72 -26.11
CA PRO A 679 -27.25 -0.05 -27.00
C PRO A 679 -28.64 -0.65 -26.95
N ASN A 680 -28.80 -1.87 -26.45
CA ASN A 680 -30.12 -2.47 -26.43
C ASN A 680 -30.90 -2.06 -25.18
N CYS A 681 -30.29 -2.18 -24.00
CA CYS A 681 -30.97 -1.95 -22.74
C CYS A 681 -30.52 -0.67 -22.04
N GLY A 682 -29.23 -0.52 -21.78
CA GLY A 682 -28.71 0.69 -21.19
C GLY A 682 -28.11 0.55 -19.80
N ASN A 683 -27.99 -0.66 -19.26
CA ASN A 683 -27.37 -0.83 -17.96
C ASN A 683 -25.91 -0.40 -18.07
N THR A 684 -25.39 0.19 -16.99
CA THR A 684 -24.03 0.72 -17.02
C THR A 684 -23.24 0.46 -15.75
N ASP A 685 -23.77 -0.27 -14.78
CA ASP A 685 -22.95 -0.47 -13.60
C ASP A 685 -21.85 -1.50 -13.84
N PRO A 686 -20.71 -1.35 -13.18
CA PRO A 686 -19.61 -2.31 -13.39
C PRO A 686 -19.92 -3.71 -12.90
N LYS A 687 -20.91 -3.89 -12.02
CA LYS A 687 -21.20 -5.20 -11.48
C LYS A 687 -21.88 -6.13 -12.48
N THR A 688 -22.39 -5.59 -13.60
CA THR A 688 -23.11 -6.41 -14.56
C THR A 688 -22.71 -6.19 -16.01
N VAL A 689 -21.98 -5.14 -16.33
CA VAL A 689 -21.48 -4.92 -17.68
C VAL A 689 -19.97 -5.09 -17.68
N ASP A 690 -19.42 -5.34 -18.86
CA ASP A 690 -17.98 -5.55 -19.02
C ASP A 690 -17.53 -4.81 -20.28
N VAL A 691 -17.15 -3.56 -20.11
CA VAL A 691 -16.68 -2.72 -21.21
C VAL A 691 -15.19 -2.48 -21.00
N VAL A 692 -14.41 -2.69 -22.05
CA VAL A 692 -12.97 -2.54 -21.99
C VAL A 692 -12.51 -1.86 -23.28
N LYS A 693 -11.79 -0.75 -23.14
CA LYS A 693 -11.26 -0.01 -24.27
C LYS A 693 -9.80 0.34 -24.01
N ARG A 694 -8.97 0.20 -25.02
CA ARG A 694 -7.53 0.35 -24.84
C ARG A 694 -7.17 1.83 -24.68
N THR A 695 -6.55 2.16 -23.55
CA THR A 695 -6.06 3.50 -23.27
C THR A 695 -4.65 3.42 -22.74
N CYS A 696 -3.74 4.22 -23.30
CA CYS A 696 -2.36 4.30 -22.83
C CYS A 696 -1.67 2.95 -22.83
N GLY A 697 -2.08 2.08 -23.75
CA GLY A 697 -1.50 0.76 -23.85
C GLY A 697 -2.26 -0.31 -23.10
N TYR A 698 -2.31 -0.20 -21.78
CA TYR A 698 -3.05 -1.15 -20.96
C TYR A 698 -4.54 -0.91 -21.11
N LEU A 699 -5.32 -2.00 -21.19
CA LEU A 699 -6.74 -1.87 -21.48
C LEU A 699 -7.47 -1.00 -20.48
N GLY A 700 -7.61 -1.47 -19.25
CA GLY A 700 -8.38 -0.72 -18.27
C GLY A 700 -9.87 -0.76 -18.57
N ASN A 701 -10.70 -0.74 -17.52
CA ASN A 701 -12.14 -0.75 -17.70
C ASN A 701 -12.73 0.54 -17.18
N PRO A 702 -13.36 1.35 -18.02
CA PRO A 702 -13.85 2.67 -17.56
C PRO A 702 -14.88 2.59 -16.46
N GLN A 703 -15.73 1.57 -16.42
CA GLN A 703 -16.79 1.54 -15.43
C GLN A 703 -16.22 1.41 -14.01
N ALA A 704 -15.17 0.62 -13.84
CA ALA A 704 -14.52 0.55 -12.54
C ALA A 704 -13.94 1.89 -12.15
N ARG A 705 -12.98 2.39 -12.91
CA ARG A 705 -12.38 3.69 -12.68
C ARG A 705 -12.61 4.52 -13.95
N PRO A 706 -13.57 5.45 -13.94
CA PRO A 706 -13.75 6.32 -15.11
C PRO A 706 -12.57 7.28 -15.23
N MET A 707 -11.96 7.30 -16.41
CA MET A 707 -10.89 8.23 -16.67
C MET A 707 -11.45 9.65 -16.84
N VAL A 708 -10.55 10.63 -16.77
CA VAL A 708 -10.98 12.02 -16.88
C VAL A 708 -11.55 12.31 -18.27
N LYS A 709 -12.28 13.41 -18.38
CA LYS A 709 -12.92 13.76 -19.65
C LYS A 709 -11.93 14.48 -20.57
N GLY A 710 -10.75 13.92 -20.71
CA GLY A 710 -9.78 14.38 -21.70
C GLY A 710 -9.45 13.25 -22.65
N ARG A 711 -9.56 12.02 -22.14
CA ARG A 711 -9.46 10.83 -22.94
C ARG A 711 -10.82 10.29 -23.35
N HIS A 712 -11.80 10.36 -22.45
CA HIS A 712 -13.14 9.85 -22.76
C HIS A 712 -13.75 10.53 -23.96
N LYS A 713 -13.30 11.75 -24.27
CA LYS A 713 -13.74 12.41 -25.50
C LYS A 713 -12.92 11.99 -26.70
N GLU A 714 -11.84 11.23 -26.51
CA GLU A 714 -11.04 10.73 -27.63
C GLU A 714 -11.38 9.30 -27.99
N ILE A 715 -11.60 8.43 -27.00
CA ILE A 715 -12.06 7.08 -27.29
C ILE A 715 -13.41 7.13 -28.01
N SER A 716 -14.29 8.02 -27.57
CA SER A 716 -15.54 8.25 -28.28
C SER A 716 -15.29 8.72 -29.70
N ALA A 717 -14.18 9.43 -29.93
CA ALA A 717 -13.83 9.93 -31.24
C ALA A 717 -13.09 8.90 -32.09
N ARG A 718 -12.82 7.73 -31.54
CA ARG A 718 -12.09 6.70 -32.28
C ARG A 718 -13.04 6.04 -33.27
N VAL A 719 -12.61 5.91 -34.52
CA VAL A 719 -13.45 5.44 -35.62
C VAL A 719 -12.93 4.10 -36.10
N LYS A 720 -13.84 3.13 -36.25
CA LYS A 720 -13.48 1.82 -36.76
C LYS A 720 -12.70 1.94 -38.06
N HIS A 721 -11.74 1.03 -38.25
CA HIS A 721 -10.81 1.13 -39.36
C HIS A 721 -10.93 -0.03 -40.35
N MET A 722 -12.05 -0.73 -40.34
CA MET A 722 -12.40 -1.65 -41.41
C MET A 722 -13.89 -1.91 -41.32
N ASN A 723 -14.58 -1.80 -42.46
CA ASN A 723 -16.03 -1.96 -42.47
C ASN A 723 -16.42 -3.34 -41.95
N GLY A 724 -17.52 -3.39 -41.22
CA GLY A 724 -17.98 -4.62 -40.63
C GLY A 724 -18.82 -4.36 -39.40
N SER A 725 -19.64 -5.35 -39.04
CA SER A 725 -20.51 -5.21 -37.90
C SER A 725 -19.70 -5.18 -36.61
N THR A 726 -20.08 -4.27 -35.71
CA THR A 726 -19.49 -4.22 -34.38
C THR A 726 -20.36 -4.90 -33.34
N ILE A 727 -21.46 -5.52 -33.74
CA ILE A 727 -22.33 -6.24 -32.83
C ILE A 727 -22.10 -7.73 -33.03
N LYS A 728 -22.55 -8.53 -32.06
CA LYS A 728 -22.35 -10.00 -32.15
C LYS A 728 -23.64 -10.74 -31.75
N TYR A 729 -24.50 -10.13 -30.93
CA TYR A 729 -25.70 -10.87 -30.46
C TYR A 729 -26.62 -9.99 -29.64
N GLY A 730 -27.87 -9.83 -30.05
CA GLY A 730 -28.85 -9.09 -29.25
C GLY A 730 -29.44 -10.00 -28.19
N GLY A 731 -30.29 -9.49 -27.30
CA GLY A 731 -30.80 -10.31 -26.19
C GLY A 731 -32.30 -10.47 -26.23
N LYS A 732 -33.06 -9.40 -26.01
CA LYS A 732 -34.55 -9.51 -25.95
C LYS A 732 -35.19 -8.38 -26.78
N ASP B 14 -22.15 22.74 45.09
CA ASP B 14 -23.39 23.08 44.40
C ASP B 14 -23.10 23.76 43.07
N ILE B 15 -22.14 24.68 43.05
CA ILE B 15 -21.71 25.30 41.81
C ILE B 15 -21.06 24.26 40.90
N LYS B 16 -21.05 24.56 39.61
CA LYS B 16 -20.42 23.70 38.62
C LYS B 16 -19.66 24.55 37.62
N VAL B 17 -18.61 23.98 37.05
CA VAL B 17 -17.70 24.69 36.15
C VAL B 17 -17.77 24.05 34.77
N ILE B 18 -17.98 24.87 33.76
CA ILE B 18 -17.82 24.45 32.37
C ILE B 18 -16.36 24.69 31.98
N LYS B 19 -15.82 23.78 31.19
CA LYS B 19 -14.39 23.71 30.92
C LYS B 19 -14.13 24.18 29.49
N ARG B 20 -12.86 24.41 29.17
CA ARG B 20 -12.50 24.74 27.79
C ARG B 20 -13.00 23.67 26.83
N ASP B 21 -12.98 22.41 27.26
CA ASP B 21 -13.50 21.34 26.45
C ASP B 21 -15.03 21.38 26.41
N GLY B 22 -15.66 21.27 27.58
CA GLY B 22 -17.09 21.22 27.65
C GLY B 22 -17.56 20.21 28.68
N ARG B 23 -16.62 19.59 29.38
CA ARG B 23 -16.96 18.66 30.45
C ARG B 23 -17.37 19.44 31.69
N MET B 24 -18.54 19.09 32.25
CA MET B 24 -19.00 19.69 33.49
C MET B 24 -18.19 19.09 34.64
N VAL B 25 -16.90 19.42 34.65
CA VAL B 25 -16.01 18.92 35.68
C VAL B 25 -16.41 19.53 37.02
N THR B 26 -15.96 18.88 38.10
CA THR B 26 -16.23 19.39 39.42
C THR B 26 -15.32 20.57 39.73
N PHE B 27 -15.56 21.19 40.87
CA PHE B 27 -14.81 22.35 41.32
C PHE B 27 -14.13 22.02 42.64
N ASP B 28 -12.86 22.41 42.77
CA ASP B 28 -12.12 22.20 44.00
C ASP B 28 -11.20 23.39 44.24
N SER B 29 -10.50 23.34 45.38
CA SER B 29 -9.55 24.39 45.75
C SER B 29 -8.12 23.90 45.85
N SER B 30 -7.90 22.58 45.86
CA SER B 30 -6.53 22.08 45.91
C SER B 30 -5.83 22.25 44.57
N LYS B 31 -6.56 22.01 43.48
CA LYS B 31 -5.94 22.02 42.16
C LYS B 31 -5.38 23.40 41.83
N ILE B 32 -6.11 24.47 42.16
CA ILE B 32 -5.62 25.81 41.90
C ILE B 32 -4.37 26.09 42.72
N TYR B 33 -4.39 25.68 44.00
CA TYR B 33 -3.19 25.84 44.83
C TYR B 33 -1.99 25.17 44.18
N GLU B 34 -2.16 23.92 43.74
CA GLU B 34 -1.04 23.23 43.12
C GLU B 34 -0.59 23.93 41.84
N ALA B 35 -1.55 24.50 41.10
CA ALA B 35 -1.21 25.24 39.89
C ALA B 35 -0.31 26.43 40.21
N ILE B 36 -0.71 27.24 41.21
CA ILE B 36 0.11 28.40 41.57
C ILE B 36 1.46 27.95 42.10
N LEU B 37 1.49 26.85 42.85
CA LEU B 37 2.76 26.37 43.40
C LEU B 37 3.72 26.01 42.28
N LYS B 38 3.23 25.28 41.28
CA LYS B 38 4.07 24.96 40.10
C LYS B 38 4.47 26.26 39.40
N ALA B 39 3.52 27.18 39.23
CA ALA B 39 3.82 28.49 38.58
C ALA B 39 4.94 29.20 39.34
N SER B 40 4.84 29.25 40.67
CA SER B 40 5.86 29.93 41.50
C SER B 40 7.19 29.19 41.42
N GLU B 41 7.16 27.86 41.51
CA GLU B 41 8.41 27.04 41.48
C GLU B 41 9.06 27.15 40.09
N THR B 42 8.28 27.52 39.06
CA THR B 42 8.82 27.58 37.69
C THR B 42 10.10 28.38 37.70
N ILE B 43 10.10 29.51 38.41
CA ILE B 43 11.32 30.41 38.45
C ILE B 43 11.76 30.55 39.92
N THR B 44 10.89 31.06 40.78
CA THR B 44 11.25 31.29 42.20
C THR B 44 11.37 29.96 42.91
N PRO B 45 12.22 29.79 43.95
CA PRO B 45 12.26 28.52 44.68
C PRO B 45 11.06 28.40 45.60
N ILE B 46 11.05 27.38 46.47
CA ILE B 46 9.88 27.15 47.36
C ILE B 46 9.63 28.43 48.16
N THR B 47 10.70 29.03 48.71
CA THR B 47 10.58 30.27 49.49
C THR B 47 9.44 30.13 50.47
N PRO B 48 9.60 29.41 51.60
CA PRO B 48 8.49 29.17 52.50
C PRO B 48 7.53 30.35 52.62
N LEU B 49 8.06 31.58 52.62
CA LEU B 49 7.11 32.73 52.65
C LEU B 49 6.13 32.64 51.48
N ILE B 50 6.65 32.51 50.25
CA ILE B 50 5.78 32.41 49.04
C ILE B 50 4.88 31.18 49.18
N GLU B 51 5.47 30.01 49.41
CA GLU B 51 4.70 28.75 49.55
C GLU B 51 3.50 29.02 50.48
N THR B 52 3.77 29.63 51.64
CA THR B 52 2.69 29.91 52.59
C THR B 52 1.82 31.03 52.10
N LYS B 53 2.40 32.07 51.47
CA LYS B 53 1.47 33.13 51.08
C LYS B 53 0.51 32.70 49.97
N LEU B 54 0.89 31.72 49.15
CA LEU B 54 0.05 31.34 48.02
C LEU B 54 -1.30 30.78 48.46
N GLU B 55 -1.36 30.17 49.64
CA GLU B 55 -2.65 29.78 50.17
C GLU B 55 -3.57 30.98 50.29
N GLY B 56 -3.01 32.13 50.66
CA GLY B 56 -3.82 33.32 50.85
C GLY B 56 -4.51 33.77 49.57
N ILE B 57 -3.76 33.88 48.48
CA ILE B 57 -4.40 34.38 47.27
C ILE B 57 -5.18 33.27 46.56
N ALA B 58 -4.87 31.99 46.83
CA ALA B 58 -5.75 30.93 46.37
C ALA B 58 -7.12 31.02 47.01
N ASN B 59 -7.15 31.20 48.33
CA ASN B 59 -8.42 31.38 49.03
C ASN B 59 -9.10 32.67 48.59
N ARG B 60 -8.32 33.71 48.29
CA ARG B 60 -8.91 34.93 47.74
C ARG B 60 -9.60 34.64 46.41
N VAL B 61 -8.97 33.83 45.57
CA VAL B 61 -9.54 33.51 44.25
C VAL B 61 -10.86 32.76 44.42
N VAL B 62 -10.86 31.74 45.29
CA VAL B 62 -12.10 30.98 45.46
C VAL B 62 -13.17 31.86 46.12
N ALA B 63 -12.76 32.76 47.02
CA ALA B 63 -13.72 33.71 47.58
C ALA B 63 -14.32 34.59 46.49
N GLU B 64 -13.49 35.08 45.58
CA GLU B 64 -13.99 35.88 44.47
C GLU B 64 -14.99 35.09 43.65
N ILE B 65 -14.70 33.81 43.37
CA ILE B 65 -15.58 33.07 42.47
C ILE B 65 -16.91 32.78 43.15
N ASN B 66 -16.92 32.40 44.43
CA ASN B 66 -18.20 32.03 45.02
C ASN B 66 -18.94 33.23 45.57
N ASP B 67 -18.33 34.42 45.57
CA ASP B 67 -19.07 35.62 45.92
C ASP B 67 -19.64 36.29 44.66
N ARG B 68 -18.82 36.39 43.61
CA ARG B 68 -19.29 37.02 42.37
C ARG B 68 -20.22 36.08 41.60
N PHE B 69 -19.70 34.95 41.13
CA PHE B 69 -20.50 34.01 40.38
C PHE B 69 -21.14 33.00 41.32
N SER B 70 -22.20 32.36 40.83
CA SER B 70 -22.93 31.47 41.72
C SER B 70 -23.20 30.10 41.14
N HIS B 71 -23.46 29.99 39.84
CA HIS B 71 -23.94 28.73 39.28
C HIS B 71 -22.98 28.08 38.28
N ASN B 72 -22.65 28.78 37.20
CA ASN B 72 -21.90 28.16 36.10
C ASN B 72 -20.75 29.09 35.73
N ILE B 73 -19.52 28.65 35.97
CA ILE B 73 -18.34 29.45 35.71
C ILE B 73 -17.60 28.84 34.53
N LYS B 74 -17.28 29.67 33.55
CA LYS B 74 -16.42 29.25 32.46
C LYS B 74 -14.96 29.47 32.83
N ILE B 75 -14.07 28.79 32.09
CA ILE B 75 -12.65 28.88 32.41
C ILE B 75 -12.13 30.29 32.19
N TYR B 76 -12.74 31.04 31.27
CA TYR B 76 -12.28 32.39 30.95
C TYR B 76 -12.21 33.26 32.19
N GLU B 77 -13.32 33.33 32.92
CA GLU B 77 -13.37 34.18 34.11
C GLU B 77 -12.45 33.66 35.20
N ILE B 78 -12.28 32.33 35.28
CA ILE B 78 -11.34 31.78 36.26
C ILE B 78 -9.92 32.28 35.97
N GLN B 79 -9.49 32.23 34.70
CA GLN B 79 -8.18 32.75 34.33
C GLN B 79 -8.07 34.23 34.67
N SER B 80 -9.09 35.01 34.26
CA SER B 80 -9.03 36.45 34.47
C SER B 80 -8.95 36.77 35.96
N ILE B 81 -9.76 36.09 36.78
CA ILE B 81 -9.77 36.35 38.21
C ILE B 81 -8.44 35.98 38.84
N VAL B 82 -7.88 34.83 38.47
CA VAL B 82 -6.64 34.44 39.12
C VAL B 82 -5.51 35.39 38.76
N GLU B 83 -5.41 35.81 37.49
CA GLU B 83 -4.34 36.74 37.16
C GLU B 83 -4.55 38.09 37.83
N HIS B 84 -5.79 38.59 37.81
CA HIS B 84 -6.08 39.89 38.41
C HIS B 84 -5.79 39.89 39.90
N GLU B 85 -6.13 38.81 40.59
CA GLU B 85 -5.91 38.76 42.02
C GLU B 85 -4.43 38.59 42.36
N LEU B 86 -3.72 37.75 41.63
CA LEU B 86 -2.33 37.51 41.98
C LEU B 86 -1.41 38.63 41.52
N LEU B 87 -1.86 39.48 40.59
CA LEU B 87 -1.06 40.64 40.20
C LEU B 87 -0.82 41.57 41.38
N GLU B 88 -1.85 41.82 42.18
CA GLU B 88 -1.76 42.75 43.31
C GLU B 88 -0.88 42.20 44.43
N ALA B 89 -0.42 40.97 44.33
CA ALA B 89 0.50 40.48 45.34
C ALA B 89 1.89 41.05 45.19
N ASN B 90 2.07 42.07 44.36
CA ASN B 90 3.40 42.63 44.08
C ASN B 90 4.36 41.52 43.69
N GLU B 91 3.85 40.60 42.86
CA GLU B 91 4.53 39.37 42.50
C GLU B 91 4.48 39.17 41.00
N TYR B 92 4.86 40.21 40.26
CA TYR B 92 4.82 40.16 38.80
C TYR B 92 5.65 39.02 38.24
N ALA B 93 6.67 38.55 38.98
CA ALA B 93 7.46 37.42 38.52
C ALA B 93 6.70 36.11 38.51
N ILE B 94 5.41 36.13 38.85
CA ILE B 94 4.56 34.95 38.83
C ILE B 94 3.50 35.05 37.73
N ALA B 95 2.80 36.18 37.66
CA ALA B 95 1.77 36.36 36.64
C ALA B 95 2.35 36.25 35.25
N GLN B 96 3.50 36.88 35.03
CA GLN B 96 4.12 36.80 33.72
C GLN B 96 4.43 35.35 33.36
N GLU B 97 4.91 34.56 34.32
CA GLU B 97 5.20 33.16 34.03
C GLU B 97 3.92 32.35 33.83
N TYR B 98 2.85 32.71 34.54
CA TYR B 98 1.56 32.04 34.32
C TYR B 98 1.08 32.25 32.89
N ILE B 99 1.09 33.50 32.43
CA ILE B 99 0.69 33.78 31.05
C ILE B 99 1.67 33.14 30.07
N ASN B 100 2.95 33.11 30.43
CA ASN B 100 3.95 32.48 29.59
C ASN B 100 3.63 31.00 29.36
N TYR B 101 3.36 30.27 30.44
CA TYR B 101 3.03 28.86 30.31
C TYR B 101 1.74 28.68 29.52
N ARG B 102 0.74 29.50 29.79
CA ARG B 102 -0.52 29.38 29.05
C ARG B 102 -0.30 29.54 27.55
N THR B 103 0.39 30.60 27.15
CA THR B 103 0.60 30.86 25.73
C THR B 103 1.47 29.79 25.10
N LYS B 104 2.54 29.37 25.78
CA LYS B 104 3.41 28.35 25.22
C LYS B 104 2.67 27.03 25.03
N ARG B 105 1.90 26.63 26.03
CA ARG B 105 1.14 25.38 25.82
C ARG B 105 0.21 25.58 24.62
N ASP B 106 -0.62 26.60 24.67
CA ASP B 106 -1.61 26.72 23.60
C ASP B 106 -0.94 26.69 22.23
N PHE B 107 0.20 27.37 22.10
CA PHE B 107 0.92 27.34 20.83
C PHE B 107 1.39 25.94 20.49
N GLU B 108 1.95 25.22 21.48
CA GLU B 108 2.49 23.90 21.21
C GLU B 108 1.39 22.89 20.91
N ARG B 109 0.23 23.09 21.54
CA ARG B 109 -0.93 22.18 21.30
C ARG B 109 -1.48 22.44 19.90
N SER B 110 -1.62 23.72 19.52
CA SER B 110 -2.18 24.04 18.23
C SER B 110 -1.18 23.94 17.09
N GLN B 111 0.11 23.80 17.39
CA GLN B 111 1.09 23.59 16.33
C GLN B 111 1.15 22.11 15.99
N ALA B 112 0.00 21.52 15.70
CA ALA B 112 -0.12 20.11 15.35
C ALA B 112 -0.87 19.96 14.02
N THR B 113 -0.47 20.75 13.04
CA THR B 113 -1.06 20.70 11.71
C THR B 113 -0.15 19.97 10.74
N ASP B 114 -0.71 19.69 9.56
CA ASP B 114 -0.05 18.86 8.56
C ASP B 114 1.20 19.49 7.98
N ILE B 115 1.57 20.67 8.46
CA ILE B 115 2.75 21.38 7.97
C ILE B 115 4.01 20.77 8.56
N ASN B 116 3.84 19.66 9.29
CA ASN B 116 4.96 19.03 9.99
C ASN B 116 6.05 18.68 8.99
N PHE B 117 7.30 18.92 9.39
CA PHE B 117 8.46 18.74 8.54
C PHE B 117 9.22 17.48 8.96
N THR B 118 9.59 16.68 7.97
CA THR B 118 10.49 15.54 8.16
C THR B 118 11.74 15.72 7.31
N ILE B 119 12.21 16.96 7.21
CA ILE B 119 13.38 17.28 6.40
C ILE B 119 14.47 17.88 7.28
N SER B 138 17.56 5.05 4.42
CA SER B 138 17.95 3.93 5.26
C SER B 138 16.75 3.06 5.61
N ASP B 139 15.55 3.57 5.32
CA ASP B 139 14.32 2.83 5.50
C ASP B 139 13.71 2.51 4.14
N LEU B 140 12.60 1.77 4.17
CA LEU B 140 11.98 1.32 2.94
C LEU B 140 11.38 2.52 2.18
N TYR B 141 10.77 2.22 1.04
CA TYR B 141 10.23 3.28 0.20
C TYR B 141 8.74 3.51 0.45
N ASN B 142 7.94 2.45 0.42
CA ASN B 142 6.52 2.59 0.71
C ASN B 142 6.29 3.03 2.15
N THR B 143 7.20 2.68 3.06
CA THR B 143 7.01 3.02 4.46
C THR B 143 7.03 4.53 4.66
N GLN B 144 7.87 5.25 3.92
CA GLN B 144 7.89 6.70 4.06
C GLN B 144 6.60 7.33 3.55
N ARG B 145 6.10 6.83 2.42
CA ARG B 145 4.85 7.36 1.88
C ARG B 145 3.70 7.11 2.84
N ASP B 146 3.61 5.91 3.39
CA ASP B 146 2.53 5.65 4.33
C ASP B 146 2.72 6.39 5.65
N LEU B 147 3.97 6.65 6.05
CA LEU B 147 4.21 7.47 7.23
C LEU B 147 3.70 8.89 7.02
N THR B 148 3.97 9.46 5.85
CA THR B 148 3.45 10.80 5.56
C THR B 148 1.92 10.79 5.51
N ALA B 149 1.33 9.76 4.90
CA ALA B 149 -0.12 9.66 4.88
C ALA B 149 -0.68 9.57 6.28
N GLY B 150 -0.04 8.79 7.15
CA GLY B 150 -0.48 8.69 8.52
C GLY B 150 -0.37 10.01 9.27
N ILE B 151 0.68 10.77 8.98
CA ILE B 151 0.84 12.08 9.63
C ILE B 151 -0.32 13.00 9.25
N VAL B 152 -0.62 13.05 7.95
CA VAL B 152 -1.70 13.93 7.52
C VAL B 152 -3.03 13.44 8.08
N GLY B 153 -3.22 12.13 8.15
CA GLY B 153 -4.44 11.60 8.73
C GLY B 153 -4.57 11.93 10.21
N LYS B 154 -3.46 11.86 10.94
CA LYS B 154 -3.49 12.21 12.35
C LYS B 154 -3.87 13.67 12.54
N SER B 155 -3.28 14.55 11.74
CA SER B 155 -3.64 15.97 11.84
C SER B 155 -5.13 16.18 11.58
N VAL B 156 -5.63 15.61 10.48
CA VAL B 156 -7.04 15.80 10.15
C VAL B 156 -7.94 15.23 11.23
N GLY B 157 -7.61 14.04 11.72
CA GLY B 157 -8.45 13.41 12.73
C GLY B 157 -8.50 14.21 14.03
N LEU B 158 -7.33 14.64 14.51
CA LEU B 158 -7.32 15.45 15.73
C LEU B 158 -8.06 16.75 15.53
N LYS B 159 -8.09 17.26 14.29
CA LYS B 159 -8.96 18.39 14.00
C LYS B 159 -10.43 17.98 13.95
N MET B 160 -10.71 16.70 13.78
CA MET B 160 -12.08 16.21 13.63
C MET B 160 -12.67 15.63 14.91
N LEU B 161 -11.84 15.26 15.88
CA LEU B 161 -12.32 14.60 17.09
C LEU B 161 -13.15 15.58 17.93
N PRO B 162 -14.07 15.06 18.74
CA PRO B 162 -14.76 15.92 19.70
C PRO B 162 -13.76 16.53 20.66
N PRO B 163 -14.09 17.69 21.24
CA PRO B 163 -13.05 18.47 21.94
C PRO B 163 -12.43 17.76 23.13
N HIS B 164 -13.24 17.31 24.10
CA HIS B 164 -12.67 16.84 25.36
C HIS B 164 -11.89 15.55 25.20
N VAL B 165 -12.39 14.62 24.39
CA VAL B 165 -11.65 13.38 24.17
C VAL B 165 -10.30 13.68 23.53
N ALA B 166 -10.29 14.56 22.52
CA ALA B 166 -9.04 14.91 21.86
C ALA B 166 -8.07 15.58 22.82
N ASN B 167 -8.58 16.50 23.66
CA ASN B 167 -7.72 17.14 24.64
C ASN B 167 -7.11 16.13 25.60
N ALA B 168 -7.95 15.23 26.12
CA ALA B 168 -7.46 14.22 27.05
C ALA B 168 -6.42 13.34 26.39
N HIS B 169 -6.64 12.97 25.13
CA HIS B 169 -5.64 12.18 24.41
C HIS B 169 -4.34 12.94 24.28
N GLN B 170 -4.42 14.24 23.99
CA GLN B 170 -3.21 15.03 23.85
C GLN B 170 -2.42 15.09 25.16
N LYS B 171 -3.11 15.27 26.28
CA LYS B 171 -2.40 15.20 27.54
C LYS B 171 -2.19 13.76 28.00
N GLY B 172 -2.65 12.78 27.23
CA GLY B 172 -2.40 11.40 27.57
C GLY B 172 -3.26 10.84 28.67
N ASP B 173 -4.39 11.49 28.98
CA ASP B 173 -5.27 10.94 30.01
C ASP B 173 -5.86 9.60 29.56
N ILE B 174 -6.30 9.53 28.31
CA ILE B 174 -6.68 8.27 27.67
C ILE B 174 -6.00 8.22 26.33
N HIS B 175 -5.57 7.03 25.93
CA HIS B 175 -4.85 6.85 24.68
C HIS B 175 -5.83 6.35 23.63
N PHE B 176 -6.18 7.24 22.71
CA PHE B 176 -7.00 6.78 21.57
C PHE B 176 -6.09 5.85 20.83
N HIS B 177 -6.64 5.06 19.93
CA HIS B 177 -5.88 4.04 19.23
C HIS B 177 -5.96 4.25 17.72
N ASP B 178 -4.79 4.18 17.07
CA ASP B 178 -4.68 4.22 15.63
C ASP B 178 -5.26 5.51 15.06
N LEU B 179 -4.69 6.63 15.52
CA LEU B 179 -5.04 7.92 14.96
C LEU B 179 -4.60 8.05 13.51
N ASP B 180 -3.68 7.20 13.06
CA ASP B 180 -3.20 7.26 11.68
C ASP B 180 -4.26 6.83 10.68
N TYR B 181 -5.28 6.10 11.14
CA TYR B 181 -6.31 5.60 10.24
C TYR B 181 -7.71 6.00 10.66
N SER B 182 -7.95 6.28 11.92
CA SER B 182 -9.27 6.62 12.43
C SER B 182 -9.17 7.84 13.33
N PRO B 183 -10.20 8.69 13.35
CA PRO B 183 -11.44 8.65 12.57
C PRO B 183 -11.36 9.47 11.30
N TYR B 184 -10.17 9.58 10.71
CA TYR B 184 -10.07 10.23 9.40
C TYR B 184 -10.89 9.46 8.37
N THR B 185 -10.80 8.14 8.39
CA THR B 185 -11.59 7.31 7.51
C THR B 185 -12.39 6.30 8.31
N PRO B 186 -13.55 5.89 7.82
CA PRO B 186 -14.38 4.95 8.60
C PRO B 186 -13.79 3.57 8.66
N MET B 187 -12.58 3.45 9.22
CA MET B 187 -11.91 2.17 9.29
C MET B 187 -12.54 1.27 10.35
N THR B 188 -12.15 0.00 10.33
CA THR B 188 -12.59 -0.98 11.32
C THR B 188 -11.36 -1.72 11.84
N ASN B 189 -11.28 -1.88 13.16
CA ASN B 189 -10.04 -2.35 13.77
C ASN B 189 -9.63 -3.74 13.31
N CYS B 190 -10.37 -4.77 13.73
CA CYS B 190 -9.97 -6.13 13.41
C CYS B 190 -11.21 -7.00 13.31
N CYS B 191 -11.24 -7.85 12.29
CA CYS B 191 -12.37 -8.73 12.04
C CYS B 191 -11.86 -10.15 11.84
N LEU B 192 -12.57 -11.11 12.41
CA LEU B 192 -12.26 -12.52 12.22
C LEU B 192 -13.07 -13.00 11.03
N ILE B 193 -12.39 -13.27 9.91
CA ILE B 193 -13.09 -13.53 8.66
C ILE B 193 -13.84 -14.85 8.76
N ASP B 194 -14.88 -14.98 7.94
CA ASP B 194 -15.67 -16.21 7.86
C ASP B 194 -15.27 -16.83 6.53
N PHE B 195 -14.23 -17.65 6.56
CA PHE B 195 -13.75 -18.28 5.34
C PHE B 195 -14.72 -19.35 4.84
N LYS B 196 -15.53 -19.92 5.72
CA LYS B 196 -16.50 -20.92 5.30
C LYS B 196 -17.47 -20.36 4.28
N GLY B 197 -18.00 -19.16 4.55
CA GLY B 197 -18.92 -18.55 3.60
C GLY B 197 -18.27 -18.26 2.27
N MET B 198 -17.06 -17.69 2.28
CA MET B 198 -16.26 -17.54 1.07
C MET B 198 -16.18 -18.82 0.26
N LEU B 199 -15.53 -19.82 0.84
CA LEU B 199 -15.23 -21.01 0.06
C LEU B 199 -16.47 -21.84 -0.24
N ALA B 200 -17.60 -21.55 0.39
CA ALA B 200 -18.82 -22.27 0.06
C ALA B 200 -19.64 -21.58 -1.03
N ASN B 201 -19.74 -20.24 -0.99
CA ASN B 201 -20.58 -19.52 -1.94
C ASN B 201 -19.81 -18.78 -3.02
N GLY B 202 -18.51 -18.57 -2.85
CA GLY B 202 -17.76 -17.77 -3.78
C GLY B 202 -17.93 -16.30 -3.50
N PHE B 203 -17.06 -15.50 -4.13
CA PHE B 203 -17.00 -14.08 -3.83
C PHE B 203 -16.43 -13.35 -5.05
N LYS B 204 -16.01 -12.11 -4.86
CA LYS B 204 -15.43 -11.31 -5.92
C LYS B 204 -14.19 -10.59 -5.38
N ILE B 205 -13.08 -10.72 -6.09
CA ILE B 205 -11.83 -10.10 -5.70
C ILE B 205 -11.30 -9.29 -6.88
N GLY B 206 -10.89 -8.06 -6.62
CA GLY B 206 -10.37 -7.20 -7.66
C GLY B 206 -11.34 -7.01 -8.82
N ASN B 207 -11.01 -7.62 -9.95
CA ASN B 207 -11.88 -7.55 -11.13
C ASN B 207 -12.70 -8.81 -11.35
N ALA B 208 -12.29 -9.94 -10.78
CA ALA B 208 -12.88 -11.23 -11.11
C ALA B 208 -13.61 -11.81 -9.91
N GLU B 209 -14.75 -12.48 -10.18
CA GLU B 209 -15.47 -13.21 -9.10
C GLU B 209 -14.84 -14.60 -9.00
N VAL B 210 -15.26 -15.41 -8.03
CA VAL B 210 -14.61 -16.74 -7.83
C VAL B 210 -15.71 -17.77 -7.53
N GLU B 211 -15.50 -19.04 -7.91
CA GLU B 211 -16.48 -20.09 -7.52
C GLU B 211 -15.76 -21.06 -6.57
N SER B 212 -16.50 -21.86 -5.80
CA SER B 212 -15.86 -22.73 -4.83
C SER B 212 -14.61 -23.36 -5.44
N PRO B 213 -13.55 -23.54 -4.65
CA PRO B 213 -12.35 -24.19 -5.17
C PRO B 213 -12.60 -25.65 -5.48
N LYS B 214 -11.78 -26.19 -6.39
CA LYS B 214 -11.83 -27.59 -6.75
C LYS B 214 -10.63 -28.36 -6.24
N SER B 215 -9.80 -27.75 -5.42
CA SER B 215 -8.63 -28.42 -4.84
C SER B 215 -8.31 -27.74 -3.51
N ILE B 216 -7.15 -28.06 -2.96
CA ILE B 216 -6.75 -27.48 -1.68
C ILE B 216 -5.68 -26.42 -1.92
N GLN B 217 -4.85 -26.61 -2.94
CA GLN B 217 -3.84 -25.61 -3.26
C GLN B 217 -4.50 -24.29 -3.67
N THR B 218 -5.49 -24.35 -4.54
CA THR B 218 -6.24 -23.15 -4.87
C THR B 218 -6.97 -22.59 -3.66
N ALA B 219 -7.45 -23.49 -2.79
CA ALA B 219 -8.15 -23.04 -1.59
C ALA B 219 -7.27 -22.17 -0.72
N THR B 220 -6.06 -22.66 -0.40
CA THR B 220 -5.18 -21.85 0.43
C THR B 220 -4.68 -20.62 -0.33
N ALA B 221 -4.52 -20.71 -1.65
CA ALA B 221 -4.11 -19.54 -2.41
C ALA B 221 -5.13 -18.42 -2.27
N GLN B 222 -6.40 -18.73 -2.46
CA GLN B 222 -7.41 -17.68 -2.37
C GLN B 222 -7.68 -17.27 -0.93
N ILE B 223 -7.41 -18.17 0.03
CA ILE B 223 -7.44 -17.75 1.43
C ILE B 223 -6.40 -16.66 1.67
N SER B 224 -5.20 -16.87 1.15
CA SER B 224 -4.15 -15.87 1.29
C SER B 224 -4.52 -14.56 0.59
N GLN B 225 -5.13 -14.66 -0.60
CA GLN B 225 -5.54 -13.46 -1.31
C GLN B 225 -6.60 -12.68 -0.53
N ILE B 226 -7.56 -13.39 0.06
CA ILE B 226 -8.59 -12.75 0.85
C ILE B 226 -7.96 -12.08 2.07
N ILE B 227 -6.99 -12.75 2.70
CA ILE B 227 -6.25 -12.14 3.79
C ILE B 227 -5.62 -10.84 3.33
N ALA B 228 -4.99 -10.86 2.15
CA ALA B 228 -4.34 -9.68 1.62
C ALA B 228 -5.33 -8.53 1.49
N ASN B 229 -6.45 -8.78 0.82
CA ASN B 229 -7.38 -7.68 0.56
C ASN B 229 -8.02 -7.17 1.85
N VAL B 230 -8.40 -8.08 2.75
CA VAL B 230 -9.01 -7.65 4.00
C VAL B 230 -8.03 -6.82 4.82
N ALA B 231 -6.78 -7.27 4.91
CA ALA B 231 -5.78 -6.52 5.65
C ALA B 231 -5.50 -5.17 4.99
N SER B 232 -5.63 -5.10 3.67
CA SER B 232 -5.52 -3.81 3.01
C SER B 232 -6.67 -2.89 3.39
N SER B 233 -7.87 -3.44 3.58
CA SER B 233 -9.06 -2.64 3.85
C SER B 233 -9.38 -2.51 5.34
N GLN B 234 -8.37 -2.54 6.20
CA GLN B 234 -8.55 -2.32 7.63
C GLN B 234 -7.16 -2.10 8.24
N TYR B 235 -7.11 -1.97 9.57
CA TYR B 235 -5.86 -1.64 10.22
C TYR B 235 -5.56 -2.57 11.40
N GLY B 236 -6.01 -3.81 11.35
CA GLY B 236 -5.76 -4.69 12.47
C GLY B 236 -5.51 -6.13 12.14
N GLY B 237 -6.08 -7.02 12.94
CA GLY B 237 -5.80 -8.43 12.81
C GLY B 237 -6.54 -9.10 11.68
N CYS B 238 -6.21 -10.38 11.48
CA CYS B 238 -6.86 -11.19 10.46
C CYS B 238 -6.71 -12.64 10.92
N THR B 239 -7.77 -13.20 11.47
CA THR B 239 -7.71 -14.50 12.12
C THR B 239 -8.54 -15.52 11.33
N ALA B 240 -7.91 -16.64 11.00
CA ALA B 240 -8.60 -17.77 10.40
C ALA B 240 -8.86 -18.80 11.49
N ASP B 241 -10.11 -18.88 11.94
CA ASP B 241 -10.49 -19.75 13.04
C ASP B 241 -10.91 -21.10 12.49
N ARG B 242 -10.48 -22.16 13.16
CA ARG B 242 -10.83 -23.54 12.81
C ARG B 242 -10.52 -23.82 11.33
N ILE B 243 -9.25 -23.65 10.98
CA ILE B 243 -8.85 -23.79 9.58
C ILE B 243 -9.06 -25.21 9.10
N ASP B 244 -8.80 -26.19 9.97
CA ASP B 244 -8.92 -27.59 9.57
C ASP B 244 -10.36 -27.95 9.24
N GLU B 245 -11.31 -27.47 10.03
CA GLU B 245 -12.69 -27.90 9.85
C GLU B 245 -13.24 -27.46 8.49
N PHE B 246 -12.92 -26.24 8.05
CA PHE B 246 -13.40 -25.80 6.75
C PHE B 246 -12.43 -26.11 5.62
N LEU B 247 -11.23 -26.59 5.92
CA LEU B 247 -10.34 -27.04 4.86
C LEU B 247 -10.43 -28.54 4.61
N ALA B 248 -11.11 -29.29 5.47
CA ALA B 248 -11.25 -30.73 5.25
C ALA B 248 -12.02 -31.08 3.98
N PRO B 249 -13.20 -30.49 3.69
CA PRO B 249 -13.94 -30.92 2.49
C PRO B 249 -13.17 -30.74 1.20
N TYR B 250 -12.36 -29.70 1.10
CA TYR B 250 -11.61 -29.48 -0.13
C TYR B 250 -10.45 -30.46 -0.26
N ALA B 251 -9.83 -30.83 0.85
CA ALA B 251 -8.87 -31.92 0.81
C ALA B 251 -9.55 -33.22 0.37
N GLU B 252 -10.79 -33.44 0.82
CA GLU B 252 -11.54 -34.60 0.38
C GLU B 252 -11.78 -34.57 -1.13
N LEU B 253 -12.11 -33.38 -1.65
CA LEU B 253 -12.29 -33.24 -3.10
C LEU B 253 -11.01 -33.57 -3.84
N ASN B 254 -9.87 -33.09 -3.33
CA ASN B 254 -8.59 -33.39 -3.96
C ASN B 254 -8.31 -34.88 -3.94
N TYR B 255 -8.59 -35.53 -2.81
CA TYR B 255 -8.37 -36.98 -2.71
C TYR B 255 -9.27 -37.73 -3.70
N LYS B 256 -10.52 -37.29 -3.85
CA LYS B 256 -11.41 -37.95 -4.80
C LYS B 256 -10.88 -37.81 -6.23
N LYS B 257 -10.40 -36.63 -6.60
CA LYS B 257 -9.84 -36.46 -7.93
C LYS B 257 -8.62 -37.34 -8.14
N HIS B 258 -7.73 -37.40 -7.13
CA HIS B 258 -6.54 -38.23 -7.25
C HIS B 258 -6.92 -39.71 -7.35
N LEU B 259 -7.96 -40.12 -6.63
CA LEU B 259 -8.41 -41.51 -6.70
C LEU B 259 -8.97 -41.84 -8.09
N ALA B 260 -9.74 -40.92 -8.67
CA ALA B 260 -10.23 -41.15 -10.03
C ALA B 260 -9.07 -41.27 -11.01
N ASP B 261 -8.08 -40.40 -10.88
CA ASP B 261 -6.90 -40.51 -11.74
C ASP B 261 -6.19 -41.84 -11.54
N ALA B 262 -6.07 -42.27 -10.28
CA ALA B 262 -5.41 -43.53 -9.99
C ALA B 262 -6.13 -44.70 -10.62
N LYS B 263 -7.45 -44.70 -10.54
CA LYS B 263 -8.23 -45.73 -11.23
C LYS B 263 -7.98 -45.69 -12.72
N GLU B 264 -7.81 -44.49 -13.27
CA GLU B 264 -7.55 -44.37 -14.70
C GLU B 264 -6.19 -44.95 -15.09
N TRP B 265 -5.17 -44.75 -14.26
CA TRP B 265 -3.81 -45.12 -14.65
C TRP B 265 -3.17 -46.20 -13.79
N VAL B 266 -3.15 -46.03 -12.47
CA VAL B 266 -2.37 -46.92 -11.61
C VAL B 266 -2.92 -48.34 -11.65
N THR B 267 -2.09 -49.29 -11.18
CA THR B 267 -2.41 -50.71 -11.21
C THR B 267 -3.64 -51.02 -10.37
N GLU B 268 -4.16 -52.24 -10.55
CA GLU B 268 -5.36 -52.67 -9.86
C GLU B 268 -5.08 -53.01 -8.39
N GLU B 269 -3.82 -53.20 -8.02
CA GLU B 269 -3.53 -53.72 -6.68
C GLU B 269 -3.45 -52.61 -5.63
N LYS B 270 -2.90 -51.45 -6.00
CA LYS B 270 -2.55 -50.44 -5.00
C LYS B 270 -3.00 -49.05 -5.41
N GLN B 271 -4.26 -48.93 -5.84
CA GLN B 271 -4.79 -47.61 -6.16
C GLN B 271 -4.88 -46.74 -4.91
N GLU B 272 -5.67 -47.18 -3.93
CA GLU B 272 -6.03 -46.33 -2.81
C GLU B 272 -4.80 -45.73 -2.14
N ASP B 273 -3.81 -46.57 -1.81
CA ASP B 273 -2.61 -46.09 -1.15
C ASP B 273 -2.02 -44.90 -1.91
N TYR B 274 -1.91 -45.03 -3.23
CA TYR B 274 -1.45 -43.94 -4.07
C TYR B 274 -2.08 -42.63 -3.66
N ALA B 275 -3.40 -42.56 -3.80
CA ALA B 275 -4.16 -41.39 -3.39
C ALA B 275 -3.66 -40.90 -2.05
N ARG B 276 -3.74 -41.77 -1.03
CA ARG B 276 -3.29 -41.41 0.31
C ARG B 276 -1.96 -40.68 0.25
N ALA B 277 -0.93 -41.36 -0.23
CA ALA B 277 0.40 -40.76 -0.25
C ALA B 277 0.35 -39.43 -1.00
N LYS B 278 -0.17 -39.45 -2.22
CA LYS B 278 -0.20 -38.22 -3.00
C LYS B 278 -1.00 -37.16 -2.28
N THR B 279 -2.16 -37.53 -1.73
CA THR B 279 -2.97 -36.56 -1.02
C THR B 279 -2.16 -35.91 0.07
N ARG B 280 -1.45 -36.71 0.86
CA ARG B 280 -0.65 -36.16 1.94
C ARG B 280 0.32 -35.13 1.40
N LYS B 281 1.04 -35.48 0.32
CA LYS B 281 1.98 -34.53 -0.26
C LYS B 281 1.27 -33.23 -0.63
N ASP B 282 0.12 -33.35 -1.29
CA ASP B 282 -0.61 -32.16 -1.69
C ASP B 282 -0.88 -31.28 -0.48
N ILE B 283 -1.35 -31.89 0.62
CA ILE B 283 -1.62 -31.11 1.83
C ILE B 283 -0.39 -30.30 2.19
N TYR B 284 0.75 -30.97 2.32
CA TYR B 284 1.98 -30.28 2.65
C TYR B 284 2.20 -29.13 1.69
N ASP B 285 2.16 -29.43 0.38
CA ASP B 285 2.40 -28.41 -0.62
C ASP B 285 1.51 -27.21 -0.37
N ALA B 286 0.20 -27.46 -0.19
CA ALA B 286 -0.73 -26.36 0.00
C ALA B 286 -0.29 -25.49 1.16
N MET B 287 -0.01 -26.11 2.30
CA MET B 287 0.35 -25.32 3.47
C MET B 287 1.64 -24.56 3.23
N GLN B 288 2.59 -25.19 2.54
CA GLN B 288 3.83 -24.49 2.24
C GLN B 288 3.53 -23.16 1.57
N SER B 289 2.64 -23.17 0.58
CA SER B 289 2.27 -21.95 -0.11
C SER B 289 1.81 -20.90 0.89
N LEU B 290 0.89 -21.27 1.78
CA LEU B 290 0.40 -20.32 2.77
C LEU B 290 1.55 -19.76 3.59
N GLU B 291 2.43 -20.63 4.08
CA GLU B 291 3.48 -20.20 4.96
C GLU B 291 4.43 -19.22 4.29
N TYR B 292 4.41 -19.16 2.96
CA TYR B 292 5.22 -18.18 2.25
C TYR B 292 4.40 -17.08 1.62
N GLU B 293 3.11 -17.27 1.41
CA GLU B 293 2.35 -16.25 0.70
C GLU B 293 2.08 -15.04 1.59
N ILE B 294 1.76 -15.28 2.86
CA ILE B 294 1.49 -14.18 3.78
C ILE B 294 2.73 -13.81 4.58
N ASN B 295 3.89 -14.35 4.23
CA ASN B 295 5.15 -13.90 4.79
C ASN B 295 5.84 -12.87 3.90
N THR B 296 5.49 -12.83 2.62
CA THR B 296 6.03 -11.86 1.68
C THR B 296 4.94 -10.91 1.21
N LEU B 297 4.16 -10.40 2.16
CA LEU B 297 2.96 -9.64 1.86
C LEU B 297 2.97 -8.33 2.64
N PHE B 298 3.04 -7.21 1.94
CA PHE B 298 3.05 -5.89 2.54
C PHE B 298 1.86 -5.09 2.04
N THR B 299 1.08 -4.54 2.96
CA THR B 299 -0.11 -3.77 2.63
C THR B 299 0.30 -2.36 2.21
N SER B 300 -0.68 -1.45 2.17
CA SER B 300 -0.36 -0.04 2.01
C SER B 300 0.64 0.41 3.07
N ASN B 301 0.47 -0.10 4.28
CA ASN B 301 1.51 0.04 5.29
C ASN B 301 2.65 -0.90 4.98
N GLY B 302 3.88 -0.41 5.15
CA GLY B 302 5.04 -1.26 4.95
C GLY B 302 5.12 -2.38 5.98
N GLN B 303 4.51 -2.17 7.15
CA GLN B 303 4.49 -3.20 8.16
C GLN B 303 3.58 -4.36 7.74
N THR B 304 4.05 -5.57 7.98
CA THR B 304 3.26 -6.75 7.65
C THR B 304 1.98 -6.74 8.48
N PRO B 305 0.81 -6.98 7.89
CA PRO B 305 -0.41 -7.01 8.67
C PRO B 305 -0.39 -8.16 9.67
N PHE B 306 -1.05 -7.96 10.79
CA PHE B 306 -1.06 -8.92 11.89
C PHE B 306 -2.11 -9.97 11.61
N THR B 307 -1.70 -11.23 11.52
CA THR B 307 -2.60 -12.32 11.17
C THR B 307 -2.47 -13.45 12.18
N SER B 308 -3.34 -14.45 12.03
CA SER B 308 -3.35 -15.57 12.96
C SER B 308 -4.12 -16.75 12.36
N LEU B 309 -3.70 -17.96 12.73
CA LEU B 309 -4.37 -19.19 12.32
C LEU B 309 -4.73 -20.00 13.56
N GLY B 310 -5.84 -20.71 13.48
CA GLY B 310 -6.27 -21.56 14.58
C GLY B 310 -6.72 -22.93 14.10
N PHE B 311 -6.45 -23.93 14.92
CA PHE B 311 -6.76 -25.31 14.58
C PHE B 311 -6.72 -26.14 15.85
N GLY B 312 -7.23 -27.37 15.75
CA GLY B 312 -7.19 -28.28 16.89
C GLY B 312 -8.45 -29.08 17.13
N LEU B 313 -9.43 -28.97 16.25
CA LEU B 313 -10.69 -29.68 16.38
C LEU B 313 -10.87 -30.72 15.27
N GLY B 314 -9.80 -31.45 14.97
CA GLY B 314 -9.84 -32.42 13.89
C GLY B 314 -10.21 -33.81 14.36
N THR B 315 -11.13 -34.44 13.65
CA THR B 315 -11.57 -35.79 13.95
C THR B 315 -11.13 -36.80 12.90
N ASN B 316 -11.46 -36.57 11.64
CA ASN B 316 -11.23 -37.55 10.59
C ASN B 316 -9.75 -37.54 10.19
N TRP B 317 -9.41 -38.26 9.13
CA TRP B 317 -8.02 -38.38 8.73
C TRP B 317 -7.50 -37.10 8.10
N PHE B 318 -8.34 -36.40 7.33
CA PHE B 318 -7.87 -35.25 6.58
C PHE B 318 -7.50 -34.10 7.50
N GLU B 319 -8.31 -33.83 8.51
CA GLU B 319 -7.98 -32.77 9.46
C GLU B 319 -6.69 -33.09 10.21
N ARG B 320 -6.51 -34.35 10.59
CA ARG B 320 -5.27 -34.77 11.24
C ARG B 320 -4.08 -34.49 10.33
N GLU B 321 -4.22 -34.86 9.06
CA GLU B 321 -3.11 -34.66 8.12
C GLU B 321 -2.82 -33.18 7.93
N ILE B 322 -3.86 -32.34 7.90
CA ILE B 322 -3.64 -30.92 7.67
C ILE B 322 -2.96 -30.28 8.88
N GLN B 323 -3.33 -30.71 10.09
CA GLN B 323 -2.64 -30.20 11.27
C GLN B 323 -1.19 -30.65 11.28
N LYS B 324 -0.94 -31.92 10.95
CA LYS B 324 0.42 -32.41 10.85
C LYS B 324 1.22 -31.59 9.86
N ALA B 325 0.62 -31.28 8.70
CA ALA B 325 1.32 -30.53 7.67
C ALA B 325 1.64 -29.11 8.15
N ILE B 326 0.68 -28.44 8.79
CA ILE B 326 0.93 -27.09 9.26
C ILE B 326 2.07 -27.08 10.26
N LEU B 327 2.04 -27.99 11.22
CA LEU B 327 3.10 -28.04 12.21
C LEU B 327 4.44 -28.35 11.57
N GLN B 328 4.45 -29.25 10.57
CA GLN B 328 5.70 -29.62 9.92
C GLN B 328 6.29 -28.44 9.15
N VAL B 329 5.46 -27.71 8.41
CA VAL B 329 6.02 -26.58 7.65
C VAL B 329 6.49 -25.51 8.62
N ARG B 330 5.83 -25.37 9.76
CA ARG B 330 6.31 -24.41 10.75
C ARG B 330 7.68 -24.81 11.29
N ILE B 331 7.83 -26.07 11.69
CA ILE B 331 9.09 -26.48 12.34
C ILE B 331 10.23 -26.46 11.33
N LEU B 332 9.95 -26.80 10.08
CA LEU B 332 11.02 -26.80 9.07
C LEU B 332 11.59 -25.40 8.87
N GLY B 333 10.80 -24.37 9.13
CA GLY B 333 11.29 -23.01 9.01
C GLY B 333 11.16 -22.46 7.61
N LEU B 334 11.72 -21.26 7.43
CA LEU B 334 11.69 -20.57 6.15
C LEU B 334 13.10 -20.33 5.64
N GLY B 335 13.24 -20.36 4.32
CA GLY B 335 14.47 -19.98 3.67
C GLY B 335 15.54 -21.05 3.72
N SER B 336 16.60 -20.81 2.96
CA SER B 336 17.73 -21.73 2.96
C SER B 336 18.52 -21.66 4.26
N GLU B 337 18.31 -20.62 5.06
CA GLU B 337 19.01 -20.46 6.32
C GLU B 337 18.20 -20.99 7.51
N HIS B 338 17.07 -21.63 7.25
CA HIS B 338 16.23 -22.23 8.29
C HIS B 338 15.87 -21.21 9.37
N ARG B 339 15.54 -20.00 8.94
CA ARG B 339 15.14 -18.95 9.85
C ARG B 339 13.71 -19.16 10.32
N THR B 340 13.46 -18.88 11.59
CA THR B 340 12.13 -19.05 12.15
C THR B 340 11.14 -18.05 11.54
N ALA B 341 9.88 -18.46 11.49
CA ALA B 341 8.83 -17.63 10.93
C ALA B 341 8.22 -16.73 12.01
N ILE B 342 7.68 -15.61 11.58
CA ILE B 342 7.05 -14.64 12.46
C ILE B 342 5.54 -14.66 12.34
N PHE B 343 5.03 -14.77 11.12
CA PHE B 343 3.60 -14.82 10.88
C PHE B 343 3.29 -16.02 10.00
N PRO B 344 2.07 -16.57 10.10
CA PRO B 344 0.94 -16.13 10.91
C PRO B 344 1.07 -16.51 12.38
N LYS B 345 0.36 -15.82 13.26
CA LYS B 345 0.21 -16.28 14.63
C LYS B 345 -0.45 -17.65 14.62
N LEU B 346 0.10 -18.58 15.40
CA LEU B 346 -0.41 -19.93 15.46
C LEU B 346 -0.96 -20.20 16.85
N ILE B 347 -2.17 -20.74 16.91
CA ILE B 347 -2.75 -21.22 18.15
C ILE B 347 -3.02 -22.71 17.98
N PHE B 348 -3.13 -23.40 19.11
CA PHE B 348 -3.40 -24.84 19.09
C PHE B 348 -4.40 -25.14 20.20
N THR B 349 -5.67 -25.20 19.85
CA THR B 349 -6.70 -25.47 20.83
C THR B 349 -6.52 -26.86 21.43
N LEU B 350 -6.76 -26.97 22.72
CA LEU B 350 -6.63 -28.23 23.45
C LEU B 350 -7.96 -28.58 24.07
N LYS B 351 -8.44 -29.80 23.81
CA LYS B 351 -9.73 -30.25 24.31
C LYS B 351 -9.56 -31.60 24.98
N ARG B 352 -9.99 -31.70 26.24
CA ARG B 352 -9.93 -32.96 26.96
C ARG B 352 -10.82 -33.99 26.28
N GLY B 353 -10.32 -35.20 26.17
CA GLY B 353 -11.03 -36.24 25.46
C GLY B 353 -10.80 -36.24 23.97
N LEU B 354 -10.07 -35.27 23.43
CA LEU B 354 -9.69 -35.27 22.03
C LEU B 354 -8.19 -35.20 21.83
N ASN B 355 -7.50 -34.28 22.50
CA ASN B 355 -6.05 -34.18 22.35
C ASN B 355 -5.33 -33.86 23.65
N LEU B 356 -5.85 -34.33 24.78
CA LEU B 356 -5.25 -33.99 26.07
C LEU B 356 -4.45 -35.11 26.72
N GLU B 357 -4.79 -36.38 26.44
CA GLU B 357 -4.21 -37.47 27.20
C GLU B 357 -3.64 -38.52 26.27
N PRO B 358 -2.67 -39.31 26.75
CA PRO B 358 -2.05 -40.33 25.88
C PRO B 358 -3.05 -41.34 25.33
N ASN B 359 -4.15 -41.59 26.03
CA ASN B 359 -5.13 -42.54 25.51
C ASN B 359 -5.93 -41.96 24.35
N SER B 360 -6.07 -40.65 24.31
CA SER B 360 -6.91 -40.03 23.28
C SER B 360 -6.26 -40.17 21.91
N PRO B 361 -7.07 -40.29 20.84
CA PRO B 361 -6.55 -40.53 19.49
C PRO B 361 -6.01 -39.28 18.78
N ASN B 362 -5.32 -38.44 19.52
CA ASN B 362 -4.62 -37.33 18.89
C ASN B 362 -3.27 -37.03 19.51
N TYR B 363 -2.74 -37.88 20.39
CA TYR B 363 -1.54 -37.54 21.14
C TYR B 363 -0.36 -37.26 20.23
N ASP B 364 -0.35 -37.85 19.02
CA ASP B 364 0.74 -37.56 18.09
C ASP B 364 0.72 -36.10 17.66
N ILE B 365 -0.48 -35.56 17.40
CA ILE B 365 -0.58 -34.15 17.01
C ILE B 365 -0.08 -33.25 18.13
N LYS B 366 -0.49 -33.53 19.36
CA LYS B 366 -0.02 -32.73 20.49
C LYS B 366 1.49 -32.85 20.66
N GLN B 367 2.04 -34.05 20.46
CA GLN B 367 3.48 -34.22 20.54
C GLN B 367 4.19 -33.37 19.50
N LEU B 368 3.68 -33.38 18.26
CA LEU B 368 4.30 -32.58 17.21
C LEU B 368 4.21 -31.09 17.53
N ALA B 369 3.04 -30.65 18.00
CA ALA B 369 2.88 -29.24 18.35
C ALA B 369 3.80 -28.85 19.50
N LEU B 370 3.98 -29.75 20.45
CA LEU B 370 4.86 -29.48 21.59
C LEU B 370 6.32 -29.41 21.17
N GLU B 371 6.74 -30.27 20.25
CA GLU B 371 8.08 -30.15 19.70
C GLU B 371 8.25 -28.81 18.98
N CYS B 372 7.24 -28.41 18.21
CA CYS B 372 7.29 -27.11 17.55
C CYS B 372 7.38 -25.99 18.57
N ALA B 373 6.66 -26.13 19.69
CA ALA B 373 6.71 -25.11 20.73
C ALA B 373 8.10 -25.00 21.34
N THR B 374 8.72 -26.14 21.63
CA THR B 374 10.04 -26.09 22.24
C THR B 374 11.11 -25.62 21.25
N LYS B 375 10.86 -25.74 19.95
CA LYS B 375 11.87 -25.26 19.00
C LYS B 375 11.67 -23.81 18.60
N ARG B 376 10.41 -23.43 18.33
CA ARG B 376 10.07 -22.04 17.91
C ARG B 376 8.98 -21.49 18.84
N MET B 377 8.95 -20.17 19.08
CA MET B 377 8.03 -19.57 20.05
C MET B 377 6.60 -19.62 19.55
N TYR B 378 6.09 -20.81 19.28
CA TYR B 378 4.75 -21.00 18.74
C TYR B 378 4.37 -22.46 18.86
N PRO B 379 3.08 -22.80 19.01
CA PRO B 379 1.91 -21.92 19.03
C PRO B 379 1.40 -21.63 20.42
N ASP B 380 0.30 -20.91 20.54
CA ASP B 380 -0.40 -20.77 21.81
C ASP B 380 -1.42 -21.88 21.97
N VAL B 381 -2.04 -21.95 23.14
CA VAL B 381 -3.02 -22.99 23.42
C VAL B 381 -4.34 -22.34 23.78
N LEU B 382 -5.42 -23.05 23.48
CA LEU B 382 -6.78 -22.63 23.79
C LEU B 382 -7.44 -23.74 24.58
N SER B 383 -7.69 -23.50 25.86
CA SER B 383 -8.36 -24.47 26.72
C SER B 383 -9.83 -24.54 26.32
N TYR B 384 -10.21 -25.58 25.57
CA TYR B 384 -11.54 -25.65 24.99
C TYR B 384 -12.62 -25.48 26.04
N ASP B 385 -12.57 -26.32 27.08
CA ASP B 385 -13.63 -26.33 28.08
C ASP B 385 -13.67 -25.03 28.87
N LYS B 386 -12.51 -24.60 29.40
CA LYS B 386 -12.50 -23.43 30.26
C LYS B 386 -12.75 -22.15 29.46
N ILE B 387 -12.24 -22.06 28.23
CA ILE B 387 -12.54 -20.90 27.41
C ILE B 387 -14.03 -20.84 27.09
N ILE B 388 -14.64 -21.99 26.81
CA ILE B 388 -16.08 -22.00 26.60
C ILE B 388 -16.81 -21.52 27.84
N GLU B 389 -16.39 -22.00 29.01
CA GLU B 389 -17.08 -21.65 30.25
C GLU B 389 -16.95 -20.16 30.56
N LEU B 390 -15.75 -19.60 30.39
CA LEU B 390 -15.47 -18.24 30.82
C LEU B 390 -15.85 -17.20 29.76
N THR B 391 -15.35 -17.39 28.54
CA THR B 391 -15.59 -16.41 27.48
C THR B 391 -17.07 -16.38 27.08
N GLY B 392 -17.71 -17.54 26.99
CA GLY B 392 -19.10 -17.60 26.59
C GLY B 392 -19.35 -18.65 25.53
N SER B 393 -18.37 -18.85 24.65
CA SER B 393 -18.37 -19.92 23.67
C SER B 393 -16.91 -20.19 23.31
N PHE B 394 -16.71 -20.87 22.19
CA PHE B 394 -15.33 -21.22 21.75
C PHE B 394 -14.97 -20.41 20.51
N LYS B 395 -14.16 -19.37 20.67
CA LYS B 395 -13.84 -18.49 19.53
C LYS B 395 -12.35 -18.16 19.54
N ALA B 396 -11.63 -18.52 18.49
CA ALA B 396 -10.17 -18.29 18.44
C ALA B 396 -9.87 -16.82 18.70
N PRO B 397 -8.74 -16.49 19.35
CA PRO B 397 -8.43 -15.11 19.65
C PRO B 397 -8.42 -14.30 18.37
N MET B 398 -9.43 -13.44 18.20
CA MET B 398 -9.45 -12.56 17.02
C MET B 398 -8.40 -11.48 17.20
N GLY B 399 -7.36 -11.50 16.38
CA GLY B 399 -6.36 -10.42 16.45
C GLY B 399 -5.38 -10.62 17.58
N CYS B 400 -4.64 -9.58 17.93
CA CYS B 400 -3.58 -9.74 18.96
C CYS B 400 -4.14 -10.51 20.17
N ARG B 401 -5.30 -10.12 20.72
CA ARG B 401 -5.73 -10.95 21.88
C ARG B 401 -7.24 -10.84 22.17
N SER B 402 -7.97 -10.06 21.38
CA SER B 402 -9.40 -9.79 21.70
C SER B 402 -10.31 -10.98 21.43
N PHE B 403 -10.81 -11.63 22.48
CA PHE B 403 -11.81 -12.70 22.31
C PHE B 403 -13.17 -12.04 22.25
N LEU B 404 -14.13 -12.64 21.57
CA LEU B 404 -15.46 -11.98 21.41
C LEU B 404 -16.44 -12.49 22.49
N GLN B 405 -17.74 -12.54 22.18
CA GLN B 405 -18.74 -13.08 23.14
C GLN B 405 -19.78 -13.88 22.37
N GLY B 406 -20.33 -14.94 22.96
CA GLY B 406 -21.29 -15.79 22.23
C GLY B 406 -22.47 -14.96 21.77
N TRP B 407 -23.06 -15.30 20.62
CA TRP B 407 -24.15 -14.43 20.10
C TRP B 407 -25.10 -15.25 19.24
N LYS B 408 -25.96 -16.07 19.84
CA LYS B 408 -26.86 -16.80 18.93
C LYS B 408 -27.54 -15.80 18.01
N ASP B 409 -27.69 -16.18 16.74
CA ASP B 409 -28.16 -15.26 15.72
C ASP B 409 -29.68 -15.12 15.79
N GLU B 410 -30.26 -14.47 14.78
CA GLU B 410 -31.72 -14.35 14.73
C GLU B 410 -32.38 -15.72 14.62
N ASN B 411 -31.84 -16.60 13.78
CA ASN B 411 -32.37 -17.94 13.64
C ASN B 411 -32.09 -18.81 14.84
N GLY B 412 -31.25 -18.36 15.76
CA GLY B 412 -30.92 -19.09 16.97
C GLY B 412 -29.62 -19.85 16.90
N VAL B 413 -29.09 -20.11 15.71
CA VAL B 413 -27.81 -20.80 15.59
C VAL B 413 -26.70 -19.84 15.96
N GLU B 414 -25.82 -20.27 16.85
CA GLU B 414 -24.68 -19.45 17.23
C GLU B 414 -23.77 -19.24 16.02
N VAL B 415 -23.34 -18.00 15.82
CA VAL B 415 -22.44 -17.65 14.74
C VAL B 415 -21.15 -17.14 15.35
N ASN B 416 -20.03 -17.75 14.97
CA ASN B 416 -18.73 -17.40 15.51
C ASN B 416 -17.77 -16.85 14.46
N SER B 417 -18.09 -16.98 13.18
CA SER B 417 -17.21 -16.52 12.11
C SER B 417 -17.92 -15.38 11.40
N GLY B 418 -17.25 -14.23 11.31
CA GLY B 418 -17.83 -13.04 10.73
C GLY B 418 -17.98 -11.88 11.68
N ARG B 419 -17.58 -12.01 12.93
CA ARG B 419 -17.64 -10.89 13.86
C ARG B 419 -16.47 -9.94 13.61
N MET B 420 -16.53 -8.78 14.26
CA MET B 420 -15.53 -7.75 14.07
C MET B 420 -15.22 -7.11 15.42
N ASN B 421 -14.55 -5.97 15.38
CA ASN B 421 -14.25 -5.22 16.59
C ASN B 421 -14.12 -3.75 16.19
N LEU B 422 -15.12 -2.95 16.55
CA LEU B 422 -15.22 -1.59 16.04
C LEU B 422 -14.10 -0.68 16.55
N GLY B 423 -13.36 -1.08 17.56
CA GLY B 423 -12.25 -0.29 18.02
C GLY B 423 -11.93 -0.53 19.48
N VAL B 424 -10.74 -0.08 19.88
CA VAL B 424 -10.32 -0.12 21.27
C VAL B 424 -9.69 1.22 21.60
N VAL B 425 -9.56 1.49 22.89
CA VAL B 425 -8.89 2.70 23.36
C VAL B 425 -8.42 2.50 24.80
N THR B 426 -7.15 2.79 25.05
CA THR B 426 -6.58 2.57 26.36
C THR B 426 -7.05 3.65 27.33
N LEU B 427 -7.40 3.25 28.53
CA LEU B 427 -7.73 4.19 29.60
C LEU B 427 -6.65 4.08 30.68
N ASN B 428 -6.03 5.21 31.01
CA ASN B 428 -4.89 5.22 31.91
C ASN B 428 -5.31 4.86 33.32
N LEU B 429 -4.88 3.70 33.81
CA LEU B 429 -5.08 3.34 35.21
C LEU B 429 -4.00 3.97 36.11
N PRO B 430 -2.71 3.82 35.79
CA PRO B 430 -1.67 4.30 36.70
C PRO B 430 -1.70 5.79 36.97
N ARG B 431 -2.03 6.63 35.98
CA ARG B 431 -2.13 8.05 36.28
C ARG B 431 -3.29 8.32 37.23
N ILE B 432 -4.39 7.61 37.05
CA ILE B 432 -5.51 7.74 37.98
C ILE B 432 -5.05 7.39 39.39
N ALA B 433 -4.24 6.35 39.53
CA ALA B 433 -3.76 5.97 40.85
C ALA B 433 -2.81 7.01 41.41
N LEU B 434 -1.82 7.41 40.63
CA LEU B 434 -0.74 8.25 41.14
C LEU B 434 -1.15 9.69 41.34
N GLU B 435 -2.25 10.13 40.70
CA GLU B 435 -2.79 11.45 40.98
C GLU B 435 -3.48 11.50 42.34
N SER B 436 -3.92 10.35 42.84
CA SER B 436 -4.64 10.32 44.10
C SER B 436 -3.72 10.61 45.28
N LYS B 437 -2.45 10.22 45.18
CA LYS B 437 -1.46 10.42 46.25
C LYS B 437 -1.92 9.73 47.54
N GLY B 438 -2.05 8.41 47.46
CA GLY B 438 -2.32 7.59 48.63
C GLY B 438 -3.67 7.79 49.28
N ASP B 439 -4.72 7.97 48.48
CA ASP B 439 -6.08 8.07 49.00
C ASP B 439 -6.99 7.25 48.11
N GLN B 440 -7.81 6.40 48.71
CA GLN B 440 -8.74 5.59 47.94
C GLN B 440 -9.95 6.40 47.50
N ASP B 441 -10.40 7.34 48.33
CA ASP B 441 -11.66 8.03 48.04
C ASP B 441 -11.55 8.89 46.78
N LYS B 442 -10.44 9.61 46.62
CA LYS B 442 -10.26 10.40 45.41
C LYS B 442 -10.19 9.51 44.19
N PHE B 443 -9.56 8.34 44.33
CA PHE B 443 -9.35 7.42 43.23
C PHE B 443 -10.66 7.14 42.50
N TRP B 444 -11.72 6.85 43.25
CA TRP B 444 -12.95 6.41 42.61
C TRP B 444 -13.64 7.54 41.86
N GLU B 445 -13.58 8.77 42.38
CA GLU B 445 -14.24 9.84 41.65
C GLU B 445 -13.48 10.21 40.39
N ILE B 446 -12.14 10.25 40.45
CA ILE B 446 -11.40 10.46 39.22
C ILE B 446 -11.65 9.31 38.24
N PHE B 447 -11.79 8.10 38.76
CA PHE B 447 -12.07 6.94 37.91
C PHE B 447 -13.41 7.12 37.20
N GLU B 448 -14.43 7.54 37.94
CA GLU B 448 -15.74 7.72 37.32
C GLU B 448 -15.70 8.81 36.25
N GLU B 449 -14.98 9.90 36.52
CA GLU B 449 -14.88 10.96 35.51
C GLU B 449 -14.17 10.46 34.26
N ARG B 450 -13.03 9.81 34.45
CA ARG B 450 -12.32 9.24 33.27
C ARG B 450 -13.33 8.35 32.52
N MET B 451 -13.98 7.42 33.22
CA MET B 451 -14.89 6.53 32.52
C MET B 451 -15.93 7.31 31.73
N GLY B 452 -16.36 8.46 32.25
CA GLY B 452 -17.25 9.31 31.47
C GLY B 452 -16.60 9.74 30.16
N ILE B 453 -15.36 10.19 30.23
CA ILE B 453 -14.65 10.58 29.01
C ILE B 453 -14.49 9.39 28.08
N ALA B 454 -14.15 8.23 28.63
CA ALA B 454 -13.99 7.04 27.80
C ALA B 454 -15.30 6.65 27.12
N LYS B 455 -16.42 6.77 27.83
CA LYS B 455 -17.72 6.51 27.25
C LYS B 455 -17.99 7.46 26.08
N ASP B 456 -17.69 8.74 26.26
CA ASP B 456 -17.88 9.69 25.18
C ASP B 456 -17.04 9.30 23.96
N ALA B 457 -15.78 8.94 24.19
CA ALA B 457 -14.90 8.55 23.09
C ALA B 457 -15.43 7.30 22.40
N LEU B 458 -15.87 6.31 23.17
CA LEU B 458 -16.41 5.09 22.60
C LEU B 458 -17.59 5.38 21.71
N VAL B 459 -18.52 6.19 22.20
CA VAL B 459 -19.73 6.51 21.45
C VAL B 459 -19.38 7.23 20.17
N TYR B 460 -18.44 8.19 20.24
CA TYR B 460 -18.06 8.89 19.02
C TYR B 460 -17.44 7.94 18.02
N ARG B 461 -16.58 7.02 18.48
CA ARG B 461 -15.93 6.11 17.54
C ARG B 461 -16.93 5.19 16.86
N VAL B 462 -17.86 4.62 17.63
CA VAL B 462 -18.82 3.71 17.01
C VAL B 462 -19.73 4.47 16.07
N GLU B 463 -20.13 5.69 16.44
CA GLU B 463 -20.97 6.48 15.57
C GLU B 463 -20.25 6.83 14.27
N ARG B 464 -18.96 7.17 14.35
CA ARG B 464 -18.20 7.46 13.14
C ARG B 464 -18.08 6.23 12.26
N VAL B 465 -17.82 5.07 12.87
CA VAL B 465 -17.72 3.84 12.08
C VAL B 465 -19.05 3.54 11.40
N LYS B 466 -20.16 3.83 12.08
CA LYS B 466 -21.50 3.56 11.55
C LYS B 466 -21.80 4.38 10.30
N GLU B 467 -20.86 5.20 9.86
CA GLU B 467 -21.03 6.05 8.69
C GLU B 467 -20.18 5.59 7.52
N ALA B 468 -20.09 4.28 7.33
CA ALA B 468 -19.31 3.70 6.23
C ALA B 468 -20.24 3.05 5.23
N THR B 469 -20.26 3.58 4.02
CA THR B 469 -21.10 2.99 2.98
C THR B 469 -20.58 1.60 2.62
N PRO B 470 -21.45 0.62 2.45
CA PRO B 470 -20.96 -0.73 2.06
C PRO B 470 -20.20 -0.72 0.76
N ALA B 471 -20.64 0.05 -0.23
CA ALA B 471 -19.95 0.10 -1.50
C ALA B 471 -18.55 0.68 -1.38
N ASN B 472 -18.26 1.36 -0.27
CA ASN B 472 -16.95 1.97 -0.11
C ASN B 472 -15.85 0.93 -0.10
N ALA B 473 -16.04 -0.17 0.64
CA ALA B 473 -15.06 -1.26 0.72
C ALA B 473 -15.79 -2.57 0.47
N PRO B 474 -16.03 -2.93 -0.79
CA PRO B 474 -16.87 -4.11 -1.08
C PRO B 474 -16.27 -5.42 -0.60
N ILE B 475 -14.96 -5.47 -0.35
CA ILE B 475 -14.36 -6.72 0.09
C ILE B 475 -14.92 -7.15 1.43
N LEU B 476 -15.21 -6.19 2.30
CA LEU B 476 -15.67 -6.51 3.65
C LEU B 476 -17.18 -6.67 3.76
N TYR B 477 -17.96 -5.90 2.99
CA TYR B 477 -19.40 -5.91 3.13
C TYR B 477 -20.10 -6.53 1.93
N GLN B 478 -19.85 -6.03 0.73
CA GLN B 478 -20.67 -6.37 -0.43
C GLN B 478 -20.55 -7.84 -0.83
N TYR B 479 -19.56 -8.56 -0.32
CA TYR B 479 -19.33 -9.93 -0.76
C TYR B 479 -19.09 -10.85 0.43
N GLY B 480 -19.79 -10.60 1.53
CA GLY B 480 -19.88 -11.55 2.63
C GLY B 480 -18.60 -11.85 3.38
N ALA B 481 -17.77 -10.84 3.66
CA ALA B 481 -16.63 -11.06 4.53
C ALA B 481 -17.05 -11.16 5.99
N PHE B 482 -18.10 -10.45 6.37
CA PHE B 482 -18.52 -10.41 7.76
C PHE B 482 -19.64 -11.39 8.05
N GLY B 483 -19.97 -12.25 7.09
CA GLY B 483 -20.97 -13.29 7.27
C GLY B 483 -22.24 -13.07 6.49
N GLN B 484 -22.53 -11.85 6.06
CA GLN B 484 -23.74 -11.56 5.31
C GLN B 484 -23.40 -10.66 4.14
N ARG B 485 -24.23 -10.74 3.11
CA ARG B 485 -24.05 -9.96 1.89
C ARG B 485 -25.12 -8.87 1.85
N LEU B 486 -24.68 -7.63 1.68
CA LEU B 486 -25.57 -6.47 1.69
C LEU B 486 -25.45 -5.72 0.37
N ARG B 487 -26.60 -5.30 -0.16
CA ARG B 487 -26.60 -4.56 -1.42
C ARG B 487 -26.01 -3.17 -1.22
N LYS B 488 -25.67 -2.52 -2.34
CA LYS B 488 -25.06 -1.20 -2.29
C LYS B 488 -25.98 -0.19 -1.61
N CYS B 489 -27.27 -0.22 -1.94
CA CYS B 489 -28.20 0.77 -1.39
C CYS B 489 -28.33 0.65 0.12
N ASP B 490 -28.13 -0.55 0.67
CA ASP B 490 -28.34 -0.76 2.09
C ASP B 490 -27.29 -0.02 2.90
N SER B 491 -27.54 0.07 4.20
CA SER B 491 -26.62 0.72 5.12
C SER B 491 -25.66 -0.33 5.70
N VAL B 492 -24.92 0.05 6.74
CA VAL B 492 -23.95 -0.84 7.37
C VAL B 492 -24.34 -1.18 8.80
N ASP B 493 -25.40 -0.59 9.34
CA ASP B 493 -25.79 -0.89 10.71
C ASP B 493 -26.28 -2.31 10.86
N GLN B 494 -26.95 -2.85 9.85
CA GLN B 494 -27.48 -4.21 9.91
C GLN B 494 -26.40 -5.24 10.18
N LEU B 495 -25.15 -4.93 9.81
CA LEU B 495 -24.07 -5.88 10.00
C LEU B 495 -23.64 -5.97 11.45
N PHE B 496 -23.74 -4.86 12.20
CA PHE B 496 -23.19 -4.84 13.60
C PHE B 496 -24.25 -4.64 14.68
N LYS B 497 -25.50 -4.32 14.34
CA LYS B 497 -26.52 -4.01 15.38
C LYS B 497 -26.78 -5.21 16.29
N HIS B 498 -27.62 -5.02 17.32
CA HIS B 498 -28.02 -6.15 18.21
C HIS B 498 -26.80 -6.87 18.76
N ARG B 499 -25.85 -6.13 19.32
CA ARG B 499 -24.68 -6.77 19.99
C ARG B 499 -24.01 -7.78 19.05
N ARG B 500 -23.98 -7.51 17.75
CA ARG B 500 -23.24 -8.42 16.84
C ARG B 500 -21.76 -8.01 16.82
N ALA B 501 -21.50 -6.70 16.87
CA ALA B 501 -20.09 -6.27 16.79
C ALA B 501 -19.58 -6.06 18.21
N THR B 502 -18.28 -5.81 18.37
CA THR B 502 -17.80 -5.52 19.72
C THR B 502 -16.97 -4.27 19.70
N VAL B 503 -17.02 -3.50 20.77
CA VAL B 503 -16.11 -2.33 20.87
C VAL B 503 -15.40 -2.56 22.16
N SER B 504 -14.12 -2.31 22.13
CA SER B 504 -13.54 -2.71 23.43
C SER B 504 -13.00 -1.49 24.17
N LEU B 505 -13.03 -1.51 25.50
CA LEU B 505 -12.37 -0.39 26.21
C LEU B 505 -11.14 -1.06 26.83
N GLY B 506 -10.03 -0.34 27.04
CA GLY B 506 -8.81 -1.04 27.50
C GLY B 506 -8.18 -0.48 28.75
N TYR B 507 -7.33 -1.29 29.42
CA TYR B 507 -6.64 -0.86 30.67
C TYR B 507 -5.20 -1.32 30.65
N ILE B 508 -4.38 -0.79 31.56
CA ILE B 508 -2.96 -1.23 31.67
C ILE B 508 -2.38 -0.71 33.00
N GLY B 509 -1.37 -1.37 33.55
CA GLY B 509 -0.68 -0.84 34.75
C GLY B 509 -1.13 -1.41 36.08
N LEU B 510 -2.12 -2.30 36.09
CA LEU B 510 -2.66 -2.79 37.38
C LEU B 510 -1.54 -2.94 38.42
N TYR B 511 -0.36 -3.43 38.04
CA TYR B 511 0.72 -3.67 38.99
C TYR B 511 1.22 -2.38 39.62
N GLU B 512 1.47 -1.36 38.80
CA GLU B 512 1.93 -0.08 39.34
C GLU B 512 0.87 0.59 40.20
N VAL B 513 -0.40 0.47 39.86
CA VAL B 513 -1.44 0.97 40.74
C VAL B 513 -1.33 0.32 42.11
N ALA B 514 -1.28 -1.01 42.14
CA ALA B 514 -1.21 -1.73 43.41
C ALA B 514 0.08 -1.42 44.16
N SER B 515 1.17 -1.18 43.43
CA SER B 515 2.44 -0.91 44.09
C SER B 515 2.45 0.47 44.72
N VAL B 516 1.98 1.49 43.99
CA VAL B 516 1.93 2.83 44.54
C VAL B 516 0.89 2.92 45.65
N PHE B 517 -0.05 1.99 45.70
CA PHE B 517 -1.06 2.06 46.75
C PHE B 517 -0.76 1.18 47.96
N TYR B 518 0.06 0.14 47.80
CA TYR B 518 0.28 -0.81 48.88
C TYR B 518 1.73 -1.28 49.00
N GLY B 519 2.68 -0.65 48.32
CA GLY B 519 4.06 -1.07 48.39
C GLY B 519 4.44 -2.00 47.26
N SER B 520 5.76 -2.11 47.05
CA SER B 520 6.27 -2.87 45.90
C SER B 520 5.92 -4.35 46.01
N ASP B 521 6.08 -4.93 47.19
CA ASP B 521 5.83 -6.36 47.40
C ASP B 521 4.43 -6.47 48.02
N TRP B 522 3.44 -6.67 47.16
CA TRP B 522 2.06 -6.73 47.60
C TRP B 522 1.37 -8.06 47.30
N GLU B 523 2.03 -8.97 46.59
CA GLU B 523 1.39 -10.21 46.22
C GLU B 523 1.20 -11.14 47.41
N THR B 524 2.08 -11.03 48.42
CA THR B 524 1.93 -11.85 49.61
C THR B 524 0.63 -11.53 50.35
N ASN B 525 0.32 -10.25 50.48
CA ASN B 525 -0.92 -9.87 51.17
C ASN B 525 -2.11 -10.13 50.26
N LEU B 526 -3.31 -9.99 50.84
CA LEU B 526 -4.54 -10.23 50.10
C LEU B 526 -5.37 -8.98 49.88
N GLU B 527 -5.23 -7.96 50.73
CA GLU B 527 -6.07 -6.77 50.58
C GLU B 527 -5.81 -6.07 49.26
N ALA B 528 -4.55 -5.95 48.86
CA ALA B 528 -4.23 -5.32 47.58
C ALA B 528 -4.81 -6.11 46.42
N LYS B 529 -4.73 -7.45 46.49
CA LYS B 529 -5.29 -8.27 45.41
C LYS B 529 -6.79 -8.08 45.33
N THR B 530 -7.47 -8.02 46.48
CA THR B 530 -8.90 -7.72 46.45
C THR B 530 -9.15 -6.34 45.88
N PHE B 531 -8.24 -5.40 46.10
CA PHE B 531 -8.38 -4.07 45.52
C PHE B 531 -8.34 -4.13 44.00
N THR B 532 -7.37 -4.86 43.45
CA THR B 532 -7.32 -5.01 41.99
C THR B 532 -8.55 -5.72 41.46
N LEU B 533 -9.00 -6.76 42.16
CA LEU B 533 -10.19 -7.48 41.73
C LEU B 533 -11.39 -6.54 41.71
N ASN B 534 -11.52 -5.70 42.73
CA ASN B 534 -12.66 -4.78 42.82
C ASN B 534 -12.61 -3.74 41.71
N ILE B 535 -11.42 -3.21 41.39
CA ILE B 535 -11.37 -2.17 40.37
C ILE B 535 -11.67 -2.77 39.00
N VAL B 536 -11.14 -3.96 38.72
CA VAL B 536 -11.49 -4.64 37.47
C VAL B 536 -12.98 -4.92 37.42
N LYS B 537 -13.58 -5.33 38.54
CA LYS B 537 -15.00 -5.61 38.57
C LYS B 537 -15.82 -4.35 38.31
N ALA B 538 -15.38 -3.22 38.85
CA ALA B 538 -16.08 -1.96 38.60
C ALA B 538 -16.02 -1.62 37.12
N MET B 539 -14.85 -1.81 36.50
CA MET B 539 -14.74 -1.59 35.06
C MET B 539 -15.72 -2.48 34.31
N LYS B 540 -15.75 -3.76 34.65
CA LYS B 540 -16.63 -4.70 33.96
C LYS B 540 -18.09 -4.31 34.11
N ASN B 541 -18.48 -3.89 35.31
CA ASN B 541 -19.86 -3.46 35.53
C ASN B 541 -20.19 -2.25 34.68
N ALA B 542 -19.25 -1.30 34.58
CA ALA B 542 -19.49 -0.15 33.72
C ALA B 542 -19.69 -0.57 32.27
N CYS B 543 -18.86 -1.49 31.78
CA CYS B 543 -19.04 -1.96 30.41
C CYS B 543 -20.38 -2.67 30.24
N GLU B 544 -20.81 -3.41 31.25
CA GLU B 544 -22.10 -4.08 31.15
C GLU B 544 -23.24 -3.08 31.04
N SER B 545 -23.20 -2.03 31.86
CA SER B 545 -24.24 -1.00 31.77
C SER B 545 -24.22 -0.33 30.40
N TRP B 546 -23.02 0.01 29.91
CA TRP B 546 -22.93 0.65 28.60
C TRP B 546 -23.49 -0.26 27.51
N SER B 547 -23.16 -1.54 27.56
CA SER B 547 -23.64 -2.48 26.55
C SER B 547 -25.15 -2.58 26.58
N ASP B 548 -25.73 -2.65 27.78
CA ASP B 548 -27.19 -2.70 27.86
C ASP B 548 -27.83 -1.42 27.37
N GLU B 549 -27.11 -0.29 27.47
CA GLU B 549 -27.73 0.97 27.05
C GLU B 549 -27.67 1.13 25.53
N TYR B 550 -26.48 1.04 24.92
CA TYR B 550 -26.25 1.39 23.53
C TYR B 550 -26.46 0.24 22.55
N ASP B 551 -26.76 -0.97 23.06
CA ASP B 551 -27.04 -2.17 22.26
C ASP B 551 -25.80 -2.73 21.57
N TYR B 552 -24.64 -2.07 21.68
CA TYR B 552 -23.39 -2.63 21.21
C TYR B 552 -22.63 -3.23 22.39
N HIS B 553 -21.94 -4.33 22.14
CA HIS B 553 -21.24 -5.00 23.23
C HIS B 553 -19.97 -4.27 23.59
N PHE B 554 -19.80 -3.98 24.87
CA PHE B 554 -18.62 -3.29 25.40
C PHE B 554 -17.94 -4.21 26.39
N SER B 555 -16.64 -4.45 26.21
CA SER B 555 -15.92 -5.36 27.07
C SER B 555 -14.58 -4.76 27.48
N VAL B 556 -14.25 -4.92 28.76
CA VAL B 556 -12.92 -4.55 29.23
C VAL B 556 -11.89 -5.47 28.59
N TYR B 557 -10.82 -4.88 28.07
CA TYR B 557 -9.90 -5.60 27.19
C TYR B 557 -8.47 -5.18 27.50
N SER B 558 -7.62 -6.16 27.78
CA SER B 558 -6.23 -5.90 28.14
C SER B 558 -5.47 -5.51 26.89
N THR B 559 -5.28 -4.22 26.69
CA THR B 559 -4.64 -3.73 25.47
C THR B 559 -3.17 -4.13 25.45
N PRO B 560 -2.68 -4.68 24.35
CA PRO B 560 -1.25 -4.99 24.26
C PRO B 560 -0.43 -3.72 24.10
N SER B 561 0.83 -3.81 24.50
CA SER B 561 1.76 -2.69 24.42
C SER B 561 2.68 -2.91 23.23
N GLU B 562 2.21 -2.52 22.05
CA GLU B 562 3.07 -2.60 20.87
C GLU B 562 4.20 -1.58 20.97
N SER B 563 3.86 -0.30 20.96
CA SER B 563 4.79 0.77 21.29
C SER B 563 4.13 1.87 22.10
N LEU B 564 2.85 1.72 22.47
CA LEU B 564 2.17 2.78 23.19
C LEU B 564 2.73 2.93 24.60
N THR B 565 3.32 1.88 25.16
CA THR B 565 3.85 1.97 26.52
C THR B 565 4.95 3.00 26.62
N ASP B 566 5.72 3.21 25.55
CA ASP B 566 6.79 4.20 25.60
C ASP B 566 6.22 5.61 25.69
N ARG B 567 5.24 5.91 24.84
CA ARG B 567 4.61 7.23 24.91
C ARG B 567 3.93 7.43 26.25
N PHE B 568 3.27 6.39 26.74
CA PHE B 568 2.61 6.47 28.04
C PHE B 568 3.60 6.81 29.14
N CYS B 569 4.69 6.06 29.22
CA CYS B 569 5.70 6.31 30.24
C CYS B 569 6.33 7.67 30.08
N ARG B 570 6.66 8.06 28.85
CA ARG B 570 7.34 9.33 28.64
C ARG B 570 6.46 10.50 29.07
N LEU B 571 5.18 10.48 28.68
CA LEU B 571 4.29 11.54 29.11
C LEU B 571 4.13 11.53 30.63
N ASP B 572 4.05 10.33 31.22
CA ASP B 572 3.87 10.25 32.67
C ASP B 572 5.08 10.82 33.41
N THR B 573 6.30 10.53 32.94
CA THR B 573 7.45 11.08 33.66
C THR B 573 7.63 12.55 33.38
N GLU B 574 7.21 13.03 32.21
CA GLU B 574 7.23 14.46 31.96
C GLU B 574 6.28 15.19 32.90
N LYS B 575 5.13 14.58 33.20
CA LYS B 575 4.13 15.28 34.00
C LYS B 575 4.39 15.13 35.50
N PHE B 576 4.74 13.93 35.96
CA PHE B 576 4.82 13.64 37.39
C PHE B 576 6.25 13.42 37.87
N GLY B 577 7.25 13.75 37.05
CA GLY B 577 8.61 13.57 37.50
C GLY B 577 9.00 12.09 37.54
N VAL B 578 9.95 11.78 38.41
CA VAL B 578 10.48 10.43 38.57
C VAL B 578 10.09 9.93 39.95
N VAL B 579 9.45 8.76 39.99
CA VAL B 579 8.97 8.17 41.24
C VAL B 579 9.43 6.73 41.31
N THR B 580 9.41 6.18 42.51
CA THR B 580 9.99 4.86 42.75
C THR B 580 9.10 3.75 42.19
N ASP B 581 9.68 2.91 41.35
CA ASP B 581 9.14 1.60 40.98
C ASP B 581 7.96 1.78 40.02
N ILE B 582 7.51 3.01 39.82
CA ILE B 582 6.36 3.23 38.94
C ILE B 582 6.80 3.76 37.58
N THR B 583 7.85 4.58 37.53
CA THR B 583 8.31 5.15 36.27
C THR B 583 9.79 5.03 36.02
N ASP B 584 10.60 4.70 37.03
CA ASP B 584 12.05 4.62 36.84
C ASP B 584 12.45 3.49 35.90
N LYS B 585 11.54 2.57 35.60
CA LYS B 585 11.81 1.49 34.67
C LYS B 585 11.58 1.89 33.21
N GLU B 586 11.14 3.11 32.96
CA GLU B 586 10.95 3.64 31.61
C GLU B 586 9.96 2.82 30.80
N TYR B 587 9.07 2.09 31.47
CA TYR B 587 8.03 1.33 30.78
C TYR B 587 6.93 1.06 31.79
N TYR B 588 5.79 0.61 31.28
CA TYR B 588 4.63 0.27 32.10
C TYR B 588 4.30 -1.19 31.91
N THR B 589 4.14 -1.91 33.01
CA THR B 589 3.83 -3.34 32.96
C THR B 589 2.55 -3.56 32.18
N ASN B 590 2.60 -4.46 31.21
CA ASN B 590 1.46 -4.68 30.33
C ASN B 590 0.30 -5.27 31.12
N SER B 591 -0.88 -4.66 30.95
CA SER B 591 -2.13 -5.18 31.49
C SER B 591 -2.03 -5.49 32.97
N PHE B 592 -2.18 -6.77 33.31
CA PHE B 592 -2.25 -7.22 34.69
C PHE B 592 -1.22 -8.27 35.03
N HIS B 593 -0.22 -8.47 34.17
CA HIS B 593 0.72 -9.57 34.39
C HIS B 593 1.61 -9.30 35.60
N TYR B 594 2.19 -10.38 36.11
CA TYR B 594 3.13 -10.27 37.20
C TYR B 594 4.29 -9.37 36.80
N ASP B 595 4.96 -8.79 37.79
CA ASP B 595 6.11 -7.96 37.51
C ASP B 595 7.22 -8.80 36.91
N VAL B 596 7.66 -8.41 35.71
CA VAL B 596 8.67 -9.18 35.00
C VAL B 596 9.99 -9.23 35.76
N ARG B 597 10.23 -8.29 36.67
CA ARG B 597 11.45 -8.33 37.46
C ARG B 597 11.46 -9.50 38.44
N LYS B 598 10.31 -10.04 38.80
CA LYS B 598 10.23 -11.15 39.72
C LYS B 598 10.24 -12.47 38.97
N ASN B 599 10.73 -13.51 39.65
CA ASN B 599 10.94 -14.82 39.03
C ASN B 599 10.24 -15.89 39.86
N PRO B 600 8.92 -15.98 39.76
CA PRO B 600 8.20 -17.09 40.39
C PRO B 600 8.03 -18.25 39.43
N THR B 601 7.71 -19.41 40.01
CA THR B 601 7.45 -20.58 39.19
C THR B 601 6.20 -20.36 38.36
N PRO B 602 6.13 -20.95 37.17
CA PRO B 602 4.93 -20.77 36.33
C PRO B 602 3.65 -21.24 37.02
N PHE B 603 3.72 -22.32 37.78
CA PHE B 603 2.52 -22.88 38.41
C PHE B 603 1.83 -21.83 39.27
N GLU B 604 2.57 -21.20 40.18
CA GLU B 604 1.97 -20.17 41.01
C GLU B 604 1.58 -18.95 40.20
N LYS B 605 2.27 -18.68 39.08
CA LYS B 605 1.86 -17.58 38.23
C LYS B 605 0.43 -17.78 37.73
N LEU B 606 0.16 -18.94 37.12
CA LEU B 606 -1.20 -19.17 36.65
C LEU B 606 -2.17 -19.25 37.82
N GLU B 607 -1.75 -19.82 38.95
CA GLU B 607 -2.64 -19.90 40.10
C GLU B 607 -3.07 -18.51 40.56
N PHE B 608 -2.13 -17.55 40.54
CA PHE B 608 -2.41 -16.19 40.96
C PHE B 608 -3.17 -15.41 39.92
N GLU B 609 -2.94 -15.66 38.64
CA GLU B 609 -3.59 -14.90 37.59
C GLU B 609 -4.93 -15.48 37.15
N LYS B 610 -5.30 -16.67 37.63
CA LYS B 610 -6.49 -17.34 37.12
C LYS B 610 -7.77 -16.55 37.40
N ASP B 611 -7.77 -15.61 38.34
CA ASP B 611 -8.99 -14.93 38.71
C ASP B 611 -9.16 -13.56 38.05
N TYR B 612 -8.09 -12.97 37.52
CA TYR B 612 -8.20 -11.65 36.93
C TYR B 612 -9.17 -11.60 35.75
N PRO B 613 -9.06 -12.48 34.73
CA PRO B 613 -10.08 -12.46 33.68
C PRO B 613 -11.34 -13.23 34.05
N GLU B 614 -11.26 -14.11 35.04
CA GLU B 614 -12.45 -14.82 35.49
C GLU B 614 -13.46 -13.87 36.10
N ALA B 615 -12.98 -12.85 36.81
CA ALA B 615 -13.88 -11.93 37.51
C ALA B 615 -14.80 -11.17 36.57
N GLY B 616 -14.44 -11.06 35.30
CA GLY B 616 -15.27 -10.33 34.36
C GLY B 616 -14.47 -9.55 33.34
N ALA B 617 -13.14 -9.68 33.39
CA ALA B 617 -12.29 -9.03 32.36
C ALA B 617 -11.90 -10.07 31.31
N THR B 618 -12.87 -10.58 30.54
CA THR B 618 -12.58 -11.66 29.56
C THR B 618 -12.38 -11.09 28.17
N GLY B 619 -12.33 -9.77 28.02
CA GLY B 619 -12.24 -9.16 26.68
C GLY B 619 -11.04 -9.68 25.92
N GLY B 620 -9.85 -9.66 26.54
CA GLY B 620 -8.63 -10.20 25.91
C GLY B 620 -7.60 -10.52 26.96
N PHE B 621 -6.88 -11.65 26.82
CA PHE B 621 -5.93 -12.05 27.89
C PHE B 621 -4.77 -12.84 27.29
N ILE B 622 -3.60 -12.80 27.92
CA ILE B 622 -2.50 -13.68 27.42
C ILE B 622 -1.51 -13.88 28.57
N HIS B 623 -1.28 -15.14 28.95
CA HIS B 623 -0.39 -15.40 30.11
C HIS B 623 0.92 -16.00 29.59
N TYR B 624 2.04 -15.34 29.85
CA TYR B 624 3.34 -15.84 29.33
C TYR B 624 4.13 -16.47 30.46
N CYS B 625 4.46 -17.75 30.36
CA CYS B 625 5.33 -18.38 31.39
C CYS B 625 6.74 -18.48 30.80
N GLU B 626 7.75 -17.92 31.47
CA GLU B 626 9.11 -17.90 30.86
C GLU B 626 9.83 -19.23 31.09
N TYR B 627 10.49 -19.74 30.05
CA TYR B 627 11.22 -21.00 30.11
C TYR B 627 12.70 -20.77 29.86
N PRO B 628 13.55 -21.72 30.24
CA PRO B 628 14.88 -21.79 29.65
C PRO B 628 14.83 -22.65 28.40
N VAL B 629 15.99 -22.92 27.79
CA VAL B 629 16.01 -23.69 26.54
C VAL B 629 15.66 -25.14 26.88
N LEU B 630 14.48 -25.55 26.39
CA LEU B 630 13.96 -26.92 26.70
C LEU B 630 13.89 -27.76 25.42
N GLN B 631 14.71 -27.46 24.42
CA GLN B 631 14.59 -28.22 23.14
C GLN B 631 14.81 -29.71 23.44
N GLN B 632 15.69 -30.02 24.39
CA GLN B 632 15.99 -31.43 24.73
C GLN B 632 15.02 -31.92 25.82
N ASN B 633 14.32 -31.00 26.49
CA ASN B 633 13.37 -31.39 27.56
C ASN B 633 12.05 -30.61 27.38
N PRO B 634 11.24 -30.92 26.35
CA PRO B 634 9.95 -30.26 26.18
C PRO B 634 8.90 -30.86 27.10
N LYS B 635 9.27 -31.91 27.84
CA LYS B 635 8.32 -32.55 28.78
C LYS B 635 7.88 -31.55 29.85
N ALA B 636 8.78 -30.65 30.27
CA ALA B 636 8.42 -29.61 31.27
C ALA B 636 7.34 -28.71 30.68
N LEU B 637 7.51 -28.31 29.42
CA LEU B 637 6.49 -27.47 28.75
C LEU B 637 5.17 -28.25 28.72
N GLU B 638 5.22 -29.54 28.41
CA GLU B 638 4.00 -30.37 28.39
C GLU B 638 3.31 -30.31 29.75
N ALA B 639 4.06 -30.52 30.83
CA ALA B 639 3.49 -30.49 32.20
C ALA B 639 2.83 -29.13 32.44
N VAL B 640 3.54 -28.04 32.11
CA VAL B 640 2.99 -26.68 32.38
C VAL B 640 1.66 -26.54 31.61
N TRP B 641 1.63 -26.94 30.34
CA TRP B 641 0.41 -26.81 29.51
C TRP B 641 -0.74 -27.61 30.13
N ASP B 642 -0.45 -28.85 30.57
CA ASP B 642 -1.50 -29.71 31.17
C ASP B 642 -2.05 -29.04 32.42
N PHE B 643 -1.18 -28.74 33.40
CA PHE B 643 -1.63 -28.09 34.62
C PHE B 643 -2.43 -26.82 34.32
N ALA B 644 -2.13 -26.14 33.22
CA ALA B 644 -2.77 -24.88 32.91
C ALA B 644 -4.11 -25.04 32.24
N TYR B 645 -4.56 -26.26 31.98
CA TYR B 645 -5.84 -26.46 31.31
C TYR B 645 -6.99 -25.93 32.15
N ASP B 646 -7.03 -26.27 33.43
CA ASP B 646 -8.16 -25.90 34.28
C ASP B 646 -8.01 -24.54 34.94
N ARG B 647 -6.86 -23.89 34.82
CA ARG B 647 -6.64 -22.63 35.53
C ARG B 647 -7.04 -21.43 34.67
N VAL B 648 -6.40 -21.26 33.52
CA VAL B 648 -6.68 -20.14 32.64
C VAL B 648 -6.50 -20.58 31.20
N GLY B 649 -7.26 -19.97 30.30
CA GLY B 649 -7.31 -20.44 28.93
C GLY B 649 -6.05 -20.20 28.12
N TYR B 650 -5.77 -18.94 27.81
CA TYR B 650 -4.65 -18.61 26.95
C TYR B 650 -3.32 -18.95 27.63
N LEU B 651 -2.31 -19.22 26.80
CA LEU B 651 -0.99 -19.55 27.33
C LEU B 651 0.05 -19.32 26.24
N GLY B 652 1.06 -18.51 26.55
CA GLY B 652 2.15 -18.24 25.63
C GLY B 652 3.45 -18.73 26.22
N THR B 653 4.41 -19.00 25.34
CA THR B 653 5.70 -19.56 25.74
C THR B 653 6.83 -18.66 25.26
N ASN B 654 7.81 -18.45 26.12
CA ASN B 654 8.99 -17.66 25.80
C ASN B 654 10.21 -18.56 25.93
N THR B 655 10.52 -19.30 24.88
CA THR B 655 11.76 -20.04 25.00
C THR B 655 12.88 -19.32 24.25
N PRO B 656 14.10 -19.30 24.77
CA PRO B 656 15.18 -18.65 24.04
C PRO B 656 15.56 -19.44 22.79
N ILE B 657 15.23 -18.90 21.62
CA ILE B 657 15.45 -19.57 20.34
C ILE B 657 16.30 -18.74 19.40
N ASP B 658 16.87 -17.62 19.82
CA ASP B 658 17.63 -16.82 18.83
C ASP B 658 18.88 -17.58 18.35
N LYS B 659 19.53 -17.11 17.28
CA LYS B 659 20.74 -17.81 16.74
C LYS B 659 21.67 -16.85 15.97
N CYS B 660 22.99 -17.04 16.05
CA CYS B 660 24.00 -16.19 15.37
C CYS B 660 24.58 -17.01 14.21
N TYR B 661 24.36 -16.59 12.96
CA TYR B 661 24.76 -17.45 11.81
C TYR B 661 26.27 -17.45 11.60
N LYS B 662 26.96 -16.36 11.92
CA LYS B 662 28.41 -16.30 11.63
C LYS B 662 29.17 -17.27 12.54
N CYS B 663 28.98 -17.18 13.86
CA CYS B 663 29.76 -18.01 14.81
C CYS B 663 28.97 -19.29 15.14
N ASP B 664 27.77 -19.42 14.59
CA ASP B 664 26.92 -20.63 14.81
C ASP B 664 26.66 -20.79 16.31
N PHE B 665 25.67 -20.06 16.84
CA PHE B 665 25.28 -20.22 18.27
C PHE B 665 23.79 -20.20 18.34
N GLU B 666 23.22 -20.96 19.27
CA GLU B 666 21.74 -20.90 19.46
C GLU B 666 21.47 -20.66 20.95
N GLY B 667 20.35 -20.02 21.26
CA GLY B 667 20.00 -19.83 22.68
C GLY B 667 19.42 -18.45 22.91
N ASP B 668 19.99 -17.73 23.88
CA ASP B 668 19.50 -16.36 24.18
C ASP B 668 20.61 -15.33 23.95
N PHE B 669 20.24 -14.10 23.64
CA PHE B 669 21.15 -13.00 23.40
C PHE B 669 21.12 -12.02 24.56
N THR B 670 22.29 -11.56 24.96
CA THR B 670 22.37 -10.56 26.02
C THR B 670 21.93 -9.21 25.48
N PRO B 671 20.90 -8.59 26.06
CA PRO B 671 20.52 -7.24 25.61
C PRO B 671 21.59 -6.23 25.96
N THR B 672 21.54 -5.11 25.22
CA THR B 672 22.50 -4.01 25.41
C THR B 672 21.76 -2.73 25.67
N GLU B 673 22.02 -1.67 24.90
CA GLU B 673 21.40 -0.35 25.17
C GLU B 673 20.28 -0.05 24.16
N ARG B 674 20.47 -0.42 22.89
CA ARG B 674 19.46 -0.11 21.85
C ARG B 674 19.51 -1.22 20.77
N GLY B 675 19.64 -2.47 21.20
CA GLY B 675 19.66 -3.60 20.25
C GLY B 675 20.05 -4.89 20.93
N PHE B 676 20.57 -5.86 20.18
CA PHE B 676 21.03 -7.14 20.77
C PHE B 676 22.39 -7.50 20.19
N MET B 677 22.99 -8.60 20.65
CA MET B 677 24.33 -9.05 20.19
C MET B 677 24.58 -10.46 20.75
N CYS B 678 25.31 -11.29 20.03
CA CYS B 678 25.47 -12.68 20.54
C CYS B 678 26.60 -12.68 21.57
N PRO B 679 26.40 -13.28 22.76
CA PRO B 679 27.41 -13.22 23.80
C PRO B 679 28.80 -13.63 23.34
N ASN B 680 28.92 -14.57 22.40
CA ASN B 680 30.27 -15.07 21.99
C ASN B 680 31.04 -14.02 21.21
N CYS B 681 30.45 -13.46 20.14
CA CYS B 681 31.20 -12.50 19.28
C CYS B 681 30.67 -11.07 19.47
N GLY B 682 29.55 -10.74 18.83
CA GLY B 682 28.93 -9.40 18.97
C GLY B 682 28.29 -8.96 17.68
N ASN B 683 28.25 -9.82 16.67
CA ASN B 683 27.59 -9.48 15.39
C ASN B 683 26.17 -8.98 15.71
N THR B 684 25.79 -7.83 15.17
CA THR B 684 24.43 -7.30 15.40
C THR B 684 23.75 -7.08 14.08
N ASP B 685 24.45 -7.26 12.97
CA ASP B 685 23.76 -6.94 11.73
C ASP B 685 22.64 -7.95 11.44
N PRO B 686 21.41 -7.48 11.18
CA PRO B 686 20.30 -8.42 10.99
C PRO B 686 20.47 -9.33 9.80
N LYS B 687 21.38 -8.99 8.88
CA LYS B 687 21.62 -9.83 7.72
C LYS B 687 22.11 -11.22 8.10
N THR B 688 22.63 -11.40 9.31
CA THR B 688 23.22 -12.67 9.71
C THR B 688 22.78 -13.20 11.07
N VAL B 689 22.03 -12.43 11.86
CA VAL B 689 21.58 -12.88 13.16
C VAL B 689 20.05 -12.78 13.20
N ASP B 690 19.40 -13.85 13.62
CA ASP B 690 17.95 -13.92 13.70
C ASP B 690 17.56 -13.96 15.17
N VAL B 691 17.03 -12.86 15.67
CA VAL B 691 16.45 -12.80 17.01
C VAL B 691 15.00 -12.39 16.88
N VAL B 692 14.15 -13.03 17.68
CA VAL B 692 12.72 -12.75 17.69
C VAL B 692 12.26 -12.68 19.14
N LYS B 693 11.59 -11.60 19.50
CA LYS B 693 11.11 -11.41 20.85
C LYS B 693 9.63 -11.11 20.84
N ARG B 694 8.94 -11.57 21.89
CA ARG B 694 7.49 -11.37 22.00
C ARG B 694 7.21 -9.93 22.41
N THR B 695 7.45 -9.02 21.47
CA THR B 695 7.33 -7.59 21.76
C THR B 695 5.88 -7.18 21.99
N CYS B 696 5.02 -7.39 21.01
CA CYS B 696 3.60 -7.17 21.14
C CYS B 696 2.97 -8.48 21.62
N GLY B 697 1.64 -8.57 21.52
CA GLY B 697 1.01 -9.87 21.63
C GLY B 697 1.53 -10.82 20.56
N TYR B 698 1.93 -10.27 19.42
CA TYR B 698 2.62 -11.02 18.38
C TYR B 698 4.12 -10.73 18.46
N LEU B 699 4.93 -11.78 18.29
CA LEU B 699 6.37 -11.59 18.33
C LEU B 699 6.84 -10.80 17.12
N GLY B 700 8.05 -10.25 17.23
CA GLY B 700 8.62 -9.46 16.18
C GLY B 700 10.13 -9.58 16.17
N ASN B 701 10.74 -8.97 15.16
CA ASN B 701 12.19 -9.00 15.02
C ASN B 701 12.76 -7.68 15.51
N PRO B 702 13.42 -7.65 16.66
CA PRO B 702 14.00 -6.39 17.12
C PRO B 702 15.38 -6.13 16.52
N GLN B 703 15.54 -6.42 15.24
CA GLN B 703 16.80 -6.08 14.58
C GLN B 703 16.59 -5.31 13.30
N ALA B 704 15.57 -5.63 12.52
CA ALA B 704 15.29 -4.91 11.29
C ALA B 704 14.30 -3.79 11.49
N ARG B 705 13.54 -3.80 12.58
CA ARG B 705 12.55 -2.77 12.88
C ARG B 705 12.83 -2.31 14.30
N PRO B 706 13.78 -1.40 14.49
CA PRO B 706 14.06 -0.90 15.84
C PRO B 706 12.85 -0.19 16.43
N MET B 707 12.30 -0.79 17.48
CA MET B 707 11.11 -0.23 18.12
C MET B 707 11.52 0.89 19.06
N VAL B 708 10.58 1.31 19.91
CA VAL B 708 10.79 2.39 20.86
C VAL B 708 11.74 1.95 21.96
N LYS B 709 12.25 2.92 22.72
CA LYS B 709 13.16 2.62 23.81
C LYS B 709 12.47 1.84 24.92
N GLY B 710 11.19 2.12 25.16
CA GLY B 710 10.50 1.49 26.27
C GLY B 710 10.41 -0.02 26.14
N ARG B 711 10.02 -0.48 24.95
CA ARG B 711 9.94 -1.92 24.73
C ARG B 711 11.31 -2.57 24.86
N HIS B 712 12.35 -1.87 24.38
CA HIS B 712 13.71 -2.38 24.51
C HIS B 712 14.07 -2.59 25.98
N LYS B 713 13.82 -1.57 26.81
CA LYS B 713 14.14 -1.69 28.22
C LYS B 713 13.32 -2.79 28.88
N GLU B 714 12.04 -2.89 28.54
CA GLU B 714 11.19 -3.90 29.16
C GLU B 714 11.67 -5.30 28.78
N ILE B 715 12.04 -5.51 27.52
CA ILE B 715 12.55 -6.81 27.10
C ILE B 715 13.85 -7.12 27.85
N SER B 716 14.72 -6.13 28.00
CA SER B 716 15.96 -6.36 28.72
C SER B 716 15.70 -6.75 30.17
N ALA B 717 14.60 -6.28 30.72
CA ALA B 717 14.31 -6.55 32.15
C ALA B 717 13.66 -7.92 32.36
N ARG B 718 13.05 -8.51 31.34
CA ARG B 718 12.34 -9.81 31.54
C ARG B 718 13.28 -10.79 32.24
N VAL B 719 12.78 -11.53 33.24
CA VAL B 719 13.67 -12.44 34.02
C VAL B 719 13.20 -13.88 33.83
N LYS B 720 14.15 -14.80 33.67
CA LYS B 720 13.82 -16.23 33.44
C LYS B 720 12.86 -16.70 34.54
N HIS B 721 11.88 -17.54 34.19
CA HIS B 721 10.89 -17.99 35.19
C HIS B 721 11.03 -19.49 35.46
N MET B 722 12.16 -20.09 35.04
CA MET B 722 12.37 -21.49 35.39
C MET B 722 13.85 -21.78 35.23
N ASN B 723 14.50 -22.11 36.34
CA ASN B 723 15.95 -22.23 36.34
C ASN B 723 16.40 -23.33 35.40
N GLY B 724 17.50 -23.08 34.70
CA GLY B 724 18.03 -24.04 33.76
C GLY B 724 19.04 -23.39 32.85
N SER B 725 19.67 -24.23 32.03
CA SER B 725 20.68 -23.76 31.10
C SER B 725 20.04 -22.95 29.99
N THR B 726 20.79 -21.98 29.47
CA THR B 726 20.32 -21.13 28.39
C THR B 726 21.18 -21.23 27.14
N ILE B 727 22.50 -21.12 27.27
CA ILE B 727 23.38 -21.21 26.11
C ILE B 727 23.38 -22.63 25.57
N LYS B 728 23.26 -22.75 24.25
CA LYS B 728 23.23 -24.07 23.59
C LYS B 728 24.57 -24.45 23.00
N TYR B 729 25.16 -23.60 22.16
CA TYR B 729 26.45 -23.89 21.56
C TYR B 729 27.14 -22.58 21.23
N GLY B 730 28.19 -22.24 21.98
CA GLY B 730 28.96 -21.05 21.71
C GLY B 730 29.73 -21.15 20.40
PG ATP C . 6.62 34.12 -20.41
O1G ATP C . 6.27 32.72 -20.80
O2G ATP C . 6.60 34.35 -18.93
O3G ATP C . 7.90 34.61 -21.06
PB ATP C . 5.28 36.65 -20.92
O1B ATP C . 6.18 37.17 -19.86
O2B ATP C . 5.35 37.20 -22.30
O3B ATP C . 5.45 35.06 -20.99
PA ATP C . 3.16 36.27 -18.99
O1A ATP C . 3.63 37.19 -17.92
O2A ATP C . 3.44 34.81 -18.84
O3A ATP C . 3.77 36.75 -20.39
O5' ATP C . 1.59 36.49 -19.25
C5' ATP C . 1.11 37.74 -19.82
C4' ATP C . 1.13 38.82 -18.77
O4' ATP C . 0.24 39.90 -19.15
C3' ATP C . 0.64 38.43 -17.37
O3' ATP C . 1.61 37.72 -16.63
C2' ATP C . 0.36 39.82 -16.79
O2' ATP C . 1.56 40.46 -16.41
C1' ATP C . -0.27 40.52 -17.99
N9 ATP C . -1.73 40.45 -18.02
C8 ATP C . -2.59 41.33 -17.42
N7 ATP C . -3.84 41.02 -17.61
C5 ATP C . -3.81 39.87 -18.39
C6 ATP C . -4.82 39.05 -18.92
N6 ATP C . -6.12 39.27 -18.75
N1 ATP C . -4.43 37.98 -19.64
C2 ATP C . -3.12 37.75 -19.81
N3 ATP C . -2.08 38.46 -19.35
C4 ATP C . -2.51 39.50 -18.64
PG ATP D . 7.09 33.93 -15.02
O1G ATP D . 8.29 33.30 -15.66
O2G ATP D . 5.98 34.21 -16.02
O3G ATP D . 6.59 33.20 -13.81
PB ATP D . 8.12 36.63 -15.30
O1B ATP D . 9.53 36.92 -14.91
O2B ATP D . 7.79 36.43 -16.74
O3B ATP D . 7.59 35.36 -14.50
PA ATP D . 5.70 38.12 -15.24
O1A ATP D . 5.01 38.98 -14.22
O2A ATP D . 5.05 36.85 -15.67
O3A ATP D . 7.17 37.76 -14.72
O5' ATP D . 6.08 39.00 -16.52
C5' ATP D . 6.91 40.16 -16.26
C4' ATP D . 6.97 41.03 -17.48
O4' ATP D . 8.00 40.56 -18.38
C3' ATP D . 5.75 41.03 -18.40
O3' ATP D . 4.70 41.85 -17.88
C2' ATP D . 6.32 41.58 -19.71
O2' ATP D . 6.17 42.98 -19.81
C1' ATP D . 7.81 41.22 -19.61
N9 ATP D . 8.24 40.34 -20.68
C8 ATP D . 7.44 39.54 -21.45
N7 ATP D . 8.13 38.86 -22.34
C5 ATP D . 9.45 39.22 -22.13
C6 ATP D . 10.66 38.85 -22.74
N6 ATP D . 10.73 37.98 -23.75
N1 ATP D . 11.79 39.42 -22.27
C2 ATP D . 11.71 40.29 -21.27
N3 ATP D . 10.63 40.72 -20.62
C4 ATP D . 9.52 40.14 -21.10
MG MG E . 5.91 35.71 -17.63
MG MG F . -7.75 -25.08 -11.88
PA TTP G . 9.69 -26.04 -3.21
O1A TTP G . 8.28 -26.34 -2.83
O2A TTP G . 10.17 -26.50 -4.55
O3A TTP G . 10.67 -26.62 -2.08
PB TTP G . 10.62 -27.95 -1.21
O1B TTP G . 11.87 -28.05 -0.42
O2B TTP G . 9.30 -28.02 -0.53
O3B TTP G . 10.65 -29.08 -2.34
PG TTP G . 9.46 -29.97 -2.99
O1G TTP G . 10.14 -30.94 -3.91
O2G TTP G . 8.58 -29.00 -3.73
O3G TTP G . 8.77 -30.64 -1.85
O5' TTP G . 9.96 -24.48 -3.04
C5' TTP G . 11.28 -24.01 -3.45
C4' TTP G . 11.49 -22.60 -2.96
O4' TTP G . 10.33 -21.79 -3.30
C3' TTP G . 11.71 -22.46 -1.45
O3' TTP G . 12.92 -21.75 -1.24
C2' TTP G . 10.53 -21.64 -0.97
C1' TTP G . 10.13 -20.89 -2.23
N1 TTP G . 8.74 -20.48 -2.27
C2 TTP G . 8.54 -19.13 -2.33
O2 TTP G . 9.50 -18.36 -2.35
N3 TTP G . 7.22 -18.75 -2.36
C4 TTP G . 6.11 -19.57 -2.34
O4 TTP G . 4.98 -19.09 -2.37
C5 TTP G . 6.40 -20.99 -2.27
C5M TTP G . 5.26 -21.96 -2.23
C6 TTP G . 7.69 -21.37 -2.24
PA TTP H . -9.63 -24.32 -9.06
O1A TTP H . -8.27 -24.35 -9.68
O2A TTP H . -9.81 -24.99 -7.72
O3A TTP H . -10.66 -24.96 -10.07
PB TTP H . -10.69 -25.23 -11.61
O1B TTP H . -9.56 -24.62 -12.31
O2B TTP H . -12.07 -24.94 -12.08
O3B TTP H . -10.46 -26.81 -11.66
PG TTP H . -9.25 -27.83 -11.47
O1G TTP H . -9.12 -28.62 -12.78
O2G TTP H . -9.59 -28.68 -10.26
O3G TTP H . -8.08 -26.97 -11.23
O5' TTP H . -10.15 -22.86 -8.98
C5' TTP H . -11.40 -22.61 -8.51
C4' TTP H . -11.25 -21.23 -8.51
O4' TTP H . -10.17 -20.67 -7.74
C3' TTP H . -11.54 -20.46 -9.77
O3' TTP H . -12.80 -19.82 -9.54
C2' TTP H . -10.35 -19.50 -9.81
C1' TTP H . -9.93 -19.41 -8.34
N1 TTP H . -8.50 -19.05 -8.16
C2 TTP H . -8.32 -17.83 -7.50
O2 TTP H . -9.27 -17.14 -7.15
N3 TTP H . -7.04 -17.39 -7.28
C4 TTP H . -5.93 -18.14 -7.60
O4 TTP H . -4.82 -17.68 -7.35
C5 TTP H . -6.14 -19.45 -8.26
C5M TTP H . -4.96 -20.28 -8.66
C6 TTP H . -7.42 -19.83 -8.48
PG ATP I . -6.65 19.88 34.43
O1G ATP I . -6.53 18.38 34.36
O2G ATP I . -6.53 20.54 33.04
O3G ATP I . -7.87 20.33 35.22
PB ATP I . -5.22 21.80 36.02
O1B ATP I . -6.02 22.67 35.12
O2B ATP I . -5.40 22.01 37.52
O3B ATP I . -5.32 20.36 35.32
PA ATP I . -3.01 22.14 34.01
O1A ATP I . -3.55 22.94 32.93
O2A ATP I . -2.95 20.70 33.59
O3A ATP I . -3.71 22.04 35.48
O5' ATP I . -1.52 22.58 34.36
C5' ATP I . -1.17 23.30 35.58
C4' ATP I . -1.15 24.76 35.25
O4' ATP I . -0.25 25.49 36.13
C3' ATP I . -0.70 25.15 33.85
O3' ATP I . -1.72 24.98 32.88
C2' ATP I . -0.38 26.62 34.09
O2' ATP I . -1.55 27.39 34.12
C1' ATP I . 0.31 26.61 35.48
N9 ATP I . 1.73 26.55 35.46
C8 ATP I . 2.57 27.63 35.38
N7 ATP I . 3.84 27.30 35.36
C5 ATP I . 3.81 25.90 35.45
C6 ATP I . 4.83 24.96 35.55
N6 ATP I . 6.12 25.25 35.42
N1 ATP I . 4.50 23.65 35.49
C2 ATP I . 3.20 23.36 35.65
N3 ATP I . 2.14 24.16 35.59
C4 ATP I . 2.53 25.44 35.51
PG ATP J . -7.09 22.40 29.59
O1G ATP J . -8.27 21.46 29.68
O2G ATP J . -6.04 22.08 30.59
O3G ATP J . -6.55 22.42 28.19
PB ATP J . -8.15 24.49 31.14
O1B ATP J . -9.56 24.91 30.90
O2B ATP J . -7.84 23.54 32.24
O3B ATP J . -7.56 23.91 29.77
PA ATP J . -5.72 25.78 31.86
O1A ATP J . -5.09 27.07 31.45
O2A ATP J . -5.09 24.51 31.41
O3A ATP J . -7.25 25.79 31.36
O5' ATP J . -5.92 25.77 33.45
C5' ATP J . -6.81 26.83 33.75
C4' ATP J . -6.87 27.20 35.20
O4' ATP J . -7.90 26.38 35.76
C3' ATP J . -5.67 26.82 36.03
O3' ATP J . -4.64 27.81 35.94
C2' ATP J . -6.32 26.75 37.43
O2' ATP J . -6.21 27.97 38.15
C1' ATP J . -7.78 26.44 37.15
N9 ATP J . -8.19 25.16 37.66
C8 ATP J . -7.44 24.07 37.92
N7 ATP J . -8.17 23.07 38.36
C5 ATP J . -9.47 23.53 38.38
C6 ATP J . -10.71 22.96 38.75
N6 ATP J . -10.87 21.71 39.20
N1 ATP J . -11.80 23.75 38.62
C2 ATP J . -11.64 25.01 38.16
N3 ATP J . -10.52 25.64 37.79
C4 ATP J . -9.47 24.83 37.94
MG MG K . -5.92 22.62 32.70
MG MG L . 7.67 -27.77 -1.61
ZN ZN M . 28.09 -14.64 17.46
#